data_5WAE
#
_entry.id   5WAE
#
_cell.length_a   88.790
_cell.length_b   81.045
_cell.length_c   105.058
_cell.angle_alpha   90.00
_cell.angle_beta   113.45
_cell.angle_gamma   90.00
#
_symmetry.space_group_name_H-M   'P 1 21 1'
#
loop_
_entity.id
_entity.type
_entity.pdbx_description
1 polymer Beta-lactamase
2 non-polymer '3-(5,7,7-trihydroxy-2,2,7-trioxo-6-oxa-2lambda~6~-thia-3-aza-7lambda~5~-phospha-5-boraheptan-1-yl)benzoic acid'
3 water water
#
_entity_poly.entity_id   1
_entity_poly.type   'polypeptide(L)'
_entity_poly.pdbx_seq_one_letter_code
;MDNTPKDQEIKKLVDQNFKPLLEKYDVPGMAVGVIQNNKKYEMYYGLQSVQDKKAVNSNTIFELGSVSKLFTATAGGYAK
NKGKISFDDTPGKYWKELKNTPIDQVNLLQLATYTSGNLALQFPDEVQTDQQVLTFFKDWKPKNPIGEYRQYSNPSIGLF
GKVVALSMNKPFDQVLEKTIFPALGLKHSYVNVPKTQMQNYAFGYNQENQPIRVNPGPLDAPAYGVKSTLPDMLSFIHAN
LNPQKYPTDIQRAINETHQGRYQVNTMYQALGWEEFSYPATLQTLLDSNSEQIVMKPNKVTAISKEPSVKMYHKTGSTSG
FGTYVVFIPKENIGLVMLTNKRIPNEERIKAAYVVLNAIKK
;
_entity_poly.pdbx_strand_id   A,B,C,D
#
loop_
_chem_comp.id
_chem_comp.type
_chem_comp.name
_chem_comp.formula
A1J non-polymer '3-(5,7,7-trihydroxy-2,2,7-trioxo-6-oxa-2lambda~6~-thia-3-aza-7lambda~5~-phospha-5-boraheptan-1-yl)benzoic acid' 'C9 H13 B N O9 P S'
#
# COMPACT_ATOMS: atom_id res chain seq x y z
N LYS A 6 12.38 -3.46 -36.05
CA LYS A 6 10.98 -3.49 -36.59
C LYS A 6 10.11 -2.40 -35.97
N ASP A 7 10.21 -2.27 -34.64
CA ASP A 7 9.46 -1.29 -33.84
C ASP A 7 9.81 0.14 -34.36
N GLN A 8 10.99 0.23 -34.98
CA GLN A 8 11.48 1.45 -35.57
C GLN A 8 10.66 1.88 -36.78
N GLU A 9 9.85 0.99 -37.35
CA GLU A 9 8.93 1.32 -38.47
C GLU A 9 7.62 2.06 -38.07
N ILE A 10 7.16 2.02 -36.83
CA ILE A 10 5.87 2.58 -36.46
C ILE A 10 5.81 4.07 -36.67
N LYS A 11 6.86 4.80 -36.28
CA LYS A 11 6.90 6.24 -36.53
C LYS A 11 6.86 6.52 -38.04
N LYS A 12 7.65 5.79 -38.81
CA LYS A 12 7.72 6.00 -40.27
C LYS A 12 6.33 5.75 -40.93
N LEU A 13 5.74 4.61 -40.60
CA LEU A 13 4.38 4.30 -41.10
C LEU A 13 3.32 5.39 -40.80
N VAL A 14 3.36 5.91 -39.60
CA VAL A 14 2.35 6.92 -39.17
C VAL A 14 2.65 8.21 -39.92
N ASP A 15 3.93 8.57 -39.99
CA ASP A 15 4.30 9.69 -40.82
C ASP A 15 3.86 9.51 -42.31
N GLN A 16 4.04 8.33 -42.87
CA GLN A 16 3.69 8.15 -44.28
C GLN A 16 2.19 8.26 -44.52
N ASN A 17 1.38 7.80 -43.58
CA ASN A 17 -0.06 7.67 -43.76
C ASN A 17 -0.96 8.73 -43.11
N PHE A 18 -0.51 9.30 -42.02
CA PHE A 18 -1.32 10.30 -41.36
C PHE A 18 -0.80 11.70 -41.59
N LYS A 19 0.50 11.87 -41.56
CA LYS A 19 1.08 13.21 -41.72
C LYS A 19 0.66 13.98 -43.01
N PRO A 20 0.49 13.30 -44.15
CA PRO A 20 0.04 14.07 -45.32
C PRO A 20 -1.36 14.64 -45.21
N LEU A 21 -2.18 14.12 -44.29
CA LEU A 21 -3.54 14.58 -44.14
C LEU A 21 -3.53 16.00 -43.60
N LEU A 22 -2.49 16.39 -42.84
CA LEU A 22 -2.49 17.75 -42.30
C LEU A 22 -2.47 18.79 -43.42
N GLU A 23 -1.62 18.63 -44.45
CA GLU A 23 -1.66 19.57 -45.61
C GLU A 23 -2.88 19.45 -46.47
N LYS A 24 -3.26 18.22 -46.79
CA LYS A 24 -4.39 17.98 -47.61
C LYS A 24 -5.64 18.65 -47.09
N TYR A 25 -5.87 18.64 -45.78
CA TYR A 25 -7.13 19.14 -45.22
C TYR A 25 -6.96 20.41 -44.39
N ASP A 26 -5.76 20.97 -44.40
CA ASP A 26 -5.34 22.18 -43.64
C ASP A 26 -5.70 22.03 -42.16
N VAL A 27 -5.26 20.91 -41.60
CA VAL A 27 -5.52 20.60 -40.16
C VAL A 27 -4.40 21.14 -39.29
N PRO A 28 -4.75 21.95 -38.27
CA PRO A 28 -3.66 22.55 -37.50
C PRO A 28 -2.87 21.58 -36.66
N GLY A 29 -3.54 20.57 -36.08
CA GLY A 29 -2.91 19.69 -35.13
C GLY A 29 -3.48 18.28 -35.08
N MET A 30 -2.58 17.33 -34.91
CA MET A 30 -2.93 15.87 -34.92
CA MET A 30 -2.96 15.89 -34.86
C MET A 30 -2.13 15.11 -33.86
N ALA A 31 -2.79 14.14 -33.16
CA ALA A 31 -2.14 13.20 -32.33
C ALA A 31 -2.57 11.80 -32.74
N VAL A 32 -1.60 10.97 -33.07
CA VAL A 32 -1.83 9.56 -33.47
C VAL A 32 -1.03 8.66 -32.53
N GLY A 33 -1.72 7.69 -31.92
CA GLY A 33 -1.10 6.76 -31.04
C GLY A 33 -1.28 5.35 -31.58
N VAL A 34 -0.29 4.53 -31.34
CA VAL A 34 -0.37 3.09 -31.65
C VAL A 34 0.00 2.35 -30.38
N ILE A 35 -0.66 1.21 -30.17
CA ILE A 35 -0.32 0.34 -29.05
C ILE A 35 -0.13 -1.02 -29.70
N GLN A 36 1.03 -1.64 -29.43
CA GLN A 36 1.33 -2.91 -29.97
C GLN A 36 2.08 -3.70 -28.88
N ASN A 37 1.53 -4.85 -28.48
CA ASN A 37 2.21 -5.77 -27.51
C ASN A 37 2.52 -5.01 -26.28
N ASN A 38 1.52 -4.29 -25.80
CA ASN A 38 1.61 -3.51 -24.60
C ASN A 38 2.66 -2.37 -24.59
N LYS A 39 3.13 -1.92 -25.75
CA LYS A 39 4.02 -0.77 -25.85
C LYS A 39 3.26 0.36 -26.62
N LYS A 40 3.31 1.57 -26.06
CA LYS A 40 2.66 2.76 -26.58
C LYS A 40 3.60 3.61 -27.41
N TYR A 41 3.13 4.02 -28.59
CA TYR A 41 3.82 4.94 -29.49
C TYR A 41 2.98 6.18 -29.72
N GLU A 42 3.54 7.38 -29.47
CA GLU A 42 2.74 8.66 -29.54
C GLU A 42 3.37 9.59 -30.57
N MET A 43 2.61 9.87 -31.63
CA MET A 43 3.09 10.74 -32.72
C MET A 43 2.32 12.05 -32.64
N TYR A 44 3.03 13.17 -32.45
CA TYR A 44 2.37 14.47 -32.38
C TYR A 44 2.78 15.39 -33.54
N TYR A 45 1.81 16.09 -34.07
CA TYR A 45 1.91 16.95 -35.26
C TYR A 45 1.25 18.31 -35.03
N GLY A 46 1.96 19.37 -35.42
CA GLY A 46 1.31 20.63 -35.48
C GLY A 46 0.96 21.27 -34.15
N LEU A 47 -0.11 22.07 -34.17
CA LEU A 47 -0.46 22.98 -33.07
C LEU A 47 -1.83 22.65 -32.52
N GLN A 48 -1.94 22.73 -31.22
CA GLN A 48 -3.27 22.70 -30.58
C GLN A 48 -3.99 24.02 -30.66
N SER A 49 -3.20 25.11 -30.80
CA SER A 49 -3.78 26.44 -30.94
C SER A 49 -2.93 27.21 -31.97
N VAL A 50 -3.58 27.59 -33.09
CA VAL A 50 -2.92 28.33 -34.16
C VAL A 50 -2.47 29.72 -33.66
N GLN A 51 -3.41 30.44 -33.07
CA GLN A 51 -3.13 31.81 -32.59
C GLN A 51 -2.03 31.82 -31.54
N ASP A 52 -1.99 30.80 -30.65
CA ASP A 52 -1.00 30.75 -29.55
C ASP A 52 0.35 30.10 -29.93
N LYS A 53 0.42 29.55 -31.13
CA LYS A 53 1.52 28.71 -31.56
C LYS A 53 1.89 27.68 -30.53
N LYS A 54 0.88 27.05 -29.97
CA LYS A 54 1.10 26.01 -28.94
C LYS A 54 1.07 24.66 -29.60
N ALA A 55 2.12 23.90 -29.35
CA ALA A 55 2.32 22.62 -29.95
C ALA A 55 1.35 21.54 -29.42
N VAL A 56 0.98 20.58 -30.26
CA VAL A 56 0.28 19.35 -29.78
C VAL A 56 1.30 18.55 -29.01
N ASN A 57 0.89 18.07 -27.85
CA ASN A 57 1.72 17.24 -27.00
C ASN A 57 0.89 16.29 -26.18
N SER A 58 1.55 15.53 -25.32
CA SER A 58 0.86 14.57 -24.44
C SER A 58 -0.15 15.18 -23.46
N ASN A 59 -0.10 16.51 -23.20
CA ASN A 59 -1.11 17.19 -22.38
C ASN A 59 -2.29 17.70 -23.17
N THR A 60 -2.22 17.71 -24.52
CA THR A 60 -3.31 18.30 -25.29
C THR A 60 -4.62 17.55 -25.14
N ILE A 61 -5.65 18.28 -24.74
CA ILE A 61 -7.00 17.74 -24.63
C ILE A 61 -7.80 18.02 -25.93
N PHE A 62 -8.40 16.97 -26.49
CA PHE A 62 -9.22 17.02 -27.71
C PHE A 62 -10.65 16.59 -27.39
N GLU A 63 -11.61 17.06 -28.17
CA GLU A 63 -12.98 16.60 -28.10
C GLU A 63 -13.08 15.26 -28.85
N LEU A 64 -13.70 14.30 -28.18
CA LEU A 64 -13.85 12.97 -28.77
C LEU A 64 -15.11 12.72 -29.60
N GLY A 65 -16.04 13.65 -29.59
CA GLY A 65 -17.31 13.52 -30.24
C GLY A 65 -17.91 12.19 -29.91
N SER A 66 -18.45 11.52 -30.92
CA SER A 66 -19.16 10.23 -30.70
C SER A 66 -18.29 9.11 -30.09
N VAL A 67 -16.97 9.26 -30.07
CA VAL A 67 -16.20 8.32 -29.27
C VAL A 67 -16.55 8.35 -27.77
N SER A 68 -17.11 9.48 -27.26
CA SER A 68 -17.74 9.55 -25.95
C SER A 68 -18.74 8.37 -25.67
N LYS A 69 -19.43 7.91 -26.71
CA LYS A 69 -20.39 6.82 -26.60
C LYS A 69 -19.76 5.55 -26.12
N LEU A 70 -18.46 5.41 -26.27
CA LEU A 70 -17.79 4.22 -25.81
C LEU A 70 -17.66 4.26 -24.30
N PHE A 71 -17.48 5.46 -23.75
CA PHE A 71 -17.52 5.63 -22.31
C PHE A 71 -18.87 5.41 -21.74
N THR A 72 -19.86 5.86 -22.47
CA THR A 72 -21.24 5.69 -22.01
C THR A 72 -21.59 4.21 -21.95
N ALA A 73 -21.25 3.49 -23.01
CA ALA A 73 -21.39 2.04 -23.06
C ALA A 73 -20.62 1.35 -21.92
N THR A 74 -19.40 1.79 -21.66
CA THR A 74 -18.62 1.21 -20.56
C THR A 74 -19.30 1.47 -19.19
N ALA A 75 -19.82 2.67 -19.00
CA ALA A 75 -20.56 2.99 -17.80
C ALA A 75 -21.79 2.09 -17.65
N GLY A 76 -22.48 1.82 -18.75
CA GLY A 76 -23.68 0.94 -18.73
C GLY A 76 -23.29 -0.51 -18.41
N GLY A 77 -22.17 -0.96 -18.96
CA GLY A 77 -21.64 -2.30 -18.72
C GLY A 77 -21.31 -2.44 -17.22
N TYR A 78 -20.78 -1.37 -16.66
CA TYR A 78 -20.36 -1.37 -15.27
C TYR A 78 -21.61 -1.44 -14.37
N ALA A 79 -22.58 -0.61 -14.67
CA ALA A 79 -23.83 -0.57 -13.89
C ALA A 79 -24.58 -1.89 -13.99
N LYS A 80 -24.57 -2.53 -15.14
CA LYS A 80 -25.19 -3.87 -15.26
C LYS A 80 -24.48 -4.91 -14.39
N ASN A 81 -23.18 -4.90 -14.45
CA ASN A 81 -22.46 -5.88 -13.67
C ASN A 81 -22.46 -5.67 -12.14
N LYS A 82 -22.73 -4.48 -11.64
CA LYS A 82 -23.01 -4.26 -10.18
C LYS A 82 -24.51 -4.48 -9.84
N GLY A 83 -25.30 -4.95 -10.78
CA GLY A 83 -26.72 -5.19 -10.59
C GLY A 83 -27.58 -3.97 -10.51
N LYS A 84 -27.13 -2.80 -11.00
CA LYS A 84 -27.91 -1.59 -10.85
C LYS A 84 -28.94 -1.45 -11.94
N ILE A 85 -28.69 -2.06 -13.09
CA ILE A 85 -29.64 -2.14 -14.17
C ILE A 85 -29.56 -3.47 -14.79
N SER A 86 -30.62 -3.82 -15.49
CA SER A 86 -30.66 -4.85 -16.45
C SER A 86 -30.92 -4.24 -17.85
N PHE A 87 -30.32 -4.83 -18.87
CA PHE A 87 -30.54 -4.38 -20.25
C PHE A 87 -31.98 -4.68 -20.76
N ASP A 88 -32.71 -5.54 -20.05
CA ASP A 88 -34.14 -5.85 -20.26
CA ASP A 88 -34.16 -5.77 -20.37
C ASP A 88 -35.09 -4.78 -19.66
N ASP A 89 -34.58 -3.96 -18.74
CA ASP A 89 -35.37 -2.89 -18.11
C ASP A 89 -35.74 -1.81 -19.12
N THR A 90 -36.76 -1.02 -18.76
CA THR A 90 -37.22 0.07 -19.55
C THR A 90 -36.93 1.40 -18.78
N PRO A 91 -36.89 2.54 -19.47
CA PRO A 91 -36.37 3.74 -18.80
C PRO A 91 -37.17 4.23 -17.63
N GLY A 92 -38.49 3.96 -17.69
CA GLY A 92 -39.46 4.36 -16.67
C GLY A 92 -39.23 3.73 -15.33
N LYS A 93 -38.53 2.59 -15.27
CA LYS A 93 -38.04 2.05 -14.02
C LYS A 93 -37.09 3.00 -13.31
N TYR A 94 -36.37 3.88 -14.03
CA TYR A 94 -35.38 4.74 -13.42
C TYR A 94 -35.81 6.18 -13.44
N TRP A 95 -36.34 6.67 -14.57
CA TRP A 95 -36.77 8.04 -14.66
C TRP A 95 -38.31 7.93 -14.52
N LYS A 96 -38.81 8.08 -13.30
CA LYS A 96 -40.23 7.74 -12.95
C LYS A 96 -41.23 8.53 -13.81
N GLU A 97 -40.90 9.77 -14.16
CA GLU A 97 -41.75 10.59 -15.03
C GLU A 97 -41.98 9.99 -16.42
N LEU A 98 -41.16 9.01 -16.85
CA LEU A 98 -41.46 8.26 -18.08
C LEU A 98 -42.22 6.94 -17.92
N LYS A 99 -42.41 6.48 -16.69
CA LYS A 99 -43.17 5.26 -16.40
C LYS A 99 -44.54 5.29 -17.11
N ASN A 100 -44.89 4.21 -17.75
CA ASN A 100 -46.18 4.07 -18.46
C ASN A 100 -46.42 4.95 -19.70
N THR A 101 -45.37 5.63 -20.21
CA THR A 101 -45.41 6.35 -21.49
C THR A 101 -44.93 5.41 -22.61
N PRO A 102 -45.15 5.81 -23.87
CA PRO A 102 -44.74 4.90 -24.92
C PRO A 102 -43.23 4.56 -24.97
N ILE A 103 -42.37 5.49 -24.63
CA ILE A 103 -40.90 5.21 -24.64
C ILE A 103 -40.54 4.17 -23.54
N ASP A 104 -41.42 3.98 -22.54
CA ASP A 104 -41.23 2.94 -21.55
C ASP A 104 -41.52 1.53 -22.07
N GLN A 105 -41.83 1.35 -23.36
CA GLN A 105 -41.78 0.03 -24.03
C GLN A 105 -40.44 -0.31 -24.73
N VAL A 106 -39.51 0.62 -24.76
CA VAL A 106 -38.20 0.36 -25.36
C VAL A 106 -37.30 -0.01 -24.20
N ASN A 107 -36.47 -1.03 -24.37
CA ASN A 107 -35.61 -1.41 -23.26
C ASN A 107 -34.25 -0.69 -23.41
N LEU A 108 -33.42 -0.82 -22.36
CA LEU A 108 -32.16 -0.05 -22.28
C LEU A 108 -31.18 -0.45 -23.35
N LEU A 109 -31.12 -1.72 -23.72
CA LEU A 109 -30.28 -2.14 -24.78
C LEU A 109 -30.68 -1.48 -26.10
N GLN A 110 -31.97 -1.48 -26.38
CA GLN A 110 -32.48 -0.93 -27.66
C GLN A 110 -32.18 0.59 -27.70
N LEU A 111 -32.25 1.28 -26.57
CA LEU A 111 -31.84 2.67 -26.53
C LEU A 111 -30.31 2.80 -26.80
N ALA A 112 -29.53 2.00 -26.08
CA ALA A 112 -28.05 2.03 -26.21
C ALA A 112 -27.59 1.74 -27.63
N THR A 113 -28.35 0.87 -28.33
CA THR A 113 -28.05 0.48 -29.69
C THR A 113 -28.97 0.96 -30.86
N TYR A 114 -29.69 2.04 -30.61
CA TYR A 114 -30.33 2.89 -31.62
C TYR A 114 -31.55 2.27 -32.32
N THR A 115 -32.26 1.35 -31.63
CA THR A 115 -33.32 0.60 -32.24
C THR A 115 -34.71 0.85 -31.65
N SER A 116 -34.89 1.99 -31.03
CA SER A 116 -36.26 2.43 -30.62
C SER A 116 -37.28 2.43 -31.75
N GLY A 117 -36.83 2.69 -32.97
CA GLY A 117 -37.67 2.83 -34.16
C GLY A 117 -38.27 4.20 -34.42
N ASN A 118 -38.04 5.17 -33.52
CA ASN A 118 -38.35 6.55 -33.83
C ASN A 118 -37.47 7.64 -33.12
N LEU A 119 -36.15 7.53 -33.27
CA LEU A 119 -35.25 8.60 -32.77
C LEU A 119 -34.21 8.90 -33.85
N ALA A 120 -34.06 10.17 -34.19
CA ALA A 120 -33.22 10.62 -35.27
C ALA A 120 -31.80 10.93 -34.70
N LEU A 121 -30.88 11.38 -35.56
CA LEU A 121 -29.56 11.71 -35.10
C LEU A 121 -29.53 12.70 -33.99
N GLN A 122 -30.30 13.79 -34.10
CA GLN A 122 -30.28 14.83 -33.14
C GLN A 122 -31.67 15.07 -32.53
N PHE A 123 -31.68 15.56 -31.29
CA PHE A 123 -32.89 16.19 -30.76
C PHE A 123 -33.26 17.40 -31.70
N PRO A 124 -34.52 17.81 -31.70
CA PRO A 124 -34.87 19.16 -32.29
C PRO A 124 -34.10 20.31 -31.68
N ASP A 125 -33.82 21.34 -32.51
CA ASP A 125 -32.97 22.45 -32.08
C ASP A 125 -33.59 23.17 -30.90
N GLU A 126 -34.92 23.27 -30.90
CA GLU A 126 -35.65 23.94 -29.80
C GLU A 126 -35.60 23.19 -28.49
N VAL A 127 -35.21 21.90 -28.50
CA VAL A 127 -35.03 21.13 -27.23
C VAL A 127 -33.67 21.38 -26.63
N GLN A 128 -33.64 22.03 -25.44
CA GLN A 128 -32.39 22.43 -24.75
C GLN A 128 -32.40 22.20 -23.24
N THR A 129 -33.50 22.56 -22.56
CA THR A 129 -33.54 22.50 -21.08
C THR A 129 -33.83 21.09 -20.65
N ASP A 130 -33.62 20.81 -19.37
CA ASP A 130 -34.03 19.56 -18.78
C ASP A 130 -35.50 19.31 -18.99
N GLN A 131 -36.30 20.36 -18.76
CA GLN A 131 -37.76 20.29 -18.87
C GLN A 131 -38.15 19.97 -20.32
N GLN A 132 -37.47 20.55 -21.29
CA GLN A 132 -37.81 20.25 -22.69
C GLN A 132 -37.41 18.80 -23.06
N VAL A 133 -36.32 18.29 -22.49
CA VAL A 133 -35.93 16.89 -22.76
C VAL A 133 -36.97 15.87 -22.23
N LEU A 134 -37.41 16.11 -21.01
CA LEU A 134 -38.47 15.26 -20.44
C LEU A 134 -39.76 15.20 -21.30
N THR A 135 -40.20 16.38 -21.71
CA THR A 135 -41.38 16.58 -22.54
C THR A 135 -41.21 15.86 -23.88
N PHE A 136 -40.04 16.02 -24.50
CA PHE A 136 -39.74 15.30 -25.72
C PHE A 136 -39.98 13.78 -25.53
N PHE A 137 -39.48 13.19 -24.44
CA PHE A 137 -39.57 11.74 -24.25
C PHE A 137 -40.96 11.25 -23.78
N LYS A 138 -41.66 12.08 -23.04
CA LYS A 138 -43.10 11.88 -22.73
C LYS A 138 -44.07 11.91 -23.90
N ASP A 139 -43.79 12.80 -24.87
CA ASP A 139 -44.54 12.93 -26.12
C ASP A 139 -44.19 11.91 -27.20
N TRP A 140 -43.14 11.14 -26.95
CA TRP A 140 -42.62 10.16 -27.91
C TRP A 140 -43.62 9.13 -28.20
N LYS A 141 -43.80 8.83 -29.47
CA LYS A 141 -44.56 7.70 -29.90
C LYS A 141 -43.72 6.87 -30.85
N PRO A 142 -43.98 5.56 -30.93
CA PRO A 142 -43.28 4.71 -31.85
C PRO A 142 -43.57 4.97 -33.29
N LYS A 143 -42.66 4.56 -34.16
CA LYS A 143 -42.93 4.55 -35.58
C LYS A 143 -42.66 3.15 -36.15
N ASN A 144 -41.38 2.76 -36.20
CA ASN A 144 -41.03 1.44 -36.73
C ASN A 144 -41.20 0.47 -35.57
N PRO A 145 -41.41 -0.83 -35.84
CA PRO A 145 -41.52 -1.80 -34.72
C PRO A 145 -40.27 -1.74 -33.85
N ILE A 146 -40.48 -1.68 -32.54
CA ILE A 146 -39.42 -1.50 -31.56
C ILE A 146 -38.43 -2.64 -31.67
N GLY A 147 -37.14 -2.29 -31.83
CA GLY A 147 -36.10 -3.26 -31.96
C GLY A 147 -35.70 -3.67 -33.32
N GLU A 148 -36.49 -3.37 -34.34
CA GLU A 148 -36.23 -3.88 -35.67
C GLU A 148 -35.32 -3.02 -36.53
N TYR A 149 -35.36 -1.70 -36.32
CA TYR A 149 -34.61 -0.72 -37.16
C TYR A 149 -33.57 0.09 -36.38
N ARG A 150 -32.37 0.17 -36.94
CA ARG A 150 -31.29 0.96 -36.37
C ARG A 150 -31.31 2.33 -37.05
N GLN A 151 -31.48 3.36 -36.27
CA GLN A 151 -31.16 4.67 -36.72
C GLN A 151 -30.21 5.39 -35.74
N TYR A 152 -28.98 5.62 -36.19
CA TYR A 152 -27.95 6.18 -35.30
C TYR A 152 -28.41 7.45 -34.64
N SER A 153 -28.30 7.56 -33.33
CA SER A 153 -29.00 8.57 -32.57
C SER A 153 -28.40 9.06 -31.30
N ASN A 154 -28.13 10.38 -31.17
CA ASN A 154 -27.69 10.98 -29.92
C ASN A 154 -28.73 10.95 -28.86
N PRO A 155 -29.99 11.33 -29.19
CA PRO A 155 -30.95 11.18 -28.16
C PRO A 155 -31.13 9.75 -27.60
N SER A 156 -31.10 8.75 -28.45
CA SER A 156 -31.23 7.35 -28.01
C SER A 156 -30.20 6.91 -26.96
N ILE A 157 -28.91 7.06 -27.29
CA ILE A 157 -27.91 6.76 -26.33
C ILE A 157 -27.79 7.75 -25.19
N GLY A 158 -28.15 8.99 -25.41
CA GLY A 158 -28.18 9.93 -24.32
C GLY A 158 -29.18 9.55 -23.24
N LEU A 159 -30.33 9.03 -23.64
CA LEU A 159 -31.32 8.65 -22.59
C LEU A 159 -30.81 7.42 -21.84
N PHE A 160 -30.19 6.49 -22.57
CA PHE A 160 -29.45 5.39 -21.95
C PHE A 160 -28.44 5.87 -20.93
N GLY A 161 -27.57 6.87 -21.28
CA GLY A 161 -26.69 7.39 -20.33
C GLY A 161 -27.38 8.00 -19.13
N LYS A 162 -28.44 8.76 -19.37
CA LYS A 162 -29.17 9.38 -18.26
C LYS A 162 -29.71 8.33 -17.29
N VAL A 163 -30.20 7.24 -17.83
CA VAL A 163 -30.78 6.17 -17.00
C VAL A 163 -29.67 5.44 -16.27
N VAL A 164 -28.53 5.17 -16.94
CA VAL A 164 -27.37 4.59 -16.22
C VAL A 164 -27.02 5.43 -15.02
N ALA A 165 -27.00 6.76 -15.19
CA ALA A 165 -26.62 7.70 -14.11
C ALA A 165 -27.63 7.62 -12.96
N LEU A 166 -28.91 7.59 -13.33
CA LEU A 166 -29.99 7.46 -12.31
C LEU A 166 -29.80 6.17 -11.55
N SER A 167 -29.45 5.09 -12.26
CA SER A 167 -29.22 3.81 -11.58
C SER A 167 -28.09 3.84 -10.56
N MET A 168 -27.10 4.71 -10.79
CA MET A 168 -25.95 4.84 -9.94
C MET A 168 -26.04 5.97 -8.93
N ASN A 169 -27.22 6.58 -8.82
CA ASN A 169 -27.49 7.81 -8.05
C ASN A 169 -26.42 8.92 -8.10
N LYS A 170 -26.00 9.28 -9.31
CA LYS A 170 -25.03 10.31 -9.47
C LYS A 170 -25.30 10.89 -10.85
N PRO A 171 -25.08 12.19 -11.03
CA PRO A 171 -25.26 12.70 -12.39
C PRO A 171 -24.18 12.12 -13.30
N PHE A 172 -24.50 12.05 -14.59
CA PHE A 172 -23.68 11.32 -15.55
C PHE A 172 -22.23 11.81 -15.58
N ASP A 173 -22.02 13.13 -15.42
CA ASP A 173 -20.68 13.68 -15.46
C ASP A 173 -19.82 13.08 -14.37
N GLN A 174 -20.40 12.91 -13.19
CA GLN A 174 -19.68 12.27 -12.06
C GLN A 174 -19.55 10.77 -12.15
N VAL A 175 -20.52 10.09 -12.78
CA VAL A 175 -20.32 8.66 -13.08
C VAL A 175 -19.00 8.44 -13.88
N LEU A 176 -18.77 9.21 -14.94
CA LEU A 176 -17.49 9.15 -15.64
C LEU A 176 -16.31 9.65 -14.83
N GLU A 177 -16.41 10.89 -14.32
CA GLU A 177 -15.25 11.52 -13.72
C GLU A 177 -14.85 10.88 -12.40
N LYS A 178 -15.82 10.34 -11.63
CA LYS A 178 -15.48 9.76 -10.26
C LYS A 178 -15.40 8.24 -10.21
N THR A 179 -16.06 7.58 -11.15
CA THR A 179 -16.03 6.14 -11.20
C THR A 179 -15.37 5.53 -12.35
N ILE A 180 -15.85 5.79 -13.58
CA ILE A 180 -15.33 5.07 -14.73
C ILE A 180 -13.89 5.48 -15.11
N PHE A 181 -13.63 6.76 -15.28
CA PHE A 181 -12.29 7.19 -15.64
C PHE A 181 -11.18 6.74 -14.59
N PRO A 182 -11.42 6.90 -13.30
CA PRO A 182 -10.40 6.37 -12.34
C PRO A 182 -10.24 4.86 -12.42
N ALA A 183 -11.33 4.14 -12.64
CA ALA A 183 -11.17 2.66 -12.75
C ALA A 183 -10.39 2.25 -14.01
N LEU A 184 -10.40 3.09 -15.07
CA LEU A 184 -9.56 2.85 -16.25
C LEU A 184 -8.15 3.45 -16.18
N GLY A 185 -7.79 4.13 -15.10
CA GLY A 185 -6.47 4.72 -15.00
C GLY A 185 -6.30 5.98 -15.85
N LEU A 186 -7.38 6.71 -16.16
CA LEU A 186 -7.24 7.88 -17.03
C LEU A 186 -6.94 9.09 -16.12
N LYS A 187 -6.01 9.92 -16.53
CA LYS A 187 -5.69 11.05 -15.66
C LYS A 187 -6.22 12.40 -16.18
N HIS A 188 -6.51 12.53 -17.48
CA HIS A 188 -6.90 13.83 -18.06
C HIS A 188 -8.03 13.64 -19.06
N SER A 189 -9.03 12.90 -18.61
CA SER A 189 -10.21 12.67 -19.36
C SER A 189 -11.37 13.31 -18.58
N TYR A 190 -12.23 14.04 -19.29
CA TYR A 190 -13.24 14.97 -18.68
C TYR A 190 -14.48 15.06 -19.45
N VAL A 191 -15.62 15.12 -18.74
CA VAL A 191 -16.82 15.71 -19.24
C VAL A 191 -16.76 17.29 -19.20
N ASN A 192 -16.33 17.86 -18.08
CA ASN A 192 -16.12 19.34 -17.88
C ASN A 192 -14.65 19.55 -17.59
N VAL A 193 -13.95 20.20 -18.52
CA VAL A 193 -12.54 20.42 -18.41
C VAL A 193 -12.41 21.47 -17.35
N PRO A 194 -11.70 21.17 -16.28
CA PRO A 194 -11.58 22.15 -15.19
C PRO A 194 -10.64 23.32 -15.49
N LYS A 195 -10.78 24.38 -14.68
CA LYS A 195 -9.98 25.60 -14.78
C LYS A 195 -8.50 25.33 -15.04
N THR A 196 -7.91 24.48 -14.23
CA THR A 196 -6.48 24.18 -14.29
C THR A 196 -5.98 23.42 -15.51
N GLN A 197 -6.92 22.94 -16.33
CA GLN A 197 -6.54 22.26 -17.58
C GLN A 197 -6.98 23.01 -18.81
N MET A 198 -7.66 24.18 -18.68
CA MET A 198 -8.14 24.89 -19.85
C MET A 198 -7.01 25.28 -20.78
N GLN A 199 -5.82 25.63 -20.27
CA GLN A 199 -4.69 25.94 -21.16
C GLN A 199 -4.25 24.72 -22.02
N ASN A 200 -4.63 23.50 -21.59
CA ASN A 200 -4.34 22.30 -22.38
C ASN A 200 -5.41 21.87 -23.40
N TYR A 201 -6.58 22.52 -23.37
CA TYR A 201 -7.69 22.19 -24.26
C TYR A 201 -7.44 22.86 -25.59
N ALA A 202 -7.17 22.06 -26.62
CA ALA A 202 -7.06 22.56 -28.01
C ALA A 202 -8.28 23.42 -28.35
N PHE A 203 -8.06 24.40 -29.22
CA PHE A 203 -9.13 24.89 -30.04
C PHE A 203 -9.39 23.86 -31.11
N GLY A 204 -10.69 23.64 -31.40
CA GLY A 204 -11.11 23.00 -32.63
C GLY A 204 -11.11 24.03 -33.75
N TYR A 205 -11.11 23.60 -34.98
CA TYR A 205 -11.17 24.54 -36.11
C TYR A 205 -12.18 24.07 -37.09
N ASN A 206 -13.08 24.94 -37.53
CA ASN A 206 -14.22 24.54 -38.33
C ASN A 206 -13.79 24.57 -39.78
N GLN A 207 -14.74 24.43 -40.71
CA GLN A 207 -14.34 24.28 -42.12
C GLN A 207 -13.92 25.62 -42.75
N GLU A 208 -14.14 26.72 -42.04
CA GLU A 208 -13.59 28.06 -42.40
C GLU A 208 -12.33 28.40 -41.53
N ASN A 209 -11.76 27.39 -40.89
CA ASN A 209 -10.51 27.53 -40.09
C ASN A 209 -10.67 28.53 -38.91
N GLN A 210 -11.91 28.67 -38.44
CA GLN A 210 -12.20 29.46 -37.25
CA GLN A 210 -12.20 29.45 -37.26
C GLN A 210 -12.14 28.53 -36.02
N PRO A 211 -11.55 29.00 -34.92
CA PRO A 211 -11.43 28.29 -33.66
C PRO A 211 -12.79 28.18 -33.01
N ILE A 212 -13.07 27.01 -32.47
CA ILE A 212 -14.46 26.64 -32.07
C ILE A 212 -14.31 25.53 -31.06
N ARG A 213 -15.25 25.45 -30.12
CA ARG A 213 -15.34 24.31 -29.25
C ARG A 213 -16.77 23.89 -29.19
N VAL A 214 -17.01 22.67 -28.72
CA VAL A 214 -18.35 22.15 -28.71
C VAL A 214 -19.32 23.04 -27.87
N ASN A 215 -20.55 23.19 -28.30
CA ASN A 215 -21.50 23.97 -27.52
C ASN A 215 -22.31 23.04 -26.60
N PRO A 216 -22.67 23.49 -25.40
CA PRO A 216 -23.61 22.77 -24.56
C PRO A 216 -24.88 22.42 -25.27
N GLY A 217 -25.50 21.28 -24.94
CA GLY A 217 -26.72 20.83 -25.62
C GLY A 217 -27.39 19.70 -24.82
N PRO A 218 -28.61 19.35 -25.16
CA PRO A 218 -29.35 18.34 -24.36
C PRO A 218 -28.68 16.91 -24.40
N LEU A 219 -28.47 16.32 -23.21
CA LEU A 219 -27.80 15.03 -22.99
C LEU A 219 -26.52 14.90 -23.88
N ASP A 220 -25.80 16.01 -23.93
CA ASP A 220 -24.57 16.09 -24.69
C ASP A 220 -23.47 15.16 -24.14
N ALA A 221 -23.30 15.11 -22.84
CA ALA A 221 -22.22 14.34 -22.28
C ALA A 221 -22.20 12.81 -22.72
N PRO A 222 -23.29 12.09 -22.54
CA PRO A 222 -23.24 10.70 -22.92
C PRO A 222 -23.19 10.39 -24.43
N ALA A 223 -23.49 11.40 -25.28
CA ALA A 223 -23.54 11.25 -26.70
C ALA A 223 -22.29 11.68 -27.46
N TYR A 224 -21.69 12.78 -27.04
CA TYR A 224 -20.58 13.36 -27.69
C TYR A 224 -19.78 14.31 -26.84
N GLY A 225 -19.86 14.24 -25.54
CA GLY A 225 -19.28 15.25 -24.69
C GLY A 225 -17.99 15.04 -23.87
N VAL A 226 -17.21 14.00 -24.16
CA VAL A 226 -16.01 13.74 -23.41
C VAL A 226 -14.84 14.32 -24.16
N LYS A 227 -13.87 14.77 -23.41
CA LYS A 227 -12.59 15.28 -23.90
C LYS A 227 -11.49 14.49 -23.24
N SER A 228 -10.42 14.22 -23.99
CA SER A 228 -9.31 13.41 -23.50
C SER A 228 -8.01 13.69 -24.26
N THR A 229 -6.95 13.08 -23.77
CA THR A 229 -5.63 13.20 -24.33
C THR A 229 -5.23 11.94 -25.07
N LEU A 230 -4.17 12.01 -25.90
CA LEU A 230 -3.66 10.81 -26.54
C LEU A 230 -3.20 9.70 -25.54
N PRO A 231 -2.43 10.05 -24.52
CA PRO A 231 -2.06 9.02 -23.57
C PRO A 231 -3.26 8.31 -22.96
N ASP A 232 -4.23 9.05 -22.53
CA ASP A 232 -5.46 8.45 -21.97
C ASP A 232 -6.25 7.62 -22.95
N MET A 233 -6.37 8.08 -24.19
CA MET A 233 -7.05 7.22 -25.14
C MET A 233 -6.24 5.96 -25.43
N LEU A 234 -4.90 6.02 -25.44
CA LEU A 234 -4.14 4.78 -25.57
C LEU A 234 -4.32 3.82 -24.37
N SER A 235 -4.42 4.38 -23.15
CA SER A 235 -4.75 3.57 -21.97
C SER A 235 -6.12 2.93 -22.13
N PHE A 236 -7.05 3.66 -22.71
CA PHE A 236 -8.42 3.07 -22.90
C PHE A 236 -8.35 1.94 -23.90
N ILE A 237 -7.60 2.12 -25.00
CA ILE A 237 -7.50 1.07 -25.97
C ILE A 237 -6.78 -0.13 -25.30
N HIS A 238 -5.76 0.17 -24.48
CA HIS A 238 -5.04 -0.93 -23.77
C HIS A 238 -5.98 -1.76 -22.87
N ALA A 239 -6.88 -1.10 -22.18
CA ALA A 239 -7.88 -1.72 -21.35
C ALA A 239 -8.82 -2.56 -22.20
N ASN A 240 -9.15 -2.07 -23.39
CA ASN A 240 -9.93 -2.92 -24.34
C ASN A 240 -9.23 -4.13 -24.90
N LEU A 241 -7.94 -4.02 -25.18
CA LEU A 241 -7.16 -5.13 -25.66
C LEU A 241 -6.76 -6.14 -24.58
N ASN A 242 -6.53 -5.67 -23.37
CA ASN A 242 -5.77 -6.49 -22.42
C ASN A 242 -6.28 -6.05 -21.06
N PRO A 243 -7.52 -6.45 -20.73
CA PRO A 243 -8.13 -5.96 -19.54
C PRO A 243 -7.76 -6.70 -18.26
N GLN A 244 -6.90 -7.71 -18.34
CA GLN A 244 -6.64 -8.61 -17.16
C GLN A 244 -6.11 -7.89 -15.95
N LYS A 245 -5.33 -6.82 -16.14
CA LYS A 245 -4.77 -6.13 -14.97
C LYS A 245 -5.82 -5.23 -14.31
N TYR A 246 -6.98 -5.02 -14.95
CA TYR A 246 -7.94 -4.02 -14.46
C TYR A 246 -8.85 -4.61 -13.39
N PRO A 247 -9.52 -3.74 -12.61
CA PRO A 247 -10.41 -4.24 -11.60
C PRO A 247 -11.43 -5.13 -12.24
N THR A 248 -11.82 -6.18 -11.53
CA THR A 248 -12.80 -7.12 -12.01
C THR A 248 -14.10 -6.47 -12.58
N ASP A 249 -14.65 -5.52 -11.85
CA ASP A 249 -15.88 -4.85 -12.27
C ASP A 249 -15.74 -4.06 -13.61
N ILE A 250 -14.57 -3.45 -13.82
CA ILE A 250 -14.31 -2.74 -15.07
C ILE A 250 -13.96 -3.73 -16.17
N GLN A 251 -13.35 -4.88 -15.85
CA GLN A 251 -13.27 -5.98 -16.77
C GLN A 251 -14.59 -6.40 -17.34
N ARG A 252 -15.56 -6.67 -16.45
CA ARG A 252 -16.90 -7.09 -16.82
C ARG A 252 -17.55 -5.99 -17.71
N ALA A 253 -17.36 -4.75 -17.35
CA ALA A 253 -17.88 -3.63 -18.11
C ALA A 253 -17.35 -3.57 -19.49
N ILE A 254 -16.03 -3.63 -19.60
CA ILE A 254 -15.38 -3.72 -20.87
C ILE A 254 -15.84 -4.87 -21.70
N ASN A 255 -15.89 -6.08 -21.12
CA ASN A 255 -16.33 -7.23 -21.91
C ASN A 255 -17.79 -7.11 -22.39
N GLU A 256 -18.61 -6.47 -21.60
CA GLU A 256 -19.98 -6.20 -22.00
C GLU A 256 -20.02 -5.33 -23.30
N THR A 257 -19.09 -4.40 -23.45
CA THR A 257 -19.07 -3.59 -24.65
C THR A 257 -18.61 -4.24 -25.90
N HIS A 258 -17.93 -5.39 -25.81
CA HIS A 258 -17.47 -6.14 -26.95
C HIS A 258 -18.50 -7.14 -27.52
N GLN A 259 -19.65 -7.34 -26.86
CA GLN A 259 -20.57 -8.39 -27.32
C GLN A 259 -21.45 -7.79 -28.42
N GLY A 260 -21.43 -8.39 -29.57
CA GLY A 260 -22.30 -7.98 -30.67
C GLY A 260 -23.73 -8.27 -30.31
N ARG A 261 -24.59 -7.33 -30.60
CA ARG A 261 -26.01 -7.42 -30.24
C ARG A 261 -26.87 -7.80 -31.44
N TYR A 262 -26.53 -7.25 -32.60
CA TYR A 262 -27.27 -7.54 -33.83
C TYR A 262 -26.37 -7.16 -34.98
N GLN A 263 -26.79 -7.45 -36.21
CA GLN A 263 -25.97 -7.06 -37.35
C GLN A 263 -26.71 -6.31 -38.39
N VAL A 264 -25.95 -5.47 -39.10
CA VAL A 264 -26.40 -4.83 -40.34
C VAL A 264 -25.36 -5.25 -41.38
N ASN A 265 -25.67 -6.34 -42.09
CA ASN A 265 -24.69 -7.01 -42.91
C ASN A 265 -23.32 -7.15 -42.25
N THR A 266 -22.23 -6.61 -42.82
CA THR A 266 -20.92 -6.90 -42.26
C THR A 266 -20.58 -6.05 -41.03
N MET A 267 -21.47 -5.12 -40.65
CA MET A 267 -21.30 -4.38 -39.38
C MET A 267 -22.13 -4.96 -38.27
N TYR A 268 -21.46 -5.35 -37.19
CA TYR A 268 -22.09 -5.84 -35.97
C TYR A 268 -22.15 -4.67 -34.98
N GLN A 269 -23.29 -4.43 -34.39
CA GLN A 269 -23.44 -3.41 -33.41
C GLN A 269 -23.19 -4.00 -32.04
N ALA A 270 -22.10 -3.57 -31.40
CA ALA A 270 -21.85 -3.83 -29.99
C ALA A 270 -22.34 -2.65 -29.18
N LEU A 271 -21.97 -2.59 -27.91
CA LEU A 271 -22.40 -1.47 -27.07
C LEU A 271 -21.38 -0.35 -27.31
N GLY A 272 -21.81 0.75 -27.94
CA GLY A 272 -20.87 1.81 -28.35
C GLY A 272 -20.02 1.43 -29.55
N TRP A 273 -19.21 0.35 -29.42
CA TRP A 273 -18.34 -0.07 -30.47
C TRP A 273 -19.08 -0.71 -31.67
N GLU A 274 -18.56 -0.42 -32.85
CA GLU A 274 -18.82 -1.23 -34.03
C GLU A 274 -17.88 -2.37 -34.07
N GLU A 275 -18.40 -3.55 -34.40
CA GLU A 275 -17.56 -4.81 -34.42
C GLU A 275 -17.56 -5.38 -35.82
N PHE A 276 -16.46 -6.06 -36.20
CA PHE A 276 -16.31 -6.66 -37.50
C PHE A 276 -15.54 -7.98 -37.40
N SER A 277 -15.81 -8.87 -38.36
CA SER A 277 -14.95 -10.05 -38.48
C SER A 277 -13.53 -9.59 -38.90
N TYR A 278 -12.51 -10.16 -38.30
CA TYR A 278 -11.14 -9.79 -38.61
C TYR A 278 -10.51 -11.02 -39.31
N PRO A 279 -9.80 -10.82 -40.43
CA PRO A 279 -9.54 -9.47 -41.00
C PRO A 279 -10.74 -8.93 -41.76
N ALA A 280 -10.93 -7.63 -41.67
CA ALA A 280 -11.96 -6.93 -42.37
C ALA A 280 -11.39 -6.31 -43.65
N THR A 281 -12.13 -6.42 -44.72
CA THR A 281 -11.76 -5.65 -45.91
C THR A 281 -11.81 -4.11 -45.61
N LEU A 282 -11.03 -3.37 -46.38
CA LEU A 282 -11.10 -1.92 -46.30
C LEU A 282 -12.52 -1.44 -46.53
N GLN A 283 -13.21 -2.04 -47.49
CA GLN A 283 -14.54 -1.59 -47.82
C GLN A 283 -15.56 -1.83 -46.69
N THR A 284 -15.43 -2.98 -45.99
CA THR A 284 -16.22 -3.24 -44.78
C THR A 284 -16.07 -2.10 -43.79
N LEU A 285 -14.84 -1.70 -43.55
CA LEU A 285 -14.58 -0.70 -42.52
C LEU A 285 -15.08 0.68 -42.96
N LEU A 286 -14.87 1.01 -44.22
CA LEU A 286 -15.30 2.34 -44.76
C LEU A 286 -16.80 2.43 -44.80
N ASP A 287 -17.44 1.39 -45.31
CA ASP A 287 -18.88 1.36 -45.48
C ASP A 287 -19.68 1.27 -44.20
N SER A 288 -19.03 0.94 -43.08
CA SER A 288 -19.68 0.98 -41.80
C SER A 288 -20.14 2.35 -41.51
N ASN A 289 -19.45 3.37 -42.05
CA ASN A 289 -19.84 4.76 -41.81
C ASN A 289 -20.36 5.50 -43.09
N SER A 290 -21.01 4.74 -43.94
CA SER A 290 -21.68 5.24 -45.14
C SER A 290 -22.88 6.10 -44.72
N GLU A 291 -23.30 6.94 -45.63
CA GLU A 291 -24.52 7.71 -45.44
C GLU A 291 -25.72 6.77 -45.06
N GLN A 292 -25.78 5.62 -45.73
CA GLN A 292 -26.87 4.69 -45.55
C GLN A 292 -26.94 4.20 -44.09
N ILE A 293 -25.79 3.84 -43.54
CA ILE A 293 -25.74 3.33 -42.18
C ILE A 293 -25.88 4.48 -41.16
N VAL A 294 -25.21 5.60 -41.37
CA VAL A 294 -25.13 6.64 -40.36
C VAL A 294 -26.38 7.51 -40.32
N MET A 295 -26.95 7.79 -41.50
CA MET A 295 -27.97 8.84 -41.59
C MET A 295 -29.39 8.28 -41.77
N LYS A 296 -29.51 7.02 -42.11
CA LYS A 296 -30.83 6.45 -42.47
C LYS A 296 -31.21 5.22 -41.59
N PRO A 297 -32.51 4.94 -41.45
CA PRO A 297 -32.98 3.71 -40.84
C PRO A 297 -32.60 2.49 -41.65
N ASN A 298 -32.16 1.46 -40.92
CA ASN A 298 -31.86 0.17 -41.53
C ASN A 298 -32.45 -0.92 -40.65
N LYS A 299 -33.18 -1.83 -41.28
CA LYS A 299 -33.69 -2.96 -40.56
C LYS A 299 -32.50 -3.93 -40.25
N VAL A 300 -32.41 -4.33 -38.98
CA VAL A 300 -31.31 -5.15 -38.49
C VAL A 300 -31.67 -6.62 -38.63
N THR A 301 -30.69 -7.48 -38.49
CA THR A 301 -30.95 -8.90 -38.30
C THR A 301 -30.25 -9.36 -37.04
N ALA A 302 -30.62 -10.56 -36.61
CA ALA A 302 -29.92 -11.24 -35.58
C ALA A 302 -28.57 -11.57 -36.17
N ILE A 303 -27.61 -11.72 -35.29
CA ILE A 303 -26.28 -12.18 -35.68
C ILE A 303 -26.44 -13.61 -36.18
N SER A 304 -25.90 -13.90 -37.33
CA SER A 304 -25.95 -15.23 -37.94
C SER A 304 -24.58 -15.79 -37.81
N LYS A 305 -23.59 -15.23 -38.55
CA LYS A 305 -22.18 -15.59 -38.39
C LYS A 305 -21.61 -14.88 -37.16
N GLU A 306 -21.33 -15.60 -36.11
CA GLU A 306 -20.69 -15.05 -34.91
C GLU A 306 -19.14 -14.97 -35.21
N PRO A 307 -18.59 -13.78 -35.41
CA PRO A 307 -17.15 -13.75 -35.76
C PRO A 307 -16.28 -14.46 -34.72
N SER A 308 -15.39 -15.33 -35.16
CA SER A 308 -14.39 -15.95 -34.32
C SER A 308 -13.33 -14.94 -33.81
N VAL A 309 -12.79 -14.18 -34.74
CA VAL A 309 -11.75 -13.21 -34.43
C VAL A 309 -12.38 -11.88 -34.83
N LYS A 310 -12.38 -10.92 -33.92
CA LYS A 310 -13.08 -9.61 -34.08
C LYS A 310 -12.13 -8.40 -34.07
N MET A 311 -12.59 -7.30 -34.64
CA MET A 311 -11.96 -6.00 -34.45
C MET A 311 -13.05 -5.07 -34.26
N TYR A 312 -12.72 -3.92 -33.67
CA TYR A 312 -13.72 -2.97 -33.29
C TYR A 312 -13.28 -1.57 -33.67
N HIS A 313 -14.24 -0.69 -34.03
CA HIS A 313 -13.85 0.74 -34.22
C HIS A 313 -14.95 1.70 -33.85
N LYS A 314 -14.57 2.98 -33.83
CA LYS A 314 -15.54 4.01 -33.62
C LYS A 314 -14.95 5.31 -34.12
N THR A 315 -15.72 6.05 -34.93
CA THR A 315 -15.42 7.46 -35.30
C THR A 315 -16.05 8.42 -34.33
N GLY A 316 -15.54 9.62 -34.30
CA GLY A 316 -16.27 10.69 -33.67
C GLY A 316 -15.91 12.06 -34.28
N SER A 317 -16.88 12.97 -34.26
CA SER A 317 -16.66 14.28 -34.77
C SER A 317 -17.41 15.27 -33.92
C SER A 317 -17.43 15.28 -33.95
N THR A 318 -16.83 16.45 -33.79
CA THR A 318 -17.57 17.63 -33.31
C THR A 318 -17.33 18.71 -34.38
N SER A 319 -17.87 19.92 -34.20
CA SER A 319 -17.71 20.91 -35.26
C SER A 319 -16.23 21.12 -35.60
N GLY A 320 -15.40 21.11 -34.59
CA GLY A 320 -13.98 21.38 -34.74
C GLY A 320 -12.98 20.25 -34.57
N PHE A 321 -13.42 19.00 -34.31
CA PHE A 321 -12.46 17.89 -34.03
C PHE A 321 -12.86 16.60 -34.72
N GLY A 322 -11.89 15.78 -35.10
CA GLY A 322 -12.16 14.43 -35.58
C GLY A 322 -11.43 13.39 -34.75
N THR A 323 -12.03 12.23 -34.58
CA THR A 323 -11.47 11.20 -33.73
C THR A 323 -11.69 9.87 -34.45
N TYR A 324 -10.76 8.95 -34.27
CA TYR A 324 -10.98 7.57 -34.70
C TYR A 324 -10.19 6.64 -33.83
N VAL A 325 -10.86 5.54 -33.44
CA VAL A 325 -10.22 4.58 -32.55
C VAL A 325 -10.52 3.20 -33.03
N VAL A 326 -9.52 2.30 -33.00
CA VAL A 326 -9.67 0.96 -33.58
C VAL A 326 -8.76 -0.01 -32.84
N PHE A 327 -9.22 -1.25 -32.63
CA PHE A 327 -8.33 -2.22 -32.02
C PHE A 327 -8.71 -3.64 -32.46
N ILE A 328 -7.71 -4.52 -32.35
CA ILE A 328 -7.83 -5.88 -32.84
C ILE A 328 -7.21 -6.82 -31.79
N PRO A 329 -8.05 -7.49 -30.99
CA PRO A 329 -7.51 -8.21 -29.81
C PRO A 329 -6.47 -9.28 -30.09
N LYS A 330 -6.69 -10.05 -31.15
CA LYS A 330 -5.80 -11.17 -31.51
C LYS A 330 -4.44 -10.73 -32.02
N GLU A 331 -4.33 -9.51 -32.54
CA GLU A 331 -3.05 -9.00 -33.01
C GLU A 331 -2.41 -8.15 -31.93
N ASN A 332 -3.11 -7.96 -30.82
CA ASN A 332 -2.72 -7.12 -29.75
C ASN A 332 -2.27 -5.71 -30.21
N ILE A 333 -3.03 -5.12 -31.12
CA ILE A 333 -2.70 -3.79 -31.68
C ILE A 333 -3.94 -2.89 -31.65
N GLY A 334 -3.73 -1.58 -31.50
CA GLY A 334 -4.79 -0.63 -31.72
C GLY A 334 -4.21 0.72 -32.08
N LEU A 335 -5.08 1.66 -32.44
CA LEU A 335 -4.68 2.98 -32.91
C LEU A 335 -5.76 3.99 -32.54
N VAL A 336 -5.30 5.18 -32.25
CA VAL A 336 -6.13 6.28 -31.94
C VAL A 336 -5.63 7.48 -32.76
N MET A 337 -6.56 8.24 -33.35
CA MET A 337 -6.24 9.48 -34.08
C MET A 337 -7.10 10.55 -33.54
N LEU A 338 -6.50 11.69 -33.17
CA LEU A 338 -7.24 12.85 -32.69
C LEU A 338 -6.79 14.05 -33.55
N THR A 339 -7.72 14.81 -34.09
CA THR A 339 -7.38 16.04 -34.87
C THR A 339 -8.18 17.16 -34.32
N ASN A 340 -7.67 18.38 -34.50
CA ASN A 340 -8.48 19.54 -34.15
C ASN A 340 -9.01 20.27 -35.39
N LYS A 341 -9.29 19.52 -36.42
CA LYS A 341 -10.18 19.84 -37.48
C LYS A 341 -10.74 18.52 -38.02
N ARG A 342 -12.02 18.51 -38.38
CA ARG A 342 -12.57 17.29 -39.08
C ARG A 342 -11.94 17.00 -40.39
N ILE A 343 -11.61 15.74 -40.65
CA ILE A 343 -11.25 15.28 -41.97
C ILE A 343 -12.21 14.13 -42.23
N PRO A 344 -12.44 13.81 -43.49
CA PRO A 344 -13.44 12.76 -43.74
C PRO A 344 -13.16 11.45 -43.00
N ASN A 345 -14.22 10.77 -42.57
CA ASN A 345 -14.03 9.47 -41.94
C ASN A 345 -13.22 8.53 -42.79
N GLU A 346 -13.40 8.56 -44.14
CA GLU A 346 -12.73 7.56 -45.00
C GLU A 346 -11.25 7.67 -44.91
N GLU A 347 -10.76 8.89 -44.75
CA GLU A 347 -9.31 9.06 -44.63
C GLU A 347 -8.72 8.53 -43.33
N ARG A 348 -9.49 8.73 -42.27
CA ARG A 348 -9.12 8.23 -40.91
C ARG A 348 -9.04 6.71 -40.95
N ILE A 349 -10.10 6.09 -41.48
CA ILE A 349 -10.19 4.63 -41.58
C ILE A 349 -9.11 4.01 -42.46
N LYS A 350 -8.91 4.56 -43.67
CA LYS A 350 -7.85 4.13 -44.55
C LYS A 350 -6.46 4.24 -43.98
N ALA A 351 -6.13 5.36 -43.39
CA ALA A 351 -4.79 5.54 -42.84
C ALA A 351 -4.53 4.52 -41.75
N ALA A 352 -5.54 4.31 -40.91
CA ALA A 352 -5.41 3.29 -39.81
C ALA A 352 -5.30 1.90 -40.33
N TYR A 353 -6.05 1.61 -41.38
CA TYR A 353 -5.96 0.31 -42.07
C TYR A 353 -4.57 -0.01 -42.61
N VAL A 354 -3.94 0.96 -43.31
CA VAL A 354 -2.59 0.80 -43.87
C VAL A 354 -1.58 0.58 -42.74
N VAL A 355 -1.68 1.42 -41.72
CA VAL A 355 -0.74 1.31 -40.61
C VAL A 355 -0.85 -0.02 -39.87
N LEU A 356 -2.02 -0.34 -39.37
CA LEU A 356 -2.21 -1.60 -38.64
C LEU A 356 -1.88 -2.83 -39.48
N ASN A 357 -2.19 -2.80 -40.76
CA ASN A 357 -1.84 -3.91 -41.63
C ASN A 357 -0.31 -4.05 -41.77
N ALA A 358 0.36 -2.91 -41.94
CA ALA A 358 1.82 -2.88 -42.12
C ALA A 358 2.61 -3.37 -40.93
N ILE A 359 2.07 -3.19 -39.73
CA ILE A 359 2.72 -3.65 -38.52
C ILE A 359 2.41 -5.10 -38.15
N LYS A 360 1.67 -5.75 -39.02
CA LYS A 360 1.23 -7.14 -39.08
C LYS A 360 -0.12 -7.46 -38.48
N ASN B 3 45.47 -33.21 -23.79
CA ASN B 3 44.62 -33.06 -22.58
C ASN B 3 44.28 -31.58 -22.38
N THR B 4 43.03 -31.33 -22.02
CA THR B 4 42.59 -30.00 -21.52
C THR B 4 41.76 -30.37 -20.30
N PRO B 5 42.03 -29.74 -19.18
CA PRO B 5 41.27 -30.19 -17.98
C PRO B 5 39.80 -29.89 -18.12
N LYS B 6 39.01 -30.70 -17.44
CA LYS B 6 37.59 -30.68 -17.60
C LYS B 6 37.02 -29.32 -17.30
N ASP B 7 37.40 -28.68 -16.20
CA ASP B 7 36.91 -27.30 -15.94
C ASP B 7 37.09 -26.35 -17.16
N GLN B 8 38.22 -26.45 -17.87
CA GLN B 8 38.53 -25.55 -18.99
C GLN B 8 37.65 -25.88 -20.18
N GLU B 9 37.39 -27.16 -20.34
CA GLU B 9 36.54 -27.66 -21.44
C GLU B 9 35.14 -27.12 -21.29
N ILE B 10 34.63 -27.11 -20.07
CA ILE B 10 33.26 -26.66 -19.76
C ILE B 10 33.22 -25.14 -19.90
N LYS B 11 34.30 -24.49 -19.48
CA LYS B 11 34.34 -23.02 -19.58
C LYS B 11 34.30 -22.63 -21.04
N LYS B 12 35.04 -23.34 -21.91
CA LYS B 12 35.08 -23.07 -23.36
C LYS B 12 33.67 -23.21 -23.98
N LEU B 13 32.97 -24.26 -23.60
CA LEU B 13 31.61 -24.50 -24.05
C LEU B 13 30.68 -23.39 -23.65
N VAL B 14 30.78 -22.97 -22.41
CA VAL B 14 29.98 -21.89 -21.91
C VAL B 14 30.37 -20.54 -22.58
N ASP B 15 31.65 -20.30 -22.81
CA ASP B 15 32.06 -19.11 -23.61
C ASP B 15 31.53 -19.18 -25.03
N GLN B 16 31.51 -20.38 -25.64
CA GLN B 16 31.03 -20.50 -26.99
C GLN B 16 29.55 -20.22 -27.15
N ASN B 17 28.78 -20.61 -26.14
CA ASN B 17 27.37 -20.68 -26.23
C ASN B 17 26.65 -19.61 -25.43
N PHE B 18 27.08 -19.29 -24.20
CA PHE B 18 26.37 -18.34 -23.38
C PHE B 18 26.97 -16.92 -23.47
N LYS B 19 28.28 -16.82 -23.45
CA LYS B 19 28.97 -15.52 -23.46
C LYS B 19 28.53 -14.56 -24.60
N PRO B 20 28.34 -15.04 -25.81
CA PRO B 20 27.92 -14.16 -26.87
C PRO B 20 26.51 -13.53 -26.71
N LEU B 21 25.66 -14.12 -25.88
CA LEU B 21 24.36 -13.56 -25.53
C LEU B 21 24.52 -12.18 -24.81
N LEU B 22 25.60 -11.97 -24.03
CA LEU B 22 25.84 -10.72 -23.32
C LEU B 22 25.91 -9.54 -24.29
N GLU B 23 26.79 -9.61 -25.31
CA GLU B 23 26.84 -8.57 -26.37
C GLU B 23 25.56 -8.50 -27.19
N LYS B 24 25.00 -9.65 -27.63
CA LYS B 24 23.82 -9.68 -28.47
C LYS B 24 22.63 -8.98 -27.84
N TYR B 25 22.34 -9.28 -26.59
CA TYR B 25 21.18 -8.77 -25.88
C TYR B 25 21.54 -7.62 -24.89
N ASP B 26 22.77 -7.13 -24.91
CA ASP B 26 23.26 -6.05 -23.99
C ASP B 26 22.92 -6.37 -22.49
N VAL B 27 23.33 -7.54 -22.05
CA VAL B 27 23.05 -8.10 -20.70
C VAL B 27 24.20 -7.69 -19.84
N PRO B 28 23.93 -7.01 -18.71
CA PRO B 28 25.12 -6.55 -17.92
C PRO B 28 25.90 -7.64 -17.17
N GLY B 29 25.18 -8.60 -16.61
CA GLY B 29 25.76 -9.68 -15.80
C GLY B 29 25.09 -11.08 -16.05
N MET B 30 25.91 -12.13 -15.88
CA MET B 30 25.41 -13.50 -16.01
C MET B 30 26.19 -14.46 -15.17
N ALA B 31 25.50 -15.47 -14.62
CA ALA B 31 26.18 -16.57 -13.92
C ALA B 31 25.67 -17.87 -14.53
N VAL B 32 26.60 -18.70 -14.95
CA VAL B 32 26.26 -20.00 -15.49
C VAL B 32 26.97 -21.08 -14.70
N GLY B 33 26.24 -22.13 -14.33
CA GLY B 33 26.84 -23.17 -13.58
C GLY B 33 26.48 -24.50 -14.16
N VAL B 34 27.41 -25.42 -14.06
CA VAL B 34 27.16 -26.83 -14.55
C VAL B 34 27.49 -27.73 -13.39
N ILE B 35 26.64 -28.73 -13.20
CA ILE B 35 26.98 -29.80 -12.25
C ILE B 35 27.03 -31.10 -13.02
N GLN B 36 28.10 -31.86 -12.80
CA GLN B 36 28.36 -33.16 -13.49
C GLN B 36 28.97 -34.11 -12.44
N ASN B 37 28.25 -35.17 -12.12
CA ASN B 37 28.75 -36.19 -11.19
C ASN B 37 29.20 -35.55 -9.93
N ASN B 38 28.33 -34.78 -9.33
CA ASN B 38 28.72 -34.11 -8.06
C ASN B 38 29.96 -33.17 -8.14
N LYS B 39 30.43 -32.80 -9.34
CA LYS B 39 31.38 -31.69 -9.47
C LYS B 39 30.67 -30.47 -10.05
N LYS B 40 30.99 -29.35 -9.43
CA LYS B 40 30.37 -28.06 -9.70
C LYS B 40 31.40 -27.17 -10.45
N TYR B 41 30.89 -26.46 -11.45
CA TYR B 41 31.67 -25.58 -12.30
C TYR B 41 30.87 -24.26 -12.35
N GLU B 42 31.48 -23.16 -11.90
CA GLU B 42 30.81 -21.87 -11.83
C GLU B 42 31.55 -20.83 -12.74
N MET B 43 30.78 -20.21 -13.65
CA MET B 43 31.24 -19.15 -14.54
C MET B 43 30.46 -17.87 -14.37
N TYR B 44 31.19 -16.79 -14.17
CA TYR B 44 30.59 -15.50 -13.90
C TYR B 44 31.05 -14.47 -14.91
N TYR B 45 30.13 -13.64 -15.39
CA TYR B 45 30.41 -12.64 -16.41
C TYR B 45 29.85 -11.33 -15.99
N GLY B 46 30.60 -10.25 -16.25
CA GLY B 46 29.98 -8.93 -16.21
C GLY B 46 29.67 -8.41 -14.85
N LEU B 47 28.62 -7.61 -14.73
CA LEU B 47 28.37 -6.80 -13.57
C LEU B 47 27.01 -7.05 -12.91
N GLN B 48 27.02 -7.22 -11.60
CA GLN B 48 25.73 -7.26 -10.84
C GLN B 48 25.09 -5.90 -10.68
N SER B 49 25.92 -4.86 -10.68
CA SER B 49 25.47 -3.47 -10.65
C SER B 49 26.37 -2.63 -11.62
N VAL B 50 25.79 -2.14 -12.69
CA VAL B 50 26.53 -1.30 -13.63
C VAL B 50 27.06 -0.03 -12.90
N GLN B 51 26.19 0.66 -12.22
CA GLN B 51 26.60 1.95 -11.65
C GLN B 51 27.57 1.79 -10.49
N ASP B 52 27.49 0.69 -9.73
CA ASP B 52 28.48 0.41 -8.66
C ASP B 52 29.76 -0.28 -9.17
N LYS B 53 29.81 -0.61 -10.46
CA LYS B 53 30.92 -1.38 -11.01
C LYS B 53 31.22 -2.66 -10.21
N LYS B 54 30.17 -3.38 -9.80
CA LYS B 54 30.31 -4.52 -8.91
C LYS B 54 30.22 -5.79 -9.79
N ALA B 55 31.24 -6.62 -9.81
CA ALA B 55 31.28 -7.80 -10.71
C ALA B 55 30.35 -8.88 -10.19
N VAL B 56 29.77 -9.63 -11.12
CA VAL B 56 29.01 -10.84 -10.74
C VAL B 56 29.99 -11.86 -10.18
N ASN B 57 29.60 -12.49 -9.07
CA ASN B 57 30.43 -13.49 -8.41
C ASN B 57 29.54 -14.51 -7.69
N SER B 58 30.18 -15.40 -6.92
CA SER B 58 29.45 -16.43 -6.18
C SER B 58 28.48 -15.95 -5.11
N ASN B 59 28.68 -14.73 -4.60
CA ASN B 59 27.77 -14.06 -3.67
C ASN B 59 26.61 -13.30 -4.29
N THR B 60 26.64 -13.13 -5.63
CA THR B 60 25.57 -12.38 -6.26
C THR B 60 24.21 -13.01 -6.14
N ILE B 61 23.25 -12.23 -5.68
CA ILE B 61 21.87 -12.68 -5.49
C ILE B 61 21.07 -12.19 -6.67
N PHE B 62 20.40 -13.14 -7.34
CA PHE B 62 19.55 -12.86 -8.50
C PHE B 62 18.08 -13.22 -8.14
N GLU B 63 17.14 -12.53 -8.79
CA GLU B 63 15.74 -12.89 -8.78
C GLU B 63 15.54 -14.11 -9.71
N LEU B 64 14.90 -15.12 -9.18
CA LEU B 64 14.64 -16.36 -9.89
C LEU B 64 13.37 -16.35 -10.66
N GLY B 65 12.47 -15.38 -10.39
CA GLY B 65 11.21 -15.36 -11.12
C GLY B 65 10.43 -16.66 -10.90
N SER B 66 9.81 -17.15 -11.95
CA SER B 66 9.04 -18.38 -11.86
C SER B 66 9.82 -19.66 -11.44
N VAL B 67 11.16 -19.62 -11.37
CA VAL B 67 11.93 -20.74 -10.84
C VAL B 67 11.61 -20.87 -9.36
N SER B 68 11.07 -19.81 -8.77
CA SER B 68 10.52 -19.86 -7.42
C SER B 68 9.45 -20.97 -7.23
N LYS B 69 8.68 -21.23 -8.27
CA LYS B 69 7.63 -22.26 -8.28
C LYS B 69 8.17 -23.61 -7.96
N LEU B 70 9.47 -23.82 -8.19
CA LEU B 70 10.04 -25.12 -7.89
C LEU B 70 10.21 -25.30 -6.36
N PHE B 71 10.47 -24.20 -5.68
CA PHE B 71 10.54 -24.23 -4.22
C PHE B 71 9.18 -24.43 -3.61
N THR B 72 8.18 -23.73 -4.12
CA THR B 72 6.78 -23.94 -3.73
C THR B 72 6.34 -25.37 -3.90
N ALA B 73 6.71 -25.95 -5.04
CA ALA B 73 6.41 -27.36 -5.31
C ALA B 73 7.07 -28.25 -4.33
N THR B 74 8.32 -27.94 -4.01
CA THR B 74 9.09 -28.77 -3.12
C THR B 74 8.46 -28.71 -1.70
N ALA B 75 8.05 -27.52 -1.31
CA ALA B 75 7.34 -27.26 -0.04
C ALA B 75 6.04 -28.08 0.03
N GLY B 76 5.24 -28.08 -1.05
CA GLY B 76 4.03 -28.92 -1.17
C GLY B 76 4.31 -30.41 -1.06
N GLY B 77 5.39 -30.86 -1.67
CA GLY B 77 5.76 -32.23 -1.62
C GLY B 77 6.17 -32.62 -0.20
N TYR B 78 6.83 -31.70 0.48
CA TYR B 78 7.27 -31.91 1.85
C TYR B 78 6.06 -32.06 2.78
N ALA B 79 5.13 -31.11 2.69
CA ALA B 79 3.89 -31.11 3.47
C ALA B 79 3.04 -32.38 3.24
N LYS B 80 2.99 -32.82 1.99
CA LYS B 80 2.21 -34.00 1.60
C LYS B 80 2.82 -35.22 2.17
N ASN B 81 4.13 -35.36 1.99
CA ASN B 81 4.79 -36.59 2.42
C ASN B 81 4.94 -36.68 3.94
N LYS B 82 4.84 -35.54 4.65
CA LYS B 82 4.65 -35.49 6.12
C LYS B 82 3.19 -35.70 6.57
N GLY B 83 2.26 -35.92 5.63
CA GLY B 83 0.86 -36.09 5.97
C GLY B 83 0.12 -34.81 6.35
N LYS B 84 0.68 -33.61 6.06
CA LYS B 84 0.03 -32.36 6.44
C LYS B 84 -1.05 -31.93 5.42
N ILE B 85 -0.88 -32.35 4.17
CA ILE B 85 -1.91 -32.19 3.14
C ILE B 85 -2.07 -33.43 2.35
N SER B 86 -3.21 -33.58 1.70
CA SER B 86 -3.33 -34.42 0.52
C SER B 86 -3.61 -33.53 -0.68
N PHE B 87 -3.05 -33.92 -1.83
CA PHE B 87 -3.32 -33.19 -3.09
C PHE B 87 -4.78 -33.25 -3.57
N ASP B 88 -5.58 -34.16 -3.01
CA ASP B 88 -7.05 -34.24 -3.34
C ASP B 88 -7.85 -33.37 -2.42
N ASP B 89 -7.23 -32.72 -1.42
CA ASP B 89 -7.91 -31.70 -0.61
C ASP B 89 -8.25 -30.45 -1.40
N THR B 90 -9.14 -29.65 -0.86
CA THR B 90 -9.48 -28.35 -1.41
C THR B 90 -9.04 -27.25 -0.44
N PRO B 91 -8.91 -26.01 -0.92
CA PRO B 91 -8.29 -24.94 -0.11
C PRO B 91 -9.02 -24.56 1.17
N GLY B 92 -10.32 -24.73 1.13
CA GLY B 92 -11.18 -24.44 2.25
C GLY B 92 -10.92 -25.29 3.49
N LYS B 93 -10.28 -26.44 3.32
CA LYS B 93 -9.91 -27.24 4.44
C LYS B 93 -8.85 -26.58 5.30
N TYR B 94 -8.09 -25.68 4.72
CA TYR B 94 -6.96 -25.03 5.39
C TYR B 94 -7.24 -23.57 5.58
N TRP B 95 -7.65 -22.85 4.52
CA TRP B 95 -8.03 -21.44 4.60
C TRP B 95 -9.55 -21.44 4.79
N LYS B 96 -9.98 -21.33 6.05
CA LYS B 96 -11.40 -21.67 6.40
C LYS B 96 -12.48 -20.72 5.81
N GLU B 97 -12.12 -19.48 5.56
CA GLU B 97 -13.01 -18.52 4.90
C GLU B 97 -13.26 -18.87 3.43
N LEU B 98 -12.54 -19.84 2.86
CA LEU B 98 -12.87 -20.32 1.49
C LEU B 98 -13.76 -21.58 1.46
N LYS B 99 -14.07 -22.11 2.64
CA LYS B 99 -14.96 -23.27 2.77
C LYS B 99 -16.31 -23.03 2.13
N ASN B 100 -16.73 -24.03 1.37
CA ASN B 100 -18.00 -24.07 0.64
C ASN B 100 -18.16 -22.90 -0.36
N THR B 101 -17.05 -22.25 -0.77
CA THR B 101 -17.07 -21.32 -1.92
C THR B 101 -16.76 -22.06 -3.21
N PRO B 102 -16.98 -21.38 -4.36
CA PRO B 102 -16.71 -22.10 -5.61
C PRO B 102 -15.28 -22.59 -5.81
N ILE B 103 -14.32 -21.82 -5.36
CA ILE B 103 -12.88 -22.26 -5.47
C ILE B 103 -12.58 -23.48 -4.60
N ASP B 104 -13.39 -23.71 -3.59
CA ASP B 104 -13.32 -24.93 -2.78
C ASP B 104 -13.72 -26.18 -3.53
N GLN B 105 -14.10 -26.04 -4.81
CA GLN B 105 -14.35 -27.22 -5.63
C GLN B 105 -13.07 -27.67 -6.36
N VAL B 106 -12.02 -26.85 -6.27
CA VAL B 106 -10.73 -27.11 -6.97
C VAL B 106 -9.78 -27.71 -5.97
N ASN B 107 -9.05 -28.78 -6.32
CA ASN B 107 -8.15 -29.46 -5.37
C ASN B 107 -6.74 -28.88 -5.48
N LEU B 108 -5.91 -29.24 -4.51
CA LEU B 108 -4.58 -28.66 -4.41
C LEU B 108 -3.72 -28.94 -5.59
N LEU B 109 -3.82 -30.14 -6.13
CA LEU B 109 -3.04 -30.46 -7.32
C LEU B 109 -3.40 -29.61 -8.50
N GLN B 110 -4.71 -29.38 -8.65
CA GLN B 110 -5.21 -28.59 -9.76
C GLN B 110 -4.76 -27.12 -9.60
N LEU B 111 -4.69 -26.60 -8.38
CA LEU B 111 -4.12 -25.32 -8.17
C LEU B 111 -2.61 -25.25 -8.43
N ALA B 112 -1.88 -26.22 -7.95
CA ALA B 112 -0.42 -26.26 -8.19
C ALA B 112 -0.04 -26.41 -9.68
N THR B 113 -0.91 -27.06 -10.45
CA THR B 113 -0.64 -27.32 -11.86
C THR B 113 -1.57 -26.55 -12.86
N TYR B 114 -2.15 -25.45 -12.42
CA TYR B 114 -2.77 -24.45 -13.25
C TYR B 114 -4.10 -24.87 -13.93
N THR B 115 -4.90 -25.78 -13.34
CA THR B 115 -6.07 -26.29 -14.06
C THR B 115 -7.38 -25.95 -13.39
N SER B 116 -7.40 -24.89 -12.60
CA SER B 116 -8.68 -24.40 -12.03
C SER B 116 -9.79 -24.16 -13.08
N GLY B 117 -9.34 -23.78 -14.25
CA GLY B 117 -10.17 -23.41 -15.38
C GLY B 117 -10.58 -21.96 -15.37
N ASN B 118 -10.15 -21.14 -14.40
CA ASN B 118 -10.42 -19.71 -14.49
C ASN B 118 -9.52 -18.88 -13.62
N LEU B 119 -8.20 -19.03 -13.83
CA LEU B 119 -7.19 -18.19 -13.22
C LEU B 119 -6.16 -17.83 -14.25
N ALA B 120 -6.01 -16.53 -14.43
CA ALA B 120 -5.18 -15.95 -15.44
C ALA B 120 -3.71 -15.86 -14.92
N LEU B 121 -2.81 -15.34 -15.75
CA LEU B 121 -1.39 -15.20 -15.38
C LEU B 121 -1.21 -14.41 -14.07
N GLN B 122 -1.87 -13.28 -13.95
CA GLN B 122 -1.71 -12.33 -12.82
C GLN B 122 -3.04 -12.11 -12.13
N PHE B 123 -2.98 -11.78 -10.85
CA PHE B 123 -4.12 -11.09 -10.23
C PHE B 123 -4.34 -9.75 -10.93
N PRO B 124 -5.56 -9.18 -10.79
CA PRO B 124 -5.75 -7.76 -11.08
C PRO B 124 -4.82 -6.88 -10.22
N ASP B 125 -4.34 -5.78 -10.78
CA ASP B 125 -3.45 -4.88 -10.06
C ASP B 125 -4.03 -4.41 -8.73
N GLU B 126 -5.33 -4.24 -8.67
CA GLU B 126 -5.97 -3.74 -7.44
C GLU B 126 -5.81 -4.68 -6.26
N VAL B 127 -5.59 -5.97 -6.54
CA VAL B 127 -5.47 -6.95 -5.46
C VAL B 127 -4.08 -6.81 -4.87
N GLN B 128 -3.99 -6.36 -3.62
CA GLN B 128 -2.66 -6.21 -3.03
C GLN B 128 -2.59 -6.81 -1.59
N THR B 129 -3.54 -6.42 -0.76
CA THR B 129 -3.55 -6.82 0.62
C THR B 129 -4.09 -8.25 0.78
N ASP B 130 -3.80 -8.82 1.95
CA ASP B 130 -4.32 -10.12 2.37
C ASP B 130 -5.82 -10.16 2.26
N GLN B 131 -6.52 -9.13 2.77
CA GLN B 131 -7.98 -9.13 2.70
C GLN B 131 -8.46 -9.07 1.23
N GLN B 132 -7.76 -8.35 0.37
CA GLN B 132 -8.12 -8.26 -1.06
C GLN B 132 -7.96 -9.61 -1.77
N VAL B 133 -6.92 -10.36 -1.39
CA VAL B 133 -6.65 -11.69 -1.95
C VAL B 133 -7.76 -12.60 -1.55
N LEU B 134 -8.12 -12.57 -0.26
CA LEU B 134 -9.20 -13.42 0.24
C LEU B 134 -10.51 -13.11 -0.50
N THR B 135 -10.89 -11.84 -0.58
CA THR B 135 -12.05 -11.37 -1.35
C THR B 135 -11.98 -11.88 -2.79
N PHE B 136 -10.81 -11.77 -3.41
CA PHE B 136 -10.70 -12.23 -4.84
C PHE B 136 -11.04 -13.74 -4.95
N PHE B 137 -10.56 -14.56 -4.04
CA PHE B 137 -10.88 -16.03 -4.12
C PHE B 137 -12.33 -16.37 -3.64
N LYS B 138 -12.86 -15.62 -2.67
CA LYS B 138 -14.27 -15.81 -2.25
C LYS B 138 -15.20 -15.54 -3.40
N ASP B 139 -14.83 -14.58 -4.25
CA ASP B 139 -15.68 -14.09 -5.33
C ASP B 139 -15.52 -14.91 -6.62
N TRP B 140 -14.50 -15.75 -6.69
CA TRP B 140 -14.19 -16.54 -7.88
C TRP B 140 -15.30 -17.50 -8.18
N LYS B 141 -15.58 -17.65 -9.47
CA LYS B 141 -16.50 -18.66 -10.02
C LYS B 141 -15.82 -19.38 -11.13
N PRO B 142 -16.22 -20.65 -11.35
CA PRO B 142 -15.56 -21.43 -12.38
C PRO B 142 -15.89 -20.90 -13.78
N LYS B 143 -15.07 -21.29 -14.75
CA LYS B 143 -15.32 -21.03 -16.15
C LYS B 143 -15.20 -22.33 -16.94
N ASN B 144 -13.98 -22.79 -17.23
CA ASN B 144 -13.78 -24.07 -17.93
C ASN B 144 -13.97 -25.25 -16.97
N PRO B 145 -14.30 -26.42 -17.48
CA PRO B 145 -14.34 -27.54 -16.59
C PRO B 145 -13.04 -27.75 -15.72
N ILE B 146 -13.26 -27.95 -14.44
CA ILE B 146 -12.17 -28.06 -13.49
C ILE B 146 -11.28 -29.26 -13.83
N GLY B 147 -9.99 -28.94 -13.92
CA GLY B 147 -8.99 -29.94 -14.13
C GLY B 147 -8.65 -30.26 -15.54
N GLU B 148 -9.35 -29.65 -16.51
CA GLU B 148 -9.13 -30.01 -17.90
C GLU B 148 -8.29 -29.04 -18.75
N TYR B 149 -8.17 -27.80 -18.31
CA TYR B 149 -7.49 -26.72 -19.07
C TYR B 149 -6.36 -26.11 -18.27
N ARG B 150 -5.14 -26.21 -18.79
CA ARG B 150 -4.02 -25.55 -18.20
C ARG B 150 -3.88 -24.10 -18.67
N GLN B 151 -3.90 -23.15 -17.70
CA GLN B 151 -3.56 -21.76 -17.96
C GLN B 151 -2.53 -21.36 -16.96
N TYR B 152 -1.30 -21.13 -17.41
CA TYR B 152 -0.21 -20.83 -16.54
C TYR B 152 -0.55 -19.62 -15.68
N SER B 153 -0.41 -19.73 -14.34
CA SER B 153 -1.03 -18.75 -13.44
C SER B 153 -0.32 -18.54 -12.11
N ASN B 154 0.04 -17.29 -11.84
CA ASN B 154 0.63 -16.93 -10.54
C ASN B 154 -0.37 -17.08 -9.38
N PRO B 155 -1.59 -16.55 -9.50
CA PRO B 155 -2.59 -16.76 -8.42
C PRO B 155 -2.88 -18.21 -8.11
N SER B 156 -2.86 -19.08 -9.13
CA SER B 156 -3.18 -20.48 -8.92
C SER B 156 -2.11 -21.19 -8.00
N ILE B 157 -0.85 -21.12 -8.39
CA ILE B 157 0.19 -21.73 -7.59
C ILE B 157 0.47 -20.95 -6.34
N GLY B 158 0.20 -19.64 -6.37
CA GLY B 158 0.19 -18.76 -5.19
C GLY B 158 -0.72 -19.26 -4.08
N LEU B 159 -1.93 -19.58 -4.47
CA LEU B 159 -2.97 -20.13 -3.52
C LEU B 159 -2.52 -21.46 -2.97
N PHE B 160 -2.00 -22.29 -3.86
CA PHE B 160 -1.37 -23.52 -3.42
C PHE B 160 -0.33 -23.30 -2.33
N GLY B 161 0.60 -22.35 -2.59
CA GLY B 161 1.65 -22.04 -1.64
C GLY B 161 1.11 -21.62 -0.27
N LYS B 162 0.14 -20.73 -0.32
CA LYS B 162 -0.54 -20.25 0.87
C LYS B 162 -1.11 -21.35 1.69
N VAL B 163 -1.84 -22.26 1.05
CA VAL B 163 -2.40 -23.44 1.70
C VAL B 163 -1.32 -24.35 2.29
N VAL B 164 -0.23 -24.57 1.53
CA VAL B 164 0.87 -25.39 2.06
C VAL B 164 1.37 -24.77 3.36
N ALA B 165 1.53 -23.45 3.34
CA ALA B 165 2.03 -22.74 4.52
C ALA B 165 1.05 -22.88 5.68
N LEU B 166 -0.22 -22.66 5.44
CA LEU B 166 -1.25 -22.94 6.46
C LEU B 166 -1.17 -24.34 7.10
N SER B 167 -0.98 -25.36 6.31
CA SER B 167 -0.92 -26.74 6.81
C SER B 167 0.28 -26.96 7.68
N MET B 168 1.35 -26.16 7.49
CA MET B 168 2.61 -26.26 8.25
C MET B 168 2.70 -25.23 9.43
N ASN B 169 1.63 -24.47 9.64
CA ASN B 169 1.50 -23.45 10.71
C ASN B 169 2.57 -22.41 10.76
N LYS B 170 2.99 -21.97 9.58
CA LYS B 170 3.87 -20.80 9.53
C LYS B 170 3.70 -20.07 8.23
N PRO B 171 4.05 -18.80 8.21
CA PRO B 171 3.85 -18.09 6.96
C PRO B 171 4.77 -18.66 5.89
N PHE B 172 4.37 -18.55 4.62
CA PHE B 172 5.12 -19.08 3.51
C PHE B 172 6.63 -18.69 3.47
N ASP B 173 6.97 -17.44 3.71
CA ASP B 173 8.39 -17.07 3.86
C ASP B 173 9.20 -17.88 4.84
N GLN B 174 8.57 -18.22 5.95
CA GLN B 174 9.18 -19.02 7.00
C GLN B 174 9.25 -20.50 6.59
N VAL B 175 8.24 -20.99 5.89
CA VAL B 175 8.30 -22.37 5.34
C VAL B 175 9.57 -22.52 4.51
N LEU B 176 9.87 -21.59 3.60
CA LEU B 176 11.05 -21.68 2.86
C LEU B 176 12.32 -21.37 3.68
N GLU B 177 12.30 -20.25 4.40
CA GLU B 177 13.55 -19.79 5.00
C GLU B 177 13.99 -20.62 6.20
N LYS B 178 13.03 -21.14 6.93
CA LYS B 178 13.34 -21.97 8.10
C LYS B 178 13.25 -23.47 7.90
N THR B 179 12.44 -23.99 6.96
CA THR B 179 12.36 -25.46 6.81
C THR B 179 12.98 -25.94 5.52
N ILE B 180 12.49 -25.44 4.37
CA ILE B 180 12.86 -26.01 3.09
C ILE B 180 14.28 -25.65 2.62
N PHE B 181 14.65 -24.37 2.55
CA PHE B 181 16.03 -24.03 2.25
C PHE B 181 17.07 -24.73 3.13
N PRO B 182 16.90 -24.71 4.48
CA PRO B 182 17.89 -25.45 5.31
C PRO B 182 17.94 -26.95 5.03
N ALA B 183 16.79 -27.56 4.76
CA ALA B 183 16.76 -28.98 4.36
C ALA B 183 17.47 -29.28 3.05
N LEU B 184 17.49 -28.32 2.11
CA LEU B 184 18.22 -28.54 0.88
C LEU B 184 19.69 -28.09 0.93
N GLY B 185 20.18 -27.73 2.10
CA GLY B 185 21.48 -27.09 2.26
C GLY B 185 21.75 -25.73 1.58
N LEU B 186 20.71 -24.93 1.40
CA LEU B 186 20.84 -23.61 0.83
C LEU B 186 21.02 -22.57 1.94
N LYS B 187 22.09 -21.81 1.82
CA LYS B 187 22.54 -20.83 2.76
C LYS B 187 22.36 -19.42 2.33
N HIS B 188 22.13 -19.18 1.03
CA HIS B 188 22.06 -17.86 0.50
C HIS B 188 20.82 -17.69 -0.41
N SER B 189 19.70 -18.24 0.03
CA SER B 189 18.45 -18.17 -0.71
C SER B 189 17.41 -17.56 0.17
N TYR B 190 16.66 -16.62 -0.40
CA TYR B 190 15.74 -15.76 0.34
C TYR B 190 14.42 -15.53 -0.28
N VAL B 191 13.35 -15.39 0.55
CA VAL B 191 12.13 -14.73 0.14
C VAL B 191 12.27 -13.20 0.35
N ASN B 192 12.79 -12.81 1.51
CA ASN B 192 13.14 -11.40 1.88
C ASN B 192 14.63 -11.32 2.13
N VAL B 193 15.35 -10.61 1.25
CA VAL B 193 16.79 -10.45 1.33
C VAL B 193 16.95 -9.48 2.50
N PRO B 194 17.63 -9.92 3.57
CA PRO B 194 17.88 -9.06 4.74
C PRO B 194 18.78 -7.88 4.38
N LYS B 195 18.65 -6.80 5.16
CA LYS B 195 19.46 -5.55 4.98
C LYS B 195 20.94 -5.85 4.82
N THR B 196 21.41 -6.80 5.59
CA THR B 196 22.80 -7.20 5.63
C THR B 196 23.32 -7.97 4.41
N GLN B 197 22.42 -8.37 3.52
CA GLN B 197 22.75 -9.02 2.25
C GLN B 197 22.40 -8.18 1.06
N MET B 198 21.90 -6.97 1.28
CA MET B 198 21.41 -6.14 0.19
C MET B 198 22.50 -5.73 -0.73
N GLN B 199 23.71 -5.59 -0.21
CA GLN B 199 24.85 -5.33 -1.07
C GLN B 199 25.15 -6.40 -2.12
N ASN B 200 24.67 -7.63 -1.89
CA ASN B 200 24.94 -8.70 -2.84
C ASN B 200 23.81 -8.87 -3.85
N TYR B 201 22.68 -8.18 -3.64
CA TYR B 201 21.51 -8.29 -4.44
C TYR B 201 21.75 -7.44 -5.73
N ALA B 202 21.87 -8.13 -6.84
CA ALA B 202 22.07 -7.44 -8.14
C ALA B 202 20.93 -6.47 -8.35
N PHE B 203 21.22 -5.37 -9.06
CA PHE B 203 20.17 -4.74 -9.84
C PHE B 203 19.75 -5.68 -11.02
N GLY B 204 18.45 -5.70 -11.32
CA GLY B 204 17.91 -6.11 -12.63
C GLY B 204 18.00 -4.96 -13.57
N TYR B 205 17.85 -5.26 -14.86
CA TYR B 205 17.89 -4.28 -15.93
C TYR B 205 16.81 -4.55 -16.92
N ASN B 206 16.03 -3.52 -17.20
CA ASN B 206 14.89 -3.66 -18.09
C ASN B 206 15.36 -3.58 -19.53
N GLN B 207 14.41 -3.53 -20.43
CA GLN B 207 14.77 -3.56 -21.82
C GLN B 207 15.47 -2.30 -22.33
N GLU B 208 15.42 -1.17 -21.59
CA GLU B 208 16.25 0.00 -21.89
C GLU B 208 17.52 0.04 -21.02
N ASN B 209 17.90 -1.10 -20.43
CA ASN B 209 19.03 -1.22 -19.51
C ASN B 209 18.99 -0.25 -18.30
N GLN B 210 17.79 0.03 -17.80
CA GLN B 210 17.57 0.82 -16.63
C GLN B 210 17.43 -0.19 -15.45
N PRO B 211 18.06 0.14 -14.34
CA PRO B 211 18.06 -0.70 -13.16
C PRO B 211 16.69 -0.77 -12.50
N ILE B 212 16.28 -2.01 -12.12
CA ILE B 212 14.93 -2.28 -11.64
C ILE B 212 15.00 -3.54 -10.77
N ARG B 213 14.05 -3.71 -9.86
CA ARG B 213 13.85 -4.93 -9.13
C ARG B 213 12.36 -5.25 -9.09
N VAL B 214 12.06 -6.48 -8.70
CA VAL B 214 10.72 -7.02 -8.69
C VAL B 214 9.78 -6.19 -7.84
N ASN B 215 8.59 -6.02 -8.31
CA ASN B 215 7.59 -5.31 -7.54
C ASN B 215 6.89 -6.21 -6.49
N PRO B 216 6.72 -5.74 -5.23
CA PRO B 216 5.91 -6.52 -4.26
C PRO B 216 4.51 -6.74 -4.80
N GLY B 217 3.98 -7.94 -4.54
CA GLY B 217 2.64 -8.29 -4.98
C GLY B 217 1.94 -9.37 -4.20
N PRO B 218 0.61 -9.54 -4.43
CA PRO B 218 -0.18 -10.58 -3.79
C PRO B 218 0.35 -11.99 -4.16
N LEU B 219 0.62 -12.74 -3.12
CA LEU B 219 1.20 -14.09 -3.14
C LEU B 219 2.33 -14.13 -4.06
N ASP B 220 3.17 -13.12 -3.97
CA ASP B 220 4.35 -13.05 -4.78
C ASP B 220 5.40 -14.11 -4.45
N ALA B 221 5.67 -14.35 -3.18
CA ALA B 221 6.72 -15.27 -2.80
C ALA B 221 6.60 -16.68 -3.43
N PRO B 222 5.41 -17.31 -3.35
CA PRO B 222 5.33 -18.67 -3.88
C PRO B 222 5.31 -18.71 -5.39
N ALA B 223 4.93 -17.63 -6.03
CA ALA B 223 4.88 -17.68 -7.51
C ALA B 223 6.15 -17.18 -8.21
N TYR B 224 6.79 -16.14 -7.69
CA TYR B 224 7.96 -15.58 -8.34
C TYR B 224 8.88 -14.77 -7.46
N GLY B 225 8.83 -14.95 -6.15
CA GLY B 225 9.56 -14.05 -5.26
C GLY B 225 10.80 -14.53 -4.53
N VAL B 226 11.43 -15.61 -4.99
CA VAL B 226 12.67 -16.12 -4.39
C VAL B 226 13.88 -15.60 -5.13
N LYS B 227 14.91 -15.29 -4.34
CA LYS B 227 16.16 -14.85 -4.78
C LYS B 227 17.25 -15.78 -4.28
N SER B 228 18.28 -16.02 -5.11
CA SER B 228 19.35 -16.93 -4.80
C SER B 228 20.62 -16.65 -5.55
N THR B 229 21.62 -17.45 -5.25
CA THR B 229 22.93 -17.34 -5.79
C THR B 229 23.22 -18.51 -6.68
N LEU B 230 24.22 -18.40 -7.57
CA LEU B 230 24.62 -19.56 -8.36
C LEU B 230 24.98 -20.81 -7.54
N PRO B 231 25.84 -20.69 -6.55
CA PRO B 231 26.18 -21.91 -5.78
C PRO B 231 24.98 -22.58 -5.13
N ASP B 232 24.04 -21.81 -4.64
CA ASP B 232 22.83 -22.36 -4.09
C ASP B 232 21.97 -23.05 -5.12
N MET B 233 21.88 -22.47 -6.30
CA MET B 233 21.10 -23.13 -7.35
C MET B 233 21.73 -24.43 -7.83
N LEU B 234 23.05 -24.48 -7.92
CA LEU B 234 23.74 -25.73 -8.18
C LEU B 234 23.46 -26.79 -7.11
N SER B 235 23.44 -26.37 -5.85
CA SER B 235 23.08 -27.27 -4.76
C SER B 235 21.65 -27.79 -4.91
N PHE B 236 20.72 -26.87 -5.25
CA PHE B 236 19.36 -27.31 -5.57
C PHE B 236 19.28 -28.31 -6.72
N ILE B 237 19.99 -28.04 -7.80
CA ILE B 237 20.09 -29.02 -8.90
C ILE B 237 20.70 -30.37 -8.40
N HIS B 238 21.78 -30.30 -7.59
CA HIS B 238 22.35 -31.48 -6.97
C HIS B 238 21.27 -32.33 -6.25
N ALA B 239 20.46 -31.68 -5.42
CA ALA B 239 19.38 -32.33 -4.67
C ALA B 239 18.39 -32.99 -5.59
N ASN B 240 18.09 -32.36 -6.73
CA ASN B 240 17.19 -32.94 -7.72
C ASN B 240 17.75 -34.12 -8.46
N LEU B 241 19.06 -34.07 -8.67
CA LEU B 241 19.78 -35.17 -9.30
C LEU B 241 20.06 -36.34 -8.39
N ASN B 242 20.18 -36.10 -7.09
CA ASN B 242 20.52 -37.12 -6.05
C ASN B 242 19.62 -37.07 -4.82
N PRO B 243 18.27 -37.16 -5.03
CA PRO B 243 17.43 -37.08 -3.86
C PRO B 243 17.68 -38.15 -2.79
N GLN B 244 18.22 -39.30 -3.20
CA GLN B 244 18.49 -40.40 -2.26
C GLN B 244 19.57 -40.06 -1.25
N LYS B 245 20.35 -38.99 -1.48
CA LYS B 245 21.37 -38.57 -0.51
C LYS B 245 20.82 -37.64 0.52
N TYR B 246 19.51 -37.36 0.54
CA TYR B 246 18.93 -36.45 1.52
C TYR B 246 18.06 -37.23 2.48
N PRO B 247 17.80 -36.68 3.68
CA PRO B 247 16.84 -37.36 4.63
C PRO B 247 15.49 -37.62 3.98
N THR B 248 14.79 -38.61 4.51
CA THR B 248 13.51 -39.05 3.98
C THR B 248 12.50 -37.96 3.67
N ASP B 249 12.31 -36.98 4.52
CA ASP B 249 11.20 -36.01 4.30
C ASP B 249 11.46 -35.10 3.07
N ILE B 250 12.66 -34.59 2.95
CA ILE B 250 12.99 -33.75 1.79
C ILE B 250 13.26 -34.55 0.52
N GLN B 251 13.82 -35.76 0.67
CA GLN B 251 13.92 -36.72 -0.42
C GLN B 251 12.55 -37.03 -1.10
N ARG B 252 11.58 -37.41 -0.30
CA ARG B 252 10.23 -37.68 -0.81
C ARG B 252 9.63 -36.41 -1.45
N ALA B 253 9.91 -35.27 -0.85
CA ALA B 253 9.50 -33.95 -1.36
C ALA B 253 10.04 -33.67 -2.75
N ILE B 254 11.34 -33.92 -2.92
CA ILE B 254 11.95 -33.73 -4.23
C ILE B 254 11.35 -34.67 -5.25
N ASN B 255 11.30 -35.95 -4.90
CA ASN B 255 10.71 -36.94 -5.79
C ASN B 255 9.28 -36.63 -6.18
N GLU B 256 8.51 -36.10 -5.23
CA GLU B 256 7.13 -35.67 -5.51
C GLU B 256 7.08 -34.62 -6.62
N THR B 257 8.04 -33.70 -6.64
CA THR B 257 8.10 -32.74 -7.71
C THR B 257 8.44 -33.26 -9.11
N HIS B 258 8.99 -34.46 -9.22
CA HIS B 258 9.32 -34.99 -10.49
C HIS B 258 8.21 -35.79 -11.13
N GLN B 259 7.08 -35.95 -10.49
CA GLN B 259 6.09 -36.87 -11.02
C GLN B 259 5.19 -36.12 -11.97
N GLY B 260 5.16 -36.51 -13.20
CA GLY B 260 4.24 -35.91 -14.18
C GLY B 260 2.79 -36.17 -13.87
N ARG B 261 1.97 -35.19 -14.07
CA ARG B 261 0.55 -35.24 -13.68
C ARG B 261 -0.37 -35.36 -14.91
N TYR B 262 0.08 -34.78 -16.01
CA TYR B 262 -0.64 -34.67 -17.26
C TYR B 262 0.30 -34.20 -18.33
N GLN B 263 -0.14 -34.28 -19.60
CA GLN B 263 0.59 -33.70 -20.69
C GLN B 263 -0.10 -32.65 -21.52
N VAL B 264 0.71 -31.74 -22.06
CA VAL B 264 0.32 -30.89 -23.16
C VAL B 264 1.29 -31.23 -24.29
N ASN B 265 0.84 -32.15 -25.17
CA ASN B 265 1.71 -32.74 -26.16
C ASN B 265 2.94 -33.35 -25.53
N THR B 266 4.12 -32.86 -25.86
CA THR B 266 5.40 -33.48 -25.45
C THR B 266 5.82 -33.01 -24.05
N MET B 267 5.13 -32.01 -23.51
CA MET B 267 5.45 -31.46 -22.18
C MET B 267 4.64 -32.15 -21.14
N TYR B 268 5.30 -32.73 -20.15
CA TYR B 268 4.66 -33.35 -18.97
C TYR B 268 4.67 -32.32 -17.91
N GLN B 269 3.49 -31.98 -17.32
CA GLN B 269 3.52 -31.05 -16.23
C GLN B 269 3.70 -31.80 -14.90
N ALA B 270 4.85 -31.58 -14.26
CA ALA B 270 5.09 -32.12 -12.89
C ALA B 270 4.74 -31.02 -11.94
N LEU B 271 5.20 -31.10 -10.67
CA LEU B 271 4.87 -30.04 -9.73
C LEU B 271 5.98 -29.00 -9.88
N GLY B 272 5.65 -27.82 -10.49
CA GLY B 272 6.66 -26.81 -10.81
C GLY B 272 7.50 -27.11 -12.02
N TRP B 273 8.23 -28.23 -11.98
CA TRP B 273 9.02 -28.69 -13.08
C TRP B 273 8.18 -29.01 -14.30
N GLU B 274 8.75 -28.69 -15.42
CA GLU B 274 8.30 -29.31 -16.69
C GLU B 274 9.16 -30.46 -16.97
N GLU B 275 8.56 -31.52 -17.47
CA GLU B 275 9.23 -32.82 -17.69
C GLU B 275 9.16 -33.26 -19.14
N PHE B 276 10.13 -34.05 -19.64
CA PHE B 276 10.12 -34.43 -21.04
C PHE B 276 10.80 -35.80 -21.10
N SER B 277 10.37 -36.59 -22.06
CA SER B 277 11.01 -37.82 -22.38
C SER B 277 12.45 -37.57 -22.81
N TYR B 278 13.40 -38.33 -22.23
CA TYR B 278 14.79 -38.14 -22.58
C TYR B 278 15.30 -39.36 -23.39
N PRO B 279 16.05 -39.18 -24.49
CA PRO B 279 16.56 -37.88 -24.98
C PRO B 279 15.47 -36.99 -25.56
N ALA B 280 15.58 -35.68 -25.30
CA ALA B 280 14.62 -34.73 -25.80
C ALA B 280 15.21 -33.94 -26.96
N THR B 281 14.47 -33.73 -28.03
CA THR B 281 14.92 -32.74 -29.04
C THR B 281 14.90 -31.30 -28.53
N LEU B 282 15.79 -30.46 -29.14
CA LEU B 282 15.75 -29.04 -28.90
C LEU B 282 14.36 -28.45 -29.14
N GLN B 283 13.72 -28.81 -30.26
CA GLN B 283 12.38 -28.29 -30.51
C GLN B 283 11.35 -28.64 -29.48
N THR B 284 11.39 -29.85 -28.94
CA THR B 284 10.48 -30.17 -27.86
C THR B 284 10.62 -29.19 -26.67
N LEU B 285 11.87 -28.95 -26.29
CA LEU B 285 12.18 -28.03 -25.14
C LEU B 285 11.76 -26.62 -25.48
N LEU B 286 11.97 -26.20 -26.72
CA LEU B 286 11.55 -24.84 -27.11
C LEU B 286 9.98 -24.70 -27.14
N ASP B 287 9.32 -25.75 -27.65
CA ASP B 287 7.83 -25.81 -27.74
C ASP B 287 7.18 -25.60 -26.38
N SER B 288 7.86 -26.08 -25.35
CA SER B 288 7.29 -26.05 -24.02
C SER B 288 6.96 -24.64 -23.56
N ASN B 289 7.71 -23.69 -24.04
CA ASN B 289 7.58 -22.29 -23.59
C ASN B 289 7.10 -21.34 -24.71
N SER B 290 6.38 -21.92 -25.65
CA SER B 290 5.81 -21.18 -26.75
C SER B 290 4.77 -20.21 -26.19
N GLU B 291 4.55 -19.09 -26.86
CA GLU B 291 3.44 -18.21 -26.44
C GLU B 291 2.07 -18.95 -26.20
N GLN B 292 1.75 -19.91 -27.05
CA GLN B 292 0.50 -20.67 -26.92
C GLN B 292 0.40 -21.44 -25.56
N ILE B 293 1.50 -22.07 -25.13
CA ILE B 293 1.55 -22.85 -23.88
C ILE B 293 1.58 -21.91 -22.70
N VAL B 294 2.36 -20.85 -22.78
CA VAL B 294 2.58 -20.05 -21.66
C VAL B 294 1.40 -19.10 -21.41
N MET B 295 0.84 -18.52 -22.46
CA MET B 295 -0.10 -17.38 -22.32
C MET B 295 -1.55 -17.74 -22.53
N LYS B 296 -1.83 -18.92 -23.06
CA LYS B 296 -3.19 -19.25 -23.35
C LYS B 296 -3.62 -20.54 -22.68
N PRO B 297 -4.94 -20.78 -22.62
CA PRO B 297 -5.45 -22.05 -22.03
C PRO B 297 -5.22 -23.15 -23.00
N ASN B 298 -4.77 -24.31 -22.54
CA ASN B 298 -4.64 -25.50 -23.32
C ASN B 298 -5.23 -26.70 -22.66
N LYS B 299 -6.08 -27.41 -23.41
CA LYS B 299 -6.69 -28.63 -22.86
C LYS B 299 -5.60 -29.66 -22.59
N VAL B 300 -5.63 -30.28 -21.41
CA VAL B 300 -4.64 -31.27 -21.04
C VAL B 300 -5.05 -32.65 -21.49
N THR B 301 -4.07 -33.55 -21.56
CA THR B 301 -4.39 -35.00 -21.76
C THR B 301 -3.80 -35.82 -20.66
N ALA B 302 -4.42 -36.94 -20.39
CA ALA B 302 -3.90 -37.92 -19.48
C ALA B 302 -2.57 -38.41 -20.00
N ILE B 303 -1.65 -38.70 -19.09
CA ILE B 303 -0.42 -39.29 -19.52
C ILE B 303 -0.74 -40.71 -20.08
N SER B 304 -0.44 -40.95 -21.34
CA SER B 304 -0.63 -42.28 -21.92
C SER B 304 0.67 -42.99 -22.34
N LYS B 305 1.80 -42.29 -22.34
CA LYS B 305 3.14 -42.90 -22.36
C LYS B 305 3.98 -42.27 -21.27
N GLU B 306 4.29 -43.01 -20.21
CA GLU B 306 5.21 -42.60 -19.15
C GLU B 306 6.63 -43.09 -19.50
N PRO B 307 7.52 -42.18 -19.90
CA PRO B 307 8.88 -42.65 -20.23
C PRO B 307 9.69 -43.08 -19.00
N SER B 308 10.65 -43.96 -19.23
CA SER B 308 11.48 -44.51 -18.21
C SER B 308 12.45 -43.41 -17.82
N VAL B 309 12.94 -42.68 -18.80
CA VAL B 309 14.00 -41.70 -18.57
C VAL B 309 13.53 -40.31 -18.99
N LYS B 310 13.73 -39.35 -18.12
CA LYS B 310 13.24 -37.99 -18.29
C LYS B 310 14.29 -36.92 -18.13
N MET B 311 13.97 -35.71 -18.63
CA MET B 311 14.74 -34.52 -18.25
C MET B 311 13.70 -33.47 -17.78
N TYR B 312 14.18 -32.43 -17.09
CA TYR B 312 13.29 -31.47 -16.45
C TYR B 312 13.88 -30.10 -16.63
N HIS B 313 13.04 -29.12 -16.91
CA HIS B 313 13.51 -27.75 -16.89
C HIS B 313 12.47 -26.75 -16.39
N LYS B 314 12.92 -25.51 -16.15
CA LYS B 314 11.99 -24.45 -15.77
C LYS B 314 12.69 -23.14 -16.12
N THR B 315 11.89 -22.24 -16.69
CA THR B 315 12.33 -20.89 -16.96
C THR B 315 11.87 -20.00 -15.83
N GLY B 316 12.50 -18.84 -15.71
CA GLY B 316 11.91 -17.77 -14.84
C GLY B 316 12.28 -16.42 -15.38
N SER B 317 11.37 -15.47 -15.26
CA SER B 317 11.70 -14.11 -15.60
C SER B 317 11.02 -13.17 -14.60
C SER B 317 11.02 -13.17 -14.60
N THR B 318 11.73 -12.12 -14.25
CA THR B 318 11.08 -10.92 -13.64
C THR B 318 11.34 -9.77 -14.59
N SER B 319 10.86 -8.53 -14.29
CA SER B 319 11.10 -7.39 -15.21
C SER B 319 12.57 -7.22 -15.57
N GLY B 320 13.45 -7.49 -14.61
CA GLY B 320 14.86 -7.32 -14.76
C GLY B 320 15.80 -8.54 -14.73
N PHE B 321 15.27 -9.76 -14.77
CA PHE B 321 16.15 -10.93 -14.57
C PHE B 321 15.61 -12.08 -15.37
N GLY B 322 16.54 -12.90 -15.86
CA GLY B 322 16.20 -14.16 -16.51
C GLY B 322 16.87 -15.33 -15.81
N THR B 323 16.16 -16.47 -15.85
CA THR B 323 16.60 -17.69 -15.19
C THR B 323 16.26 -18.86 -16.05
N TYR B 324 17.11 -19.89 -15.98
CA TYR B 324 16.81 -21.16 -16.58
C TYR B 324 17.59 -22.23 -15.82
N VAL B 325 16.88 -23.33 -15.52
CA VAL B 325 17.44 -24.47 -14.81
CA VAL B 325 17.44 -24.48 -14.81
C VAL B 325 16.98 -25.74 -15.52
N VAL B 326 17.91 -26.65 -15.74
CA VAL B 326 17.61 -27.91 -16.40
C VAL B 326 18.48 -29.02 -15.75
N PHE B 327 17.94 -30.28 -15.67
CA PHE B 327 18.71 -31.37 -15.23
C PHE B 327 18.29 -32.66 -15.93
N ILE B 328 19.27 -33.57 -16.05
CA ILE B 328 19.08 -34.87 -16.70
C ILE B 328 19.58 -36.02 -15.84
N PRO B 329 18.70 -36.71 -15.11
CA PRO B 329 19.20 -37.67 -14.11
C PRO B 329 20.11 -38.78 -14.73
N LYS B 330 19.83 -39.21 -15.95
CA LYS B 330 20.52 -40.35 -16.55
C LYS B 330 21.97 -40.01 -16.77
N GLU B 331 22.25 -38.74 -17.12
CA GLU B 331 23.60 -38.27 -17.35
C GLU B 331 24.21 -37.64 -16.10
N ASN B 332 23.52 -37.63 -14.98
CA ASN B 332 23.92 -36.96 -13.73
C ASN B 332 24.48 -35.54 -13.92
N ILE B 333 23.74 -34.73 -14.70
CA ILE B 333 24.24 -33.42 -15.15
C ILE B 333 23.11 -32.39 -15.12
N GLY B 334 23.42 -31.15 -14.86
CA GLY B 334 22.37 -30.10 -14.82
C GLY B 334 23.05 -28.78 -15.02
N LEU B 335 22.27 -27.74 -15.28
CA LEU B 335 22.82 -26.43 -15.59
C LEU B 335 21.88 -25.38 -15.03
N VAL B 336 22.46 -24.28 -14.63
CA VAL B 336 21.69 -23.10 -14.17
C VAL B 336 22.31 -21.88 -14.89
N MET B 337 21.41 -21.03 -15.35
CA MET B 337 21.71 -19.70 -15.92
C MET B 337 20.97 -18.65 -15.21
N LEU B 338 21.68 -17.64 -14.70
CA LEU B 338 21.07 -16.47 -14.11
C LEU B 338 21.58 -15.20 -14.82
N THR B 339 20.67 -14.27 -15.16
CA THR B 339 21.05 -13.00 -15.80
C THR B 339 20.31 -11.91 -15.15
N ASN B 340 20.91 -10.73 -15.12
CA ASN B 340 20.19 -9.57 -14.62
C ASN B 340 19.73 -8.70 -15.80
N LYS B 341 19.25 -9.36 -16.85
CA LYS B 341 18.38 -8.78 -17.91
C LYS B 341 17.68 -9.94 -18.58
N ARG B 342 16.39 -9.86 -18.86
CA ARG B 342 15.75 -10.95 -19.61
C ARG B 342 16.31 -11.06 -20.98
N ILE B 343 16.49 -12.30 -21.42
CA ILE B 343 16.76 -12.63 -22.80
C ILE B 343 15.75 -13.68 -23.24
N PRO B 344 15.52 -13.81 -24.54
CA PRO B 344 14.47 -14.70 -24.93
C PRO B 344 14.66 -16.15 -24.42
N ASN B 345 13.56 -16.76 -23.97
CA ASN B 345 13.60 -18.11 -23.47
C ASN B 345 14.32 -19.02 -24.44
N GLU B 346 14.04 -18.88 -25.76
CA GLU B 346 14.66 -19.72 -26.83
C GLU B 346 16.18 -19.75 -26.74
N GLU B 347 16.79 -18.61 -26.42
CA GLU B 347 18.26 -18.50 -26.35
C GLU B 347 18.86 -19.17 -25.10
N ARG B 348 18.08 -19.17 -24.03
CA ARG B 348 18.45 -19.84 -22.78
C ARG B 348 18.46 -21.37 -23.01
N ILE B 349 17.37 -21.84 -23.56
CA ILE B 349 17.16 -23.25 -23.74
C ILE B 349 18.17 -23.79 -24.72
N LYS B 350 18.36 -23.11 -25.84
CA LYS B 350 19.30 -23.54 -26.87
C LYS B 350 20.74 -23.54 -26.38
N ALA B 351 21.23 -22.48 -25.72
CA ALA B 351 22.62 -22.53 -25.20
C ALA B 351 22.83 -23.65 -24.20
N ALA B 352 21.87 -23.81 -23.32
CA ALA B 352 21.97 -24.91 -22.31
C ALA B 352 22.04 -26.31 -23.02
N TYR B 353 21.18 -26.50 -24.02
CA TYR B 353 21.13 -27.74 -24.83
C TYR B 353 22.49 -28.08 -25.48
N VAL B 354 23.08 -27.10 -26.16
CA VAL B 354 24.35 -27.30 -26.84
C VAL B 354 25.44 -27.68 -25.82
N VAL B 355 25.52 -26.91 -24.71
CA VAL B 355 26.52 -27.15 -23.69
C VAL B 355 26.37 -28.56 -23.07
N LEU B 356 25.17 -28.89 -22.64
CA LEU B 356 24.97 -30.17 -21.97
C LEU B 356 25.19 -31.32 -22.88
N ASN B 357 24.87 -31.16 -24.17
CA ASN B 357 25.04 -32.26 -25.07
C ASN B 357 26.46 -32.42 -25.51
N ALA B 358 27.26 -31.39 -25.34
CA ALA B 358 28.65 -31.44 -25.75
C ALA B 358 29.57 -31.90 -24.66
N ILE B 359 29.16 -31.88 -23.41
CA ILE B 359 30.13 -32.12 -22.32
C ILE B 359 30.49 -33.61 -22.29
N LYS B 360 31.78 -33.96 -22.33
CA LYS B 360 32.17 -35.40 -22.32
C LYS B 360 31.84 -36.08 -21.01
N PRO C 5 10.12 -6.43 10.71
CA PRO C 5 8.66 -6.35 10.97
C PRO C 5 8.12 -4.93 10.78
N LYS C 6 8.78 -3.98 11.44
CA LYS C 6 8.54 -2.54 11.23
C LYS C 6 9.04 -2.14 9.80
N ASP C 7 10.20 -2.67 9.39
CA ASP C 7 10.75 -2.52 8.01
C ASP C 7 9.61 -2.66 6.99
N GLN C 8 8.88 -3.77 7.12
CA GLN C 8 7.82 -4.09 6.19
C GLN C 8 6.59 -3.16 6.29
N GLU C 9 6.07 -2.86 7.49
CA GLU C 9 4.85 -1.99 7.62
C GLU C 9 5.02 -0.59 6.97
N ILE C 10 6.21 -0.04 7.15
CA ILE C 10 6.56 1.28 6.61
C ILE C 10 6.73 1.22 5.07
N LYS C 11 7.46 0.22 4.61
CA LYS C 11 7.65 -0.01 3.18
C LYS C 11 6.30 -0.14 2.49
N LYS C 12 5.35 -0.91 3.08
CA LYS C 12 4.07 -1.03 2.45
C LYS C 12 3.33 0.28 2.47
N LEU C 13 3.43 1.05 3.55
CA LEU C 13 2.71 2.34 3.62
C LEU C 13 3.30 3.34 2.63
N VAL C 14 4.61 3.30 2.46
CA VAL C 14 5.30 4.22 1.49
C VAL C 14 4.96 3.81 0.00
N ASP C 15 5.01 2.51 -0.26
CA ASP C 15 4.59 1.98 -1.54
C ASP C 15 3.15 2.33 -1.85
N GLN C 16 2.32 2.29 -0.82
CA GLN C 16 0.93 2.57 -0.99
C GLN C 16 0.60 3.99 -1.24
N ASN C 17 1.29 4.92 -0.60
CA ASN C 17 0.98 6.33 -0.71
C ASN C 17 1.97 7.21 -1.50
N PHE C 18 3.24 6.81 -1.57
CA PHE C 18 4.22 7.62 -2.31
C PHE C 18 4.47 7.10 -3.73
N LYS C 19 4.74 5.81 -3.84
CA LYS C 19 5.03 5.14 -5.09
C LYS C 19 4.11 5.49 -6.26
N PRO C 20 2.76 5.46 -6.08
CA PRO C 20 1.87 5.87 -7.18
C PRO C 20 2.10 7.24 -7.75
N LEU C 21 2.72 8.15 -7.00
CA LEU C 21 2.99 9.47 -7.49
C LEU C 21 4.05 9.46 -8.65
N LEU C 22 4.88 8.42 -8.71
CA LEU C 22 5.88 8.25 -9.77
CA LEU C 22 5.87 8.29 -9.77
C LEU C 22 5.18 8.17 -11.14
N GLU C 23 4.25 7.21 -11.30
CA GLU C 23 3.40 7.09 -12.51
C GLU C 23 2.55 8.28 -12.73
N LYS C 24 1.93 8.79 -11.67
CA LYS C 24 0.97 9.89 -11.85
C LYS C 24 1.58 11.14 -12.46
N TYR C 25 2.82 11.42 -12.09
CA TYR C 25 3.46 12.66 -12.47
C TYR C 25 4.73 12.44 -13.33
N ASP C 26 4.99 11.18 -13.71
CA ASP C 26 6.12 10.76 -14.54
C ASP C 26 7.42 11.24 -13.88
N VAL C 27 7.54 10.97 -12.58
CA VAL C 27 8.71 11.26 -11.79
C VAL C 27 9.76 10.17 -11.95
N PRO C 28 10.97 10.56 -12.34
CA PRO C 28 11.94 9.48 -12.56
C PRO C 28 12.43 8.75 -11.33
N GLY C 29 12.69 9.53 -10.30
CA GLY C 29 13.24 9.00 -9.06
C GLY C 29 12.71 9.64 -7.81
N MET C 30 12.76 8.86 -6.75
CA MET C 30 12.27 9.32 -5.45
CA MET C 30 12.30 9.33 -5.45
C MET C 30 13.03 8.61 -4.36
N ALA C 31 13.28 9.34 -3.26
CA ALA C 31 13.78 8.78 -2.02
C ALA C 31 12.83 9.21 -0.88
N VAL C 32 12.32 8.23 -0.13
CA VAL C 32 11.42 8.51 1.03
C VAL C 32 12.04 7.85 2.27
N GLY C 33 12.21 8.65 3.31
CA GLY C 33 12.63 8.19 4.55
C GLY C 33 11.63 8.51 5.66
N VAL C 34 11.56 7.58 6.61
CA VAL C 34 10.89 7.75 7.90
C VAL C 34 11.86 7.48 9.01
N ILE C 35 11.84 8.35 10.03
CA ILE C 35 12.53 8.09 11.30
C ILE C 35 11.47 8.03 12.39
N GLN C 36 11.44 6.92 13.11
CA GLN C 36 10.46 6.72 14.19
C GLN C 36 11.16 6.04 15.34
N ASN C 37 11.06 6.67 16.51
CA ASN C 37 11.79 6.25 17.76
C ASN C 37 13.23 5.88 17.47
N ASN C 38 13.93 6.81 16.81
CA ASN C 38 15.37 6.72 16.53
C ASN C 38 15.83 5.55 15.65
N LYS C 39 14.89 4.92 14.93
CA LYS C 39 15.24 3.99 13.85
C LYS C 39 14.90 4.59 12.48
N LYS C 40 15.81 4.40 11.51
CA LYS C 40 15.65 4.97 10.15
C LYS C 40 15.22 3.91 9.17
N TYR C 41 14.27 4.24 8.28
CA TYR C 41 13.73 3.36 7.23
C TYR C 41 13.82 4.16 5.90
N GLU C 42 14.62 3.62 4.96
CA GLU C 42 14.88 4.29 3.67
C GLU C 42 14.31 3.46 2.53
N MET C 43 13.54 4.13 1.65
CA MET C 43 12.91 3.55 0.51
C MET C 43 13.34 4.38 -0.76
N TYR C 44 13.88 3.67 -1.76
CA TYR C 44 14.35 4.33 -3.04
C TYR C 44 13.62 3.77 -4.21
N TYR C 45 13.24 4.66 -5.12
CA TYR C 45 12.46 4.31 -6.32
C TYR C 45 13.08 4.96 -7.57
N GLY C 46 13.17 4.18 -8.63
CA GLY C 46 13.40 4.76 -9.94
C GLY C 46 14.85 5.24 -10.03
N LEU C 47 15.03 6.32 -10.74
CA LEU C 47 16.30 6.70 -11.35
C LEU C 47 16.74 8.09 -10.94
N GLN C 48 17.99 8.12 -10.55
CA GLN C 48 18.76 9.30 -10.26
C GLN C 48 19.06 10.12 -11.53
N SER C 49 19.45 9.41 -12.59
CA SER C 49 19.79 9.96 -13.91
C SER C 49 19.19 9.05 -14.97
N VAL C 50 18.33 9.59 -15.82
CA VAL C 50 17.75 8.84 -16.89
C VAL C 50 18.82 8.57 -17.98
N GLN C 51 19.60 9.58 -18.34
CA GLN C 51 20.65 9.42 -19.38
C GLN C 51 21.73 8.45 -18.97
N ASP C 52 22.13 8.44 -17.70
CA ASP C 52 23.25 7.59 -17.26
C ASP C 52 22.72 6.25 -16.69
N LYS C 53 21.39 6.10 -16.59
CA LYS C 53 20.73 4.88 -16.13
C LYS C 53 21.14 4.46 -14.72
N LYS C 54 21.22 5.47 -13.85
CA LYS C 54 21.59 5.29 -12.48
C LYS C 54 20.37 5.24 -11.58
N ALA C 55 20.30 4.17 -10.78
CA ALA C 55 19.19 4.03 -9.83
C ALA C 55 19.39 5.01 -8.68
N VAL C 56 18.29 5.52 -8.16
CA VAL C 56 18.29 6.26 -6.90
C VAL C 56 18.74 5.30 -5.78
N ASN C 57 19.65 5.78 -4.96
CA ASN C 57 20.26 4.96 -3.90
C ASN C 57 20.63 5.84 -2.69
N SER C 58 21.12 5.22 -1.65
CA SER C 58 21.52 5.92 -0.47
C SER C 58 22.58 6.99 -0.67
N ASN C 59 23.39 6.95 -1.72
CA ASN C 59 24.31 8.02 -2.09
C ASN C 59 23.77 9.14 -3.00
N THR C 60 22.51 9.08 -3.47
CA THR C 60 22.02 10.02 -4.43
C THR C 60 21.82 11.39 -3.73
N ILE C 61 22.38 12.40 -4.33
CA ILE C 61 22.26 13.79 -3.87
C ILE C 61 21.14 14.49 -4.61
N PHE C 62 20.19 15.11 -3.85
CA PHE C 62 19.07 15.81 -4.41
C PHE C 62 19.15 17.29 -4.06
N GLU C 63 18.63 18.14 -4.92
CA GLU C 63 18.41 19.57 -4.62
C GLU C 63 17.24 19.80 -3.62
N LEU C 64 17.55 20.47 -2.50
CA LEU C 64 16.56 20.68 -1.44
C LEU C 64 15.65 21.86 -1.66
N GLY C 65 16.01 22.76 -2.58
CA GLY C 65 15.24 23.99 -2.79
C GLY C 65 15.10 24.75 -1.47
N SER C 66 13.88 25.20 -1.19
CA SER C 66 13.64 26.03 0.04
C SER C 66 13.84 25.30 1.32
N VAL C 67 13.96 23.96 1.30
CA VAL C 67 14.41 23.29 2.51
C VAL C 67 15.82 23.71 2.98
N SER C 68 16.61 24.28 2.07
CA SER C 68 17.87 24.92 2.36
C SER C 68 17.74 26.02 3.41
N LYS C 69 16.59 26.70 3.41
CA LYS C 69 16.29 27.77 4.38
C LYS C 69 16.42 27.24 5.82
N LEU C 70 16.17 25.94 6.01
CA LEU C 70 16.29 25.33 7.33
C LEU C 70 17.72 25.26 7.84
N PHE C 71 18.68 25.05 6.94
CA PHE C 71 20.10 25.15 7.28
C PHE C 71 20.58 26.55 7.53
N THR C 72 20.11 27.47 6.70
CA THR C 72 20.37 28.88 6.95
C THR C 72 19.89 29.35 8.35
N ALA C 73 18.70 28.91 8.69
CA ALA C 73 18.13 29.17 9.98
C ALA C 73 18.95 28.59 11.11
N THR C 74 19.41 27.33 10.97
CA THR C 74 20.26 26.67 11.97
C THR C 74 21.61 27.44 12.11
N ALA C 75 22.19 27.82 10.97
CA ALA C 75 23.38 28.67 10.91
C ALA C 75 23.24 29.92 11.79
N GLY C 76 22.13 30.64 11.58
CA GLY C 76 21.75 31.85 12.33
C GLY C 76 21.70 31.55 13.81
N GLY C 77 20.95 30.52 14.22
CA GLY C 77 20.91 30.10 15.64
C GLY C 77 22.24 29.68 16.30
N TYR C 78 23.14 29.10 15.52
CA TYR C 78 24.46 28.74 16.00
C TYR C 78 25.29 30.00 16.26
N ALA C 79 25.32 30.89 15.28
CA ALA C 79 26.04 32.15 15.41
C ALA C 79 25.44 33.04 16.52
N LYS C 80 24.13 32.96 16.74
CA LYS C 80 23.50 33.75 17.79
C LYS C 80 23.90 33.23 19.15
N ASN C 81 23.77 31.92 19.37
CA ASN C 81 24.03 31.33 20.69
C ASN C 81 25.51 31.19 21.05
N LYS C 82 26.39 31.44 20.09
CA LYS C 82 27.82 31.69 20.33
C LYS C 82 28.14 33.17 20.49
N GLY C 83 27.15 34.04 20.34
CA GLY C 83 27.32 35.48 20.49
C GLY C 83 27.68 36.28 19.25
N LYS C 84 28.11 35.61 18.17
CA LYS C 84 28.67 36.26 16.94
C LYS C 84 27.71 37.25 16.22
N ILE C 85 26.40 37.06 16.41
CA ILE C 85 25.38 38.06 16.07
C ILE C 85 24.29 38.09 17.13
N SER C 86 23.47 39.13 17.01
CA SER C 86 22.20 39.29 17.72
C SER C 86 21.12 39.51 16.69
N PHE C 87 19.94 38.92 16.92
CA PHE C 87 18.80 39.11 16.01
C PHE C 87 18.26 40.53 15.88
N ASP C 88 18.58 41.42 16.83
CA ASP C 88 18.20 42.82 16.69
C ASP C 88 19.27 43.65 16.04
N ASP C 89 20.44 43.06 15.71
CA ASP C 89 21.36 43.77 14.83
C ASP C 89 20.73 44.00 13.48
N THR C 90 21.23 44.98 12.77
CA THR C 90 20.83 45.25 11.40
C THR C 90 22.11 44.90 10.60
N PRO C 91 21.99 44.81 9.28
CA PRO C 91 23.08 44.22 8.47
C PRO C 91 24.35 45.05 8.31
N GLY C 92 24.23 46.39 8.45
CA GLY C 92 25.39 47.25 8.39
C GLY C 92 26.36 47.01 9.55
N LYS C 93 25.90 46.42 10.65
CA LYS C 93 26.82 46.01 11.74
C LYS C 93 27.92 45.07 11.24
N TYR C 94 27.64 44.30 10.17
CA TYR C 94 28.57 43.28 9.63
C TYR C 94 29.01 43.54 8.19
N TRP C 95 28.05 43.89 7.32
CA TRP C 95 28.31 44.28 5.93
C TRP C 95 28.43 45.82 5.84
N LYS C 96 29.66 46.30 6.08
CA LYS C 96 29.95 47.74 6.32
C LYS C 96 29.48 48.67 5.19
N GLU C 97 29.41 48.18 3.95
CA GLU C 97 28.99 49.01 2.83
C GLU C 97 27.51 49.20 2.78
N LEU C 98 26.76 48.56 3.67
CA LEU C 98 25.33 48.86 3.85
C LEU C 98 25.06 49.85 4.99
N LYS C 99 26.05 50.11 5.86
CA LYS C 99 25.93 51.16 6.89
C LYS C 99 25.39 52.45 6.22
N ASN C 100 24.41 53.09 6.88
CA ASN C 100 23.77 54.38 6.46
C ASN C 100 22.86 54.29 5.21
N THR C 101 22.37 53.09 4.89
CA THR C 101 21.35 52.92 3.83
C THR C 101 20.10 52.42 4.50
N PRO C 102 18.91 52.60 3.90
CA PRO C 102 17.59 52.25 4.44
C PRO C 102 17.39 50.82 5.02
N ILE C 103 18.07 49.85 4.41
CA ILE C 103 18.04 48.46 4.86
C ILE C 103 18.88 48.32 6.14
N ASP C 104 19.72 49.30 6.50
CA ASP C 104 20.42 49.24 7.81
C ASP C 104 19.44 49.45 9.04
N GLN C 105 18.16 49.59 8.71
CA GLN C 105 17.05 49.76 9.62
C GLN C 105 16.17 48.49 9.75
N VAL C 106 16.47 47.45 8.98
CA VAL C 106 15.81 46.14 9.12
C VAL C 106 16.69 45.23 9.98
N ASN C 107 16.08 44.51 10.93
CA ASN C 107 16.91 43.70 11.84
C ASN C 107 17.11 42.26 11.23
N LEU C 108 18.09 41.52 11.78
CA LEU C 108 18.41 40.17 11.27
C LEU C 108 17.19 39.20 11.36
N LEU C 109 16.37 39.26 12.42
CA LEU C 109 15.15 38.45 12.50
C LEU C 109 14.11 38.79 11.44
N GLN C 110 13.92 40.08 11.17
CA GLN C 110 12.92 40.45 10.15
C GLN C 110 13.33 39.97 8.75
N LEU C 111 14.62 40.01 8.43
CA LEU C 111 15.07 39.41 7.15
C LEU C 111 14.83 37.88 7.13
N ALA C 112 15.23 37.19 8.21
CA ALA C 112 15.07 35.69 8.26
C ALA C 112 13.61 35.28 8.13
N THR C 113 12.72 36.13 8.64
CA THR C 113 11.29 35.78 8.65
C THR C 113 10.47 36.58 7.64
N TYR C 114 11.17 37.30 6.73
CA TYR C 114 10.56 37.80 5.48
C TYR C 114 9.69 39.10 5.76
N THR C 115 9.99 39.86 6.81
CA THR C 115 9.05 40.95 7.14
C THR C 115 9.49 42.35 6.77
N SER C 116 10.68 42.46 6.14
CA SER C 116 11.29 43.80 5.74
C SER C 116 10.31 44.85 5.16
N GLY C 117 9.25 44.34 4.52
CA GLY C 117 8.13 45.10 3.99
C GLY C 117 8.22 45.33 2.50
N ASN C 118 9.39 45.07 1.91
CA ASN C 118 9.59 45.28 0.46
C ASN C 118 10.62 44.34 -0.17
N LEU C 119 10.31 43.06 -0.21
CA LEU C 119 11.19 42.06 -0.90
C LEU C 119 10.27 40.93 -1.31
N ALA C 120 10.17 40.74 -2.63
CA ALA C 120 9.37 39.65 -3.24
C ALA C 120 10.15 38.29 -3.32
N LEU C 121 9.49 37.27 -3.89
CA LEU C 121 9.98 35.89 -3.99
C LEU C 121 11.40 35.84 -4.54
N GLN C 122 11.62 36.47 -5.67
CA GLN C 122 12.93 36.49 -6.31
C GLN C 122 13.52 37.90 -6.32
N PHE C 123 14.85 38.01 -6.46
CA PHE C 123 15.45 39.25 -6.94
C PHE C 123 14.85 39.49 -8.36
N PRO C 124 14.95 40.72 -8.90
CA PRO C 124 14.41 40.96 -10.27
C PRO C 124 15.26 40.30 -11.37
N ASP C 125 14.65 39.97 -12.50
CA ASP C 125 15.32 39.16 -13.52
C ASP C 125 16.79 39.62 -13.79
N GLU C 126 17.04 40.94 -13.86
CA GLU C 126 18.39 41.49 -14.18
C GLU C 126 19.45 41.61 -13.04
N VAL C 127 19.14 41.24 -11.79
CA VAL C 127 20.18 41.18 -10.69
C VAL C 127 20.89 39.81 -10.62
N GLN C 128 22.23 39.82 -10.69
CA GLN C 128 23.02 38.61 -10.97
C GLN C 128 24.35 38.60 -10.24
N THR C 129 25.22 39.57 -10.53
CA THR C 129 26.58 39.66 -9.90
C THR C 129 26.63 40.10 -8.42
N ASP C 130 27.78 39.84 -7.77
CA ASP C 130 28.03 40.25 -6.37
C ASP C 130 27.91 41.81 -6.22
N GLN C 131 28.48 42.54 -7.19
CA GLN C 131 28.28 44.01 -7.34
C GLN C 131 26.80 44.38 -7.43
N GLN C 132 26.04 43.72 -8.33
CA GLN C 132 24.61 44.03 -8.53
C GLN C 132 23.74 43.73 -7.29
N VAL C 133 24.20 42.78 -6.47
CA VAL C 133 23.49 42.42 -5.25
C VAL C 133 23.72 43.49 -4.17
N LEU C 134 24.98 43.85 -3.90
CA LEU C 134 25.28 45.05 -3.10
C LEU C 134 24.42 46.26 -3.52
N THR C 135 24.39 46.53 -4.83
CA THR C 135 23.67 47.69 -5.40
C THR C 135 22.22 47.64 -5.07
N PHE C 136 21.59 46.51 -5.40
CA PHE C 136 20.17 46.26 -5.14
C PHE C 136 19.78 46.60 -3.71
N PHE C 137 20.70 46.34 -2.76
CA PHE C 137 20.44 46.53 -1.33
C PHE C 137 20.80 47.93 -0.81
N LYS C 138 21.91 48.49 -1.31
CA LYS C 138 22.20 49.94 -1.14
C LYS C 138 21.01 50.80 -1.66
N ASP C 139 20.40 50.44 -2.80
CA ASP C 139 19.27 51.17 -3.44
C ASP C 139 17.85 50.82 -2.94
N TRP C 140 17.79 49.84 -2.06
CA TRP C 140 16.51 49.42 -1.53
C TRP C 140 16.05 50.54 -0.62
N LYS C 141 14.76 50.84 -0.80
CA LYS C 141 13.98 51.69 0.12
C LYS C 141 12.88 50.82 0.78
N PRO C 142 12.35 51.26 1.94
CA PRO C 142 11.18 50.57 2.52
C PRO C 142 9.93 50.88 1.73
N LYS C 143 8.95 49.98 1.79
CA LYS C 143 7.64 50.22 1.22
C LYS C 143 6.65 50.09 2.37
N ASN C 144 6.36 48.88 2.80
CA ASN C 144 5.40 48.63 3.87
C ASN C 144 6.13 48.84 5.18
N PRO C 145 5.35 49.00 6.27
CA PRO C 145 6.01 49.14 7.58
C PRO C 145 6.98 47.97 7.96
N ILE C 146 8.24 48.28 8.27
CA ILE C 146 9.24 47.27 8.61
C ILE C 146 8.74 46.42 9.79
N GLY C 147 8.41 45.16 9.51
CA GLY C 147 8.14 44.18 10.56
C GLY C 147 6.72 43.64 10.62
N GLU C 148 5.83 44.25 9.85
CA GLU C 148 4.40 43.98 9.97
C GLU C 148 3.88 43.00 8.97
N TYR C 149 4.49 42.98 7.77
CA TYR C 149 3.99 42.19 6.64
C TYR C 149 4.96 41.00 6.29
N ARG C 150 4.44 39.77 6.30
CA ARG C 150 5.24 38.62 5.76
C ARG C 150 5.14 38.51 4.23
N GLN C 151 6.29 38.61 3.53
CA GLN C 151 6.27 38.26 2.10
C GLN C 151 7.38 37.22 1.83
N TYR C 152 6.98 35.97 1.56
CA TYR C 152 7.98 34.88 1.36
C TYR C 152 9.03 35.33 0.32
N SER C 153 10.28 35.40 0.73
CA SER C 153 11.30 35.99 -0.12
C SER C 153 12.66 35.32 -0.02
N ASN C 154 13.21 34.97 -1.18
CA ASN C 154 14.58 34.47 -1.34
C ASN C 154 15.65 35.54 -1.02
N PRO C 155 15.54 36.73 -1.63
CA PRO C 155 16.53 37.77 -1.23
C PRO C 155 16.55 38.10 0.29
N SER C 156 15.38 38.01 0.93
CA SER C 156 15.30 38.27 2.34
C SER C 156 16.20 37.38 3.17
N ILE C 157 15.94 36.07 3.13
CA ILE C 157 16.75 35.16 3.94
C ILE C 157 18.13 35.02 3.32
N GLY C 158 18.26 35.29 2.04
CA GLY C 158 19.56 35.44 1.39
C GLY C 158 20.48 36.42 2.13
N LEU C 159 19.94 37.60 2.45
CA LEU C 159 20.76 38.65 3.07
C LEU C 159 21.06 38.24 4.50
N PHE C 160 20.04 37.69 5.19
CA PHE C 160 20.28 37.10 6.49
C PHE C 160 21.49 36.14 6.47
N GLY C 161 21.45 35.17 5.54
CA GLY C 161 22.55 34.21 5.43
C GLY C 161 23.90 34.89 5.20
N LYS C 162 23.95 35.88 4.33
CA LYS C 162 25.24 36.56 4.02
C LYS C 162 25.85 37.25 5.28
N VAL C 163 24.97 37.79 6.11
CA VAL C 163 25.34 38.49 7.34
C VAL C 163 25.92 37.45 8.28
N VAL C 164 25.13 36.39 8.50
CA VAL C 164 25.54 35.27 9.35
C VAL C 164 26.98 34.86 8.91
N ALA C 165 27.21 34.68 7.61
CA ALA C 165 28.58 34.24 7.16
C ALA C 165 29.68 35.34 7.50
N LEU C 166 29.35 36.59 7.26
CA LEU C 166 30.20 37.75 7.71
C LEU C 166 30.55 37.72 9.20
N SER C 167 29.54 37.46 10.04
CA SER C 167 29.75 37.37 11.48
C SER C 167 30.72 36.25 11.93
N MET C 168 30.80 35.17 11.15
CA MET C 168 31.71 34.06 11.42
C MET C 168 32.97 34.16 10.57
N ASN C 169 33.05 35.19 9.74
CA ASN C 169 34.27 35.54 9.01
C ASN C 169 34.56 34.49 7.97
N LYS C 170 33.52 34.10 7.23
CA LYS C 170 33.57 32.91 6.37
C LYS C 170 32.54 33.06 5.26
N PRO C 171 32.88 32.66 4.03
CA PRO C 171 31.78 32.66 3.05
C PRO C 171 30.64 31.67 3.47
N PHE C 172 29.44 31.98 3.03
CA PHE C 172 28.24 31.17 3.34
C PHE C 172 28.42 29.70 3.03
N ASP C 173 29.03 29.36 1.89
CA ASP C 173 29.27 27.92 1.61
C ASP C 173 30.09 27.24 2.71
N GLN C 174 31.13 27.92 3.22
CA GLN C 174 31.99 27.34 4.23
C GLN C 174 31.31 27.23 5.59
N VAL C 175 30.52 28.23 5.92
CA VAL C 175 29.73 28.20 7.13
C VAL C 175 28.92 26.87 7.25
N LEU C 176 28.27 26.48 6.15
CA LEU C 176 27.58 25.20 6.14
C LEU C 176 28.55 23.99 6.04
N GLU C 177 29.46 24.02 5.08
CA GLU C 177 30.32 22.87 4.80
C GLU C 177 31.37 22.58 5.89
N LYS C 178 31.84 23.63 6.53
CA LYS C 178 32.94 23.52 7.50
C LYS C 178 32.46 23.55 8.97
N THR C 179 31.30 24.16 9.27
CA THR C 179 30.83 24.32 10.66
C THR C 179 29.51 23.60 10.98
N ILE C 180 28.45 23.91 10.21
CA ILE C 180 27.08 23.43 10.53
C ILE C 180 26.81 21.98 10.15
N PHE C 181 27.10 21.60 8.90
CA PHE C 181 27.04 20.22 8.50
C PHE C 181 27.87 19.28 9.39
N PRO C 182 29.17 19.60 9.64
CA PRO C 182 29.95 18.75 10.55
C PRO C 182 29.39 18.67 11.96
N ALA C 183 28.83 19.75 12.51
CA ALA C 183 28.22 19.74 13.88
C ALA C 183 27.00 18.88 13.92
N LEU C 184 26.33 18.84 12.76
CA LEU C 184 25.18 17.97 12.61
C LEU C 184 25.57 16.53 12.26
N GLY C 185 26.85 16.27 11.99
CA GLY C 185 27.31 14.92 11.58
C GLY C 185 26.85 14.49 10.20
N LEU C 186 26.64 15.48 9.31
CA LEU C 186 26.20 15.28 7.93
C LEU C 186 27.42 15.28 7.03
N LYS C 187 27.64 14.15 6.36
CA LYS C 187 28.82 13.92 5.53
C LYS C 187 28.60 14.10 4.02
N HIS C 188 27.36 14.09 3.54
CA HIS C 188 27.11 14.19 2.10
C HIS C 188 26.08 15.27 1.81
N SER C 189 26.22 16.41 2.51
CA SER C 189 25.44 17.57 2.29
C SER C 189 26.34 18.69 1.83
N TYR C 190 25.92 19.39 0.78
CA TYR C 190 26.71 20.37 0.08
C TYR C 190 25.99 21.65 -0.30
N VAL C 191 26.76 22.74 -0.41
CA VAL C 191 26.33 23.92 -1.15
C VAL C 191 26.86 23.83 -2.58
N ASN C 192 28.11 23.41 -2.71
CA ASN C 192 28.73 23.12 -3.99
C ASN C 192 29.13 21.63 -4.00
N VAL C 193 28.52 20.85 -4.90
CA VAL C 193 28.83 19.44 -4.91
C VAL C 193 30.23 19.30 -5.52
N PRO C 194 31.11 18.59 -4.83
CA PRO C 194 32.47 18.43 -5.33
C PRO C 194 32.61 17.41 -6.43
N LYS C 195 33.73 17.48 -7.16
CA LYS C 195 33.98 16.55 -8.29
C LYS C 195 33.74 15.10 -7.95
N THR C 196 34.24 14.69 -6.81
CA THR C 196 34.13 13.29 -6.40
C THR C 196 32.71 12.85 -6.06
N GLN C 197 31.79 13.80 -5.97
CA GLN C 197 30.39 13.45 -5.73
C GLN C 197 29.49 13.78 -6.91
N MET C 198 30.03 14.31 -8.02
CA MET C 198 29.21 14.56 -9.21
C MET C 198 28.52 13.29 -9.76
N GLN C 199 29.12 12.09 -9.66
CA GLN C 199 28.47 10.84 -10.07
C GLN C 199 27.27 10.44 -9.17
N ASN C 200 27.15 11.07 -8.01
CA ASN C 200 26.00 10.84 -7.13
C ASN C 200 24.93 11.93 -7.22
N TYR C 201 25.22 13.01 -7.91
CA TYR C 201 24.29 14.12 -7.98
C TYR C 201 23.25 13.81 -9.05
N ALA C 202 22.01 13.62 -8.59
CA ALA C 202 20.89 13.49 -9.49
C ALA C 202 20.74 14.63 -10.46
N PHE C 203 20.18 14.32 -11.62
CA PHE C 203 19.58 15.32 -12.40
C PHE C 203 18.19 15.58 -11.92
N GLY C 204 17.75 16.83 -12.00
CA GLY C 204 16.30 17.13 -11.91
C GLY C 204 15.68 17.01 -13.28
N TYR C 205 14.39 16.89 -13.33
CA TYR C 205 13.62 16.76 -14.57
C TYR C 205 12.50 17.80 -14.54
N ASN C 206 12.38 18.53 -15.64
CA ASN C 206 11.39 19.56 -15.80
C ASN C 206 10.04 18.97 -16.29
N GLN C 207 9.10 19.83 -16.66
CA GLN C 207 7.79 19.33 -17.06
C GLN C 207 7.85 18.69 -18.44
N GLU C 208 8.94 18.82 -19.17
CA GLU C 208 9.18 18.05 -20.41
C GLU C 208 9.95 16.72 -20.16
N ASN C 209 10.15 16.32 -18.89
CA ASN C 209 11.01 15.18 -18.56
C ASN C 209 12.39 15.25 -19.21
N GLN C 210 12.95 16.46 -19.17
CA GLN C 210 14.30 16.72 -19.56
C GLN C 210 15.14 17.27 -18.42
N PRO C 211 16.44 16.96 -18.45
CA PRO C 211 17.28 17.08 -17.27
C PRO C 211 17.64 18.53 -17.04
N ILE C 212 17.65 18.90 -15.77
CA ILE C 212 17.91 20.28 -15.39
C ILE C 212 18.48 20.31 -13.99
N ARG C 213 19.35 21.27 -13.72
CA ARG C 213 19.86 21.48 -12.40
C ARG C 213 19.67 22.99 -12.04
N VAL C 214 19.77 23.27 -10.72
CA VAL C 214 19.51 24.63 -10.22
C VAL C 214 20.54 25.58 -10.84
N ASN C 215 20.02 26.70 -11.33
CA ASN C 215 20.82 27.76 -11.90
C ASN C 215 21.60 28.57 -10.83
N PRO C 216 22.88 28.86 -11.09
CA PRO C 216 23.57 29.82 -10.20
C PRO C 216 22.77 31.12 -10.16
N GLY C 217 22.63 31.68 -8.98
CA GLY C 217 21.97 32.96 -8.83
C GLY C 217 22.43 33.77 -7.65
N PRO C 218 21.90 34.99 -7.51
CA PRO C 218 22.32 35.89 -6.42
C PRO C 218 21.81 35.46 -5.03
N LEU C 219 22.75 35.26 -4.11
CA LEU C 219 22.47 34.78 -2.76
C LEU C 219 21.68 33.47 -2.78
N ASP C 220 22.03 32.61 -3.73
CA ASP C 220 21.28 31.37 -3.96
C ASP C 220 21.36 30.41 -2.79
N ALA C 221 22.56 30.27 -2.29
CA ALA C 221 22.92 29.27 -1.29
C ALA C 221 22.06 29.32 -0.03
N PRO C 222 21.89 30.51 0.58
CA PRO C 222 21.02 30.49 1.76
C PRO C 222 19.53 30.37 1.52
N ALA C 223 19.04 30.68 0.32
CA ALA C 223 17.67 30.54 0.04
C ALA C 223 17.25 29.17 -0.48
N TYR C 224 18.05 28.61 -1.39
CA TYR C 224 17.58 27.37 -2.09
C TYR C 224 18.67 26.50 -2.62
N GLY C 225 19.84 26.59 -2.02
CA GLY C 225 21.09 26.13 -2.61
C GLY C 225 21.76 24.90 -2.07
N VAL C 226 21.14 24.19 -1.14
CA VAL C 226 21.77 23.04 -0.52
C VAL C 226 21.27 21.77 -1.26
N LYS C 227 22.17 20.82 -1.35
CA LYS C 227 21.91 19.52 -1.89
C LYS C 227 22.28 18.52 -0.80
N SER C 228 21.51 17.45 -0.70
CA SER C 228 21.80 16.44 0.27
C SER C 228 21.30 15.04 -0.12
N THR C 229 21.60 14.06 0.71
CA THR C 229 21.17 12.69 0.48
C THR C 229 20.00 12.32 1.43
N LEU C 230 19.27 11.27 1.19
CA LEU C 230 18.24 10.84 2.12
C LEU C 230 18.82 10.50 3.52
N PRO C 231 19.94 9.73 3.62
CA PRO C 231 20.42 9.47 4.99
C PRO C 231 20.80 10.72 5.79
N ASP C 232 21.45 11.67 5.14
CA ASP C 232 21.73 12.99 5.75
C ASP C 232 20.49 13.73 6.18
N MET C 233 19.46 13.72 5.35
CA MET C 233 18.23 14.39 5.72
C MET C 233 17.49 13.73 6.83
N LEU C 234 17.60 12.41 6.95
CA LEU C 234 17.05 11.69 8.10
C LEU C 234 17.85 11.99 9.37
N SER C 235 19.17 12.15 9.27
CA SER C 235 19.96 12.55 10.43
C SER C 235 19.60 13.95 10.86
N PHE C 236 19.39 14.85 9.90
CA PHE C 236 18.95 16.20 10.22
C PHE C 236 17.60 16.25 10.92
N ILE C 237 16.66 15.44 10.43
CA ILE C 237 15.43 15.23 11.12
C ILE C 237 15.65 14.67 12.57
N HIS C 238 16.48 13.64 12.72
CA HIS C 238 16.85 13.08 14.02
C HIS C 238 17.36 14.18 14.94
N ALA C 239 18.24 15.05 14.46
CA ALA C 239 18.71 16.16 15.28
C ALA C 239 17.60 17.12 15.81
N ASN C 240 16.72 17.52 14.91
CA ASN C 240 15.55 18.35 15.23
C ASN C 240 14.59 17.64 16.24
N LEU C 241 14.49 16.32 16.15
CA LEU C 241 13.71 15.57 17.12
C LEU C 241 14.44 15.36 18.47
N ASN C 242 15.76 15.26 18.46
CA ASN C 242 16.52 14.87 19.66
C ASN C 242 17.77 15.71 19.83
N PRO C 243 17.65 17.04 19.92
CA PRO C 243 18.83 17.87 19.97
C PRO C 243 19.66 17.74 21.28
N GLN C 244 19.01 17.29 22.38
CA GLN C 244 19.69 17.02 23.66
C GLN C 244 20.90 16.10 23.51
N LYS C 245 20.87 15.27 22.49
CA LYS C 245 21.94 14.32 22.24
C LYS C 245 23.16 14.92 21.52
N TYR C 246 23.18 16.23 21.22
CA TYR C 246 24.21 16.89 20.41
C TYR C 246 24.98 17.86 21.29
N PRO C 247 26.21 18.19 20.90
CA PRO C 247 26.93 19.15 21.71
C PRO C 247 26.16 20.43 21.85
N THR C 248 26.44 21.16 22.92
CA THR C 248 25.71 22.36 23.33
C THR C 248 25.41 23.41 22.25
N ASP C 249 26.45 23.79 21.50
CA ASP C 249 26.38 24.89 20.50
C ASP C 249 25.34 24.60 19.41
N ILE C 250 25.41 23.42 18.80
CA ILE C 250 24.45 23.00 17.80
C ILE C 250 23.07 22.65 18.36
N GLN C 251 23.02 22.07 19.54
CA GLN C 251 21.75 21.88 20.27
C GLN C 251 20.99 23.20 20.38
N ARG C 252 21.65 24.25 20.82
CA ARG C 252 20.98 25.54 20.96
C ARG C 252 20.63 26.18 19.58
N ALA C 253 21.48 25.97 18.56
CA ALA C 253 21.13 26.40 17.20
C ALA C 253 19.81 25.76 16.74
N ILE C 254 19.67 24.45 16.99
CA ILE C 254 18.48 23.71 16.59
C ILE C 254 17.22 24.28 17.31
N ASN C 255 17.28 24.37 18.65
CA ASN C 255 16.15 24.91 19.45
C ASN C 255 15.75 26.30 18.99
N GLU C 256 16.74 27.15 18.67
CA GLU C 256 16.45 28.48 18.10
C GLU C 256 15.56 28.40 16.86
N THR C 257 15.73 27.39 16.00
CA THR C 257 14.82 27.28 14.81
C THR C 257 13.43 26.76 15.15
N HIS C 258 13.23 26.32 16.36
CA HIS C 258 11.87 25.84 16.75
C HIS C 258 10.96 26.90 17.41
N GLN C 259 11.47 28.11 17.60
CA GLN C 259 10.72 29.17 18.29
C GLN C 259 9.86 29.95 17.31
N GLY C 260 8.53 29.90 17.48
CA GLY C 260 7.61 30.75 16.74
C GLY C 260 7.90 32.23 16.93
N ARG C 261 7.98 32.97 15.85
CA ARG C 261 8.23 34.42 15.86
C ARG C 261 6.98 35.25 15.57
N TYR C 262 5.98 34.68 14.89
CA TYR C 262 4.70 35.30 14.66
C TYR C 262 3.73 34.31 14.05
N GLN C 263 2.48 34.73 13.86
CA GLN C 263 1.43 33.90 13.32
C GLN C 263 0.81 34.49 12.07
N VAL C 264 0.36 33.56 11.20
CA VAL C 264 -0.50 33.83 10.05
C VAL C 264 -1.50 32.68 9.99
N ASN C 265 -2.78 33.02 10.25
CA ASN C 265 -3.83 32.03 10.27
C ASN C 265 -3.43 30.94 11.19
N THR C 266 -3.55 29.67 10.75
CA THR C 266 -3.19 28.51 11.58
C THR C 266 -1.70 28.07 11.51
N MET C 267 -0.83 28.93 10.97
CA MET C 267 0.63 28.65 10.85
C MET C 267 1.45 29.67 11.67
N TYR C 268 2.45 29.16 12.39
CA TYR C 268 3.38 29.99 13.11
C TYR C 268 4.72 30.01 12.37
N GLN C 269 5.24 31.17 12.02
CA GLN C 269 6.56 31.21 11.38
C GLN C 269 7.71 31.04 12.36
N ALA C 270 8.42 29.91 12.33
CA ALA C 270 9.67 29.80 13.10
C ALA C 270 10.82 30.27 12.21
N LEU C 271 12.05 30.17 12.71
CA LEU C 271 13.22 30.50 11.91
C LEU C 271 13.33 29.35 10.87
N GLY C 272 13.05 29.65 9.61
CA GLY C 272 13.03 28.61 8.59
C GLY C 272 11.82 27.70 8.58
N TRP C 273 11.65 26.92 9.64
CA TRP C 273 10.52 26.01 9.74
C TRP C 273 9.19 26.76 9.87
N GLU C 274 8.15 26.10 9.38
CA GLU C 274 6.74 26.49 9.56
C GLU C 274 6.28 25.62 10.67
N GLU C 275 5.54 26.19 11.63
CA GLU C 275 5.16 25.55 12.91
C GLU C 275 3.60 25.56 13.04
N PHE C 276 3.08 24.47 13.56
CA PHE C 276 1.66 24.24 13.68
C PHE C 276 1.37 23.62 15.02
N SER C 277 0.25 24.00 15.61
CA SER C 277 -0.29 23.26 16.75
C SER C 277 -0.58 21.82 16.37
N TYR C 278 -0.23 20.90 17.25
CA TYR C 278 -0.35 19.45 16.99
C TYR C 278 -1.40 18.85 17.89
N PRO C 279 -2.34 18.01 17.44
CA PRO C 279 -2.45 17.55 16.07
C PRO C 279 -2.84 18.64 15.11
N ALA C 280 -2.30 18.53 13.88
CA ALA C 280 -2.58 19.47 12.85
C ALA C 280 -3.41 18.65 11.85
N THR C 281 -4.48 19.25 11.34
CA THR C 281 -5.35 18.60 10.36
C THR C 281 -4.64 18.63 8.99
N LEU C 282 -4.89 17.60 8.17
CA LEU C 282 -4.42 17.66 6.78
C LEU C 282 -4.69 19.04 6.23
N GLN C 283 -5.90 19.55 6.45
CA GLN C 283 -6.27 20.78 5.83
C GLN C 283 -5.46 21.98 6.32
N THR C 284 -5.02 21.99 7.58
CA THR C 284 -4.21 23.11 8.07
C THR C 284 -2.80 23.12 7.40
N LEU C 285 -2.30 21.93 7.18
CA LEU C 285 -0.97 21.77 6.58
C LEU C 285 -0.98 22.22 5.12
N LEU C 286 -2.03 21.84 4.37
CA LEU C 286 -2.24 22.31 2.97
C LEU C 286 -2.37 23.82 2.88
N ASP C 287 -3.17 24.40 3.78
CA ASP C 287 -3.37 25.85 3.83
C ASP C 287 -2.07 26.63 4.04
N SER C 288 -1.11 26.06 4.79
CA SER C 288 0.20 26.73 5.02
C SER C 288 0.89 27.13 3.76
N ASN C 289 0.65 26.37 2.69
CA ASN C 289 1.33 26.59 1.39
C ASN C 289 0.41 26.96 0.20
N SER C 290 -0.78 27.49 0.52
CA SER C 290 -1.72 28.07 -0.45
C SER C 290 -1.10 29.26 -1.18
N GLU C 291 -1.54 29.54 -2.42
CA GLU C 291 -1.06 30.73 -3.16
C GLU C 291 -0.98 32.04 -2.33
N GLN C 292 -1.99 32.28 -1.47
CA GLN C 292 -2.10 33.53 -0.71
C GLN C 292 -0.95 33.71 0.30
N ILE C 293 -0.58 32.62 0.97
CA ILE C 293 0.55 32.62 1.93
C ILE C 293 1.93 32.74 1.25
N VAL C 294 2.10 31.96 0.19
CA VAL C 294 3.39 31.80 -0.47
C VAL C 294 3.69 33.03 -1.35
N MET C 295 2.70 33.53 -2.10
CA MET C 295 2.93 34.55 -3.18
C MET C 295 2.61 36.02 -2.81
N LYS C 296 1.52 36.23 -2.05
CA LYS C 296 1.06 37.58 -1.67
C LYS C 296 1.51 37.98 -0.26
N PRO C 297 1.48 39.30 0.08
CA PRO C 297 1.94 39.71 1.43
C PRO C 297 0.85 39.47 2.50
N ASN C 298 1.23 39.40 3.79
CA ASN C 298 0.25 39.18 4.88
C ASN C 298 0.62 39.80 6.21
N LYS C 299 -0.38 40.46 6.80
CA LYS C 299 -0.24 41.08 8.11
C LYS C 299 0.12 40.00 9.14
N VAL C 300 1.24 40.21 9.85
CA VAL C 300 1.66 39.26 10.88
C VAL C 300 0.91 39.57 12.18
N THR C 301 0.59 38.51 12.92
CA THR C 301 -0.07 38.61 14.21
C THR C 301 0.92 38.21 15.32
N ALA C 302 0.92 38.93 16.42
CA ALA C 302 1.69 38.48 17.58
C ALA C 302 1.06 37.18 18.11
N ILE C 303 1.90 36.28 18.56
CA ILE C 303 1.45 35.05 19.17
C ILE C 303 0.95 35.42 20.55
N SER C 304 -0.22 34.91 20.93
CA SER C 304 -0.78 35.13 22.27
C SER C 304 -0.51 33.97 23.21
N LYS C 305 -0.56 32.77 22.66
CA LYS C 305 -0.18 31.55 23.37
C LYS C 305 0.66 30.75 22.36
N GLU C 306 1.87 30.35 22.75
CA GLU C 306 2.67 29.35 21.98
C GLU C 306 2.00 27.95 22.16
N PRO C 307 1.66 27.21 21.07
CA PRO C 307 1.05 25.87 21.26
C PRO C 307 1.79 25.02 22.26
N SER C 308 1.04 24.28 23.09
CA SER C 308 1.66 23.39 24.08
C SER C 308 2.45 22.30 23.33
N VAL C 309 1.80 21.67 22.36
CA VAL C 309 2.38 20.64 21.47
C VAL C 309 2.46 21.17 20.02
N LYS C 310 3.63 21.01 19.38
CA LYS C 310 3.90 21.53 18.07
C LYS C 310 4.32 20.41 17.07
N MET C 311 4.14 20.71 15.78
CA MET C 311 4.84 19.97 14.67
C MET C 311 5.40 21.01 13.73
N TYR C 312 6.24 20.56 12.80
CA TYR C 312 6.86 21.49 11.89
C TYR C 312 7.00 20.88 10.52
N HIS C 313 6.98 21.73 9.50
CA HIS C 313 7.27 21.25 8.15
C HIS C 313 7.92 22.29 7.30
N LYS C 314 8.40 21.83 6.14
CA LYS C 314 8.94 22.75 5.11
C LYS C 314 8.90 22.05 3.77
N THR C 315 8.49 22.82 2.77
CA THR C 315 8.51 22.35 1.37
C THR C 315 9.74 22.96 0.69
N GLY C 316 10.13 22.34 -0.41
CA GLY C 316 11.30 22.83 -1.19
C GLY C 316 11.08 22.43 -2.62
N SER C 317 11.37 23.34 -3.54
CA SER C 317 11.30 23.02 -4.94
C SER C 317 12.40 23.76 -5.65
C SER C 317 12.40 23.76 -5.65
N THR C 318 13.01 23.11 -6.64
CA THR C 318 13.81 23.84 -7.65
C THR C 318 13.15 23.49 -8.99
N SER C 319 13.72 23.92 -10.12
CA SER C 319 13.13 23.65 -11.41
C SER C 319 12.89 22.12 -11.61
N GLY C 320 13.78 21.31 -11.08
CA GLY C 320 13.71 19.85 -11.34
C GLY C 320 13.49 18.94 -10.17
N PHE C 321 13.28 19.52 -8.99
CA PHE C 321 13.26 18.71 -7.74
C PHE C 321 12.13 19.19 -6.79
N GLY C 322 11.59 18.21 -6.07
CA GLY C 322 10.66 18.43 -4.99
C GLY C 322 11.17 17.79 -3.73
N THR C 323 10.86 18.48 -2.64
CA THR C 323 11.29 18.10 -1.32
C THR C 323 10.11 18.39 -0.34
N TYR C 324 10.04 17.56 0.66
CA TYR C 324 9.15 17.83 1.83
C TYR C 324 9.75 17.14 3.01
N VAL C 325 9.83 17.91 4.08
CA VAL C 325 10.28 17.42 5.37
C VAL C 325 9.29 17.83 6.47
N VAL C 326 9.06 16.89 7.38
CA VAL C 326 8.06 17.09 8.47
C VAL C 326 8.51 16.33 9.68
N PHE C 327 8.28 16.89 10.86
CA PHE C 327 8.49 16.08 12.08
C PHE C 327 7.58 16.54 13.24
N ILE C 328 7.35 15.59 14.13
CA ILE C 328 6.46 15.76 15.29
C ILE C 328 7.16 15.33 16.62
N PRO C 329 7.71 16.27 17.39
CA PRO C 329 8.53 15.87 18.54
C PRO C 329 7.80 14.93 19.54
N LYS C 330 6.56 15.29 19.85
CA LYS C 330 5.63 14.47 20.65
C LYS C 330 5.66 12.96 20.28
N GLU C 331 5.55 12.65 18.98
CA GLU C 331 5.50 11.26 18.49
C GLU C 331 6.90 10.64 18.19
N ASN C 332 7.98 11.42 18.26
CA ASN C 332 9.38 10.96 17.98
C ASN C 332 9.53 10.43 16.51
N ILE C 333 8.90 11.14 15.59
CA ILE C 333 8.73 10.68 14.19
C ILE C 333 8.94 11.82 13.17
N GLY C 334 9.46 11.48 11.97
CA GLY C 334 9.57 12.51 10.98
C GLY C 334 9.68 11.80 9.66
N LEU C 335 9.55 12.59 8.60
CA LEU C 335 9.62 12.04 7.25
C LEU C 335 10.28 12.99 6.28
N VAL C 336 11.01 12.42 5.32
CA VAL C 336 11.66 13.15 4.23
C VAL C 336 11.27 12.48 2.88
N MET C 337 10.80 13.32 1.97
CA MET C 337 10.51 12.97 0.60
C MET C 337 11.39 13.84 -0.31
N LEU C 338 12.14 13.17 -1.20
CA LEU C 338 13.01 13.81 -2.24
C LEU C 338 12.61 13.23 -3.58
N THR C 339 12.34 14.11 -4.52
CA THR C 339 12.02 13.70 -5.88
C THR C 339 12.89 14.50 -6.84
N ASN C 340 13.29 13.87 -7.94
CA ASN C 340 13.88 14.62 -9.04
C ASN C 340 12.92 15.00 -10.15
N LYS C 341 11.69 15.36 -9.75
CA LYS C 341 10.79 16.09 -10.58
C LYS C 341 9.81 16.76 -9.59
N ARG C 342 9.50 18.00 -9.84
CA ARG C 342 8.43 18.71 -9.03
C ARG C 342 7.15 17.95 -9.11
N ILE C 343 6.52 17.76 -7.96
CA ILE C 343 5.13 17.34 -7.87
C ILE C 343 4.38 18.32 -6.95
N PRO C 344 3.07 18.45 -7.12
CA PRO C 344 2.34 19.48 -6.30
C PRO C 344 2.61 19.37 -4.79
N ASN C 345 2.83 20.50 -4.10
CA ASN C 345 2.94 20.47 -2.60
C ASN C 345 1.83 19.66 -1.95
N GLU C 346 0.57 19.92 -2.37
CA GLU C 346 -0.60 19.17 -1.81
C GLU C 346 -0.33 17.71 -1.82
N GLU C 347 0.28 17.17 -2.88
CA GLU C 347 0.51 15.72 -2.95
C GLU C 347 1.56 15.21 -2.01
N ARG C 348 2.57 16.05 -1.77
CA ARG C 348 3.65 15.68 -0.85
C ARG C 348 3.08 15.64 0.59
N ILE C 349 2.36 16.71 0.91
CA ILE C 349 1.75 16.95 2.26
C ILE C 349 0.77 15.82 2.56
N LYS C 350 -0.09 15.49 1.58
CA LYS C 350 -1.08 14.39 1.80
C LYS C 350 -0.46 13.05 1.95
N ALA C 351 0.46 12.65 1.06
CA ALA C 351 1.01 11.31 1.19
C ALA C 351 1.76 11.18 2.51
N ALA C 352 2.49 12.23 2.91
CA ALA C 352 3.20 12.19 4.22
C ALA C 352 2.17 12.07 5.38
N TYR C 353 1.20 12.97 5.34
CA TYR C 353 0.12 13.01 6.34
C TYR C 353 -0.49 11.63 6.49
N VAL C 354 -0.91 11.01 5.39
CA VAL C 354 -1.46 9.65 5.47
C VAL C 354 -0.49 8.66 6.10
N VAL C 355 0.80 8.70 5.76
CA VAL C 355 1.77 7.71 6.26
C VAL C 355 2.03 7.92 7.75
N LEU C 356 2.15 9.19 8.17
CA LEU C 356 2.53 9.52 9.57
C LEU C 356 1.34 9.15 10.53
N ASN C 357 0.11 9.53 10.14
CA ASN C 357 -1.14 9.20 10.85
C ASN C 357 -1.61 7.76 10.73
N ALA C 358 -1.07 7.02 9.79
CA ALA C 358 -1.50 5.67 9.60
C ALA C 358 -0.51 4.70 10.13
N ILE C 359 0.71 5.15 10.33
CA ILE C 359 1.70 4.25 10.80
C ILE C 359 1.64 3.95 12.27
N LYS C 360 2.24 2.79 12.52
CA LYS C 360 2.57 2.10 13.76
C LYS C 360 1.77 0.91 14.21
N ASP D 7 -35.26 -13.14 29.69
CA ASP D 7 -34.71 -12.82 31.05
C ASP D 7 -35.25 -13.66 32.19
N GLN D 8 -36.50 -14.10 32.13
CA GLN D 8 -36.97 -15.11 33.10
C GLN D 8 -36.16 -16.43 32.90
N GLU D 9 -35.67 -16.69 31.67
CA GLU D 9 -34.96 -17.96 31.33
C GLU D 9 -33.56 -18.03 32.00
N ILE D 10 -32.87 -16.90 31.86
CA ILE D 10 -31.53 -16.70 32.43
C ILE D 10 -31.57 -16.69 33.98
N LYS D 11 -32.62 -16.09 34.53
CA LYS D 11 -32.79 -16.00 35.97
C LYS D 11 -32.83 -17.42 36.54
N LYS D 12 -33.63 -18.30 35.92
CA LYS D 12 -33.78 -19.65 36.42
C LYS D 12 -32.49 -20.44 36.29
N LEU D 13 -31.69 -20.11 35.26
CA LEU D 13 -30.40 -20.78 35.02
C LEU D 13 -29.40 -20.32 36.11
N VAL D 14 -29.31 -19.02 36.31
CA VAL D 14 -28.42 -18.42 37.32
C VAL D 14 -28.90 -18.89 38.72
N ASP D 15 -30.20 -18.81 38.97
CA ASP D 15 -30.75 -19.42 40.17
C ASP D 15 -30.42 -20.89 40.34
N GLN D 16 -30.45 -21.69 39.27
CA GLN D 16 -30.09 -23.14 39.31
C GLN D 16 -28.58 -23.37 39.64
N ASN D 17 -27.69 -22.61 39.01
CA ASN D 17 -26.26 -22.90 39.05
C ASN D 17 -25.38 -21.98 39.92
N PHE D 18 -25.85 -20.78 40.31
CA PHE D 18 -25.02 -19.85 41.18
C PHE D 18 -25.58 -19.74 42.58
N LYS D 19 -26.86 -19.40 42.68
CA LYS D 19 -27.50 -19.24 43.99
C LYS D 19 -27.18 -20.28 45.05
N PRO D 20 -27.07 -21.60 44.68
CA PRO D 20 -26.80 -22.54 45.76
C PRO D 20 -25.38 -22.39 46.34
N LEU D 21 -24.49 -21.72 45.61
CA LEU D 21 -23.12 -21.41 46.06
C LEU D 21 -23.10 -20.52 47.34
N LEU D 22 -24.14 -19.70 47.50
CA LEU D 22 -24.29 -18.85 48.69
CA LEU D 22 -24.26 -18.84 48.68
C LEU D 22 -24.42 -19.68 49.97
N GLU D 23 -25.38 -20.64 50.02
CA GLU D 23 -25.50 -21.48 51.26
C GLU D 23 -24.36 -22.41 51.36
N LYS D 24 -23.90 -22.90 50.23
CA LYS D 24 -22.83 -23.87 50.25
C LYS D 24 -21.59 -23.28 50.87
N TYR D 25 -21.24 -22.05 50.47
CA TYR D 25 -20.01 -21.43 51.02
C TYR D 25 -20.24 -20.34 52.07
N ASP D 26 -21.49 -20.11 52.46
CA ASP D 26 -21.86 -19.13 53.47
C ASP D 26 -21.42 -17.73 52.98
N VAL D 27 -21.80 -17.45 51.77
CA VAL D 27 -21.43 -16.19 51.12
C VAL D 27 -22.56 -15.23 51.34
N PRO D 28 -22.28 -14.04 51.92
CA PRO D 28 -23.35 -13.07 52.12
C PRO D 28 -24.01 -12.48 50.89
N GLY D 29 -23.25 -12.12 49.87
CA GLY D 29 -23.78 -11.50 48.70
C GLY D 29 -23.12 -11.82 47.37
N MET D 30 -23.88 -11.68 46.27
CA MET D 30 -23.43 -12.08 44.94
CA MET D 30 -23.40 -12.01 44.93
C MET D 30 -24.14 -11.25 43.90
N ALA D 31 -23.43 -10.84 42.85
CA ALA D 31 -24.04 -10.24 41.66
C ALA D 31 -23.59 -11.12 40.46
N VAL D 32 -24.55 -11.65 39.71
CA VAL D 32 -24.26 -12.31 38.44
C VAL D 32 -24.94 -11.59 37.32
N GLY D 33 -24.14 -11.34 36.28
CA GLY D 33 -24.56 -10.63 35.11
C GLY D 33 -24.30 -11.43 33.86
N VAL D 34 -25.24 -11.39 32.91
CA VAL D 34 -25.06 -12.02 31.59
C VAL D 34 -25.28 -10.96 30.55
N ILE D 35 -24.43 -10.98 29.54
CA ILE D 35 -24.61 -10.13 28.38
C ILE D 35 -24.71 -11.07 27.13
N GLN D 36 -25.67 -10.76 26.23
CA GLN D 36 -25.90 -11.50 24.96
C GLN D 36 -26.37 -10.48 23.91
N ASN D 37 -25.57 -10.25 22.86
CA ASN D 37 -25.87 -9.27 21.78
C ASN D 37 -26.52 -7.99 22.31
N ASN D 38 -25.77 -7.23 23.09
CA ASN D 38 -26.21 -5.89 23.59
C ASN D 38 -27.37 -5.88 24.64
N LYS D 39 -27.99 -7.02 24.95
CA LYS D 39 -28.96 -7.12 26.05
C LYS D 39 -28.30 -7.63 27.39
N LYS D 40 -28.48 -6.89 28.51
CA LYS D 40 -27.81 -7.21 29.77
C LYS D 40 -28.81 -7.75 30.79
N TYR D 41 -28.39 -8.78 31.53
CA TYR D 41 -29.21 -9.47 32.51
C TYR D 41 -28.50 -9.45 33.87
N GLU D 42 -29.07 -8.72 34.82
CA GLU D 42 -28.43 -8.51 36.11
C GLU D 42 -29.21 -9.24 37.15
N MET D 43 -28.55 -10.14 37.87
CA MET D 43 -29.13 -10.79 39.02
C MET D 43 -28.35 -10.58 40.33
N TYR D 44 -29.09 -10.30 41.40
CA TYR D 44 -28.52 -9.90 42.71
C TYR D 44 -29.04 -10.78 43.83
N TYR D 45 -28.12 -11.28 44.66
CA TYR D 45 -28.50 -12.08 45.83
C TYR D 45 -27.91 -11.52 47.11
N GLY D 46 -28.68 -11.55 48.18
CA GLY D 46 -28.12 -11.41 49.51
C GLY D 46 -27.65 -9.97 49.69
N LEU D 47 -26.57 -9.84 50.43
CA LEU D 47 -26.27 -8.62 51.16
C LEU D 47 -24.85 -8.16 50.79
N GLN D 48 -24.74 -6.86 50.52
CA GLN D 48 -23.50 -6.10 50.36
C GLN D 48 -22.79 -5.84 51.69
N SER D 49 -23.55 -5.68 52.75
CA SER D 49 -23.13 -5.43 54.13
C SER D 49 -24.13 -6.02 55.09
N VAL D 50 -23.69 -7.02 55.80
CA VAL D 50 -24.49 -7.66 56.78
C VAL D 50 -24.87 -6.65 57.87
N GLN D 51 -23.90 -5.93 58.44
CA GLN D 51 -24.09 -5.01 59.60
C GLN D 51 -25.04 -3.86 59.27
N ASP D 52 -24.87 -3.31 58.05
CA ASP D 52 -25.67 -2.17 57.53
C ASP D 52 -27.02 -2.64 56.90
N LYS D 53 -27.28 -3.95 56.89
CA LYS D 53 -28.54 -4.50 56.35
C LYS D 53 -28.78 -3.99 54.90
N LYS D 54 -27.71 -4.04 54.10
CA LYS D 54 -27.73 -3.51 52.71
C LYS D 54 -27.69 -4.67 51.74
N ALA D 55 -28.76 -4.77 50.92
CA ALA D 55 -28.83 -5.78 49.83
C ALA D 55 -27.92 -5.39 48.67
N VAL D 56 -27.28 -6.38 48.08
CA VAL D 56 -26.59 -6.22 46.83
C VAL D 56 -27.53 -5.81 45.76
N ASN D 57 -27.08 -4.87 44.95
CA ASN D 57 -27.86 -4.20 43.97
C ASN D 57 -26.92 -3.63 42.94
N SER D 58 -27.49 -3.01 41.95
CA SER D 58 -26.70 -2.39 40.87
C SER D 58 -25.72 -1.30 41.22
N ASN D 59 -25.85 -0.65 42.37
CA ASN D 59 -24.79 0.28 42.76
C ASN D 59 -23.69 -0.39 43.58
N THR D 60 -23.84 -1.66 43.97
CA THR D 60 -22.85 -2.31 44.84
C THR D 60 -21.46 -2.40 44.21
N ILE D 61 -20.45 -1.88 44.87
CA ILE D 61 -19.06 -1.88 44.41
C ILE D 61 -18.34 -3.09 45.09
N PHE D 62 -17.68 -3.88 44.25
CA PHE D 62 -16.99 -5.11 44.67
C PHE D 62 -15.51 -4.98 44.32
N GLU D 63 -14.66 -5.60 45.11
CA GLU D 63 -13.24 -5.72 44.75
C GLU D 63 -13.01 -6.78 43.65
N LEU D 64 -12.32 -6.38 42.60
CA LEU D 64 -12.11 -7.28 41.47
C LEU D 64 -10.93 -8.21 41.61
N GLY D 65 -10.02 -7.90 42.55
CA GLY D 65 -8.78 -8.69 42.67
C GLY D 65 -8.03 -8.67 41.36
N SER D 66 -7.55 -9.85 40.94
CA SER D 66 -6.74 -9.98 39.74
C SER D 66 -7.50 -9.64 38.47
N VAL D 67 -8.83 -9.54 38.50
CA VAL D 67 -9.50 -9.03 37.31
C VAL D 67 -9.04 -7.59 37.04
N SER D 68 -8.50 -6.90 38.07
CA SER D 68 -7.89 -5.57 37.90
C SER D 68 -6.80 -5.59 36.86
N LYS D 69 -6.14 -6.74 36.72
CA LYS D 69 -5.04 -6.87 35.76
C LYS D 69 -5.53 -6.63 34.33
N LEU D 70 -6.82 -6.87 34.09
CA LEU D 70 -7.43 -6.63 32.76
C LEU D 70 -7.44 -5.12 32.44
N PHE D 71 -7.68 -4.29 33.47
CA PHE D 71 -7.64 -2.87 33.29
C PHE D 71 -6.24 -2.40 33.09
N THR D 72 -5.26 -2.97 33.83
CA THR D 72 -3.86 -2.59 33.68
C THR D 72 -3.37 -2.93 32.24
N ALA D 73 -3.82 -4.08 31.76
CA ALA D 73 -3.51 -4.50 30.38
C ALA D 73 -4.10 -3.55 29.38
N THR D 74 -5.39 -3.22 29.53
CA THR D 74 -6.06 -2.27 28.64
C THR D 74 -5.30 -0.94 28.67
N ALA D 75 -4.85 -0.47 29.84
CA ALA D 75 -4.11 0.80 29.93
C ALA D 75 -2.76 0.70 29.23
N GLY D 76 -2.11 -0.47 29.32
CA GLY D 76 -0.87 -0.72 28.56
C GLY D 76 -1.20 -0.77 27.07
N GLY D 77 -2.33 -1.38 26.73
CA GLY D 77 -2.79 -1.42 25.34
C GLY D 77 -2.96 -0.02 24.76
N TYR D 78 -3.60 0.87 25.55
CA TYR D 78 -3.84 2.24 25.15
C TYR D 78 -2.55 3.01 24.98
N ALA D 79 -1.63 2.88 25.93
CA ALA D 79 -0.40 3.68 25.90
C ALA D 79 0.57 3.26 24.75
N LYS D 80 0.64 1.96 24.47
CA LYS D 80 1.40 1.42 23.31
C LYS D 80 0.86 2.01 21.97
N ASN D 81 -0.44 1.85 21.74
CA ASN D 81 -1.04 2.28 20.47
C ASN D 81 -1.07 3.81 20.29
N LYS D 82 -0.83 4.56 21.38
CA LYS D 82 -0.64 6.01 21.30
C LYS D 82 0.83 6.39 21.27
N GLY D 83 1.73 5.42 21.29
CA GLY D 83 3.18 5.71 21.14
C GLY D 83 3.90 6.10 22.42
N LYS D 84 3.24 5.99 23.58
CA LYS D 84 3.87 6.41 24.87
C LYS D 84 4.86 5.35 25.36
N ILE D 85 4.59 4.11 24.98
CA ILE D 85 5.48 2.98 25.25
C ILE D 85 5.61 2.12 24.03
N SER D 86 6.77 1.46 23.97
CA SER D 86 6.94 0.24 23.19
C SER D 86 7.04 -0.99 24.13
N PHE D 87 6.36 -2.06 23.76
CA PHE D 87 6.47 -3.37 24.39
C PHE D 87 7.89 -3.92 24.39
N ASP D 88 8.76 -3.47 23.48
CA ASP D 88 10.16 -3.91 23.51
CA ASP D 88 10.17 -3.87 23.49
C ASP D 88 11.04 -3.06 24.42
N ASP D 89 10.51 -1.94 24.91
CA ASP D 89 11.21 -1.09 25.87
C ASP D 89 11.45 -1.83 27.17
N THR D 90 12.40 -1.34 27.92
CA THR D 90 12.66 -1.85 29.25
C THR D 90 12.25 -0.79 30.28
N PRO D 91 12.13 -1.19 31.57
CA PRO D 91 11.58 -0.23 32.54
C PRO D 91 12.41 1.04 32.80
N GLY D 92 13.73 0.91 32.74
CA GLY D 92 14.68 2.01 33.02
C GLY D 92 14.59 3.22 32.11
N LYS D 93 13.96 3.04 30.95
CA LYS D 93 13.64 4.11 30.03
C LYS D 93 12.64 5.10 30.63
N TYR D 94 11.69 4.56 31.39
CA TYR D 94 10.64 5.34 31.99
C TYR D 94 10.92 5.62 33.45
N TRP D 95 11.33 4.62 34.22
CA TRP D 95 11.68 4.84 35.61
C TRP D 95 13.22 4.97 35.67
N LYS D 96 13.70 6.21 35.49
CA LYS D 96 15.13 6.61 35.44
C LYS D 96 16.01 5.83 36.39
N GLU D 97 15.54 5.69 37.61
CA GLU D 97 16.37 5.08 38.68
C GLU D 97 16.64 3.58 38.49
N LEU D 98 15.97 2.95 37.51
CA LEU D 98 16.24 1.58 37.10
C LEU D 98 17.04 1.48 35.78
N LYS D 99 17.46 2.60 35.17
CA LYS D 99 18.29 2.58 33.94
C LYS D 99 19.54 1.78 34.25
N ASN D 100 19.86 0.85 33.36
CA ASN D 100 21.06 -0.01 33.49
C ASN D 100 21.15 -0.93 34.69
N THR D 101 20.00 -1.23 35.35
CA THR D 101 20.00 -2.26 36.39
C THR D 101 19.71 -3.59 35.69
N PRO D 102 19.92 -4.71 36.39
CA PRO D 102 19.55 -6.00 35.78
C PRO D 102 18.09 -6.09 35.32
N ILE D 103 17.16 -5.49 36.08
CA ILE D 103 15.74 -5.57 35.78
C ILE D 103 15.51 -4.78 34.47
N ASP D 104 16.42 -3.86 34.14
CA ASP D 104 16.34 -3.11 32.87
C ASP D 104 16.68 -3.91 31.60
N GLN D 105 16.96 -5.21 31.75
CA GLN D 105 17.14 -6.09 30.62
C GLN D 105 15.88 -6.87 30.35
N VAL D 106 14.85 -6.65 31.18
CA VAL D 106 13.55 -7.27 30.94
C VAL D 106 12.68 -6.27 30.20
N ASN D 107 11.90 -6.73 29.22
CA ASN D 107 11.09 -5.79 28.49
C ASN D 107 9.67 -5.69 29.05
N LEU D 108 8.93 -4.71 28.57
CA LEU D 108 7.62 -4.41 29.15
C LEU D 108 6.62 -5.52 28.93
N LEU D 109 6.66 -6.20 27.77
CA LEU D 109 5.78 -7.35 27.49
C LEU D 109 6.00 -8.52 28.43
N GLN D 110 7.27 -8.77 28.65
CA GLN D 110 7.72 -9.77 29.58
C GLN D 110 7.24 -9.47 31.02
N LEU D 111 7.26 -8.19 31.42
CA LEU D 111 6.69 -7.78 32.72
C LEU D 111 5.19 -8.05 32.75
N ALA D 112 4.46 -7.62 31.70
CA ALA D 112 3.00 -7.77 31.61
C ALA D 112 2.59 -9.20 31.65
N THR D 113 3.45 -10.06 31.08
CA THR D 113 3.08 -11.48 30.92
C THR D 113 3.87 -12.48 31.76
N TYR D 114 4.52 -11.96 32.80
CA TYR D 114 4.96 -12.80 33.91
C TYR D 114 6.25 -13.69 33.62
N THR D 115 7.07 -13.26 32.66
CA THR D 115 8.27 -14.04 32.20
C THR D 115 9.63 -13.43 32.45
N SER D 116 9.74 -12.44 33.34
CA SER D 116 11.03 -11.97 33.82
C SER D 116 12.06 -13.06 34.29
N GLY D 117 11.56 -14.17 34.80
CA GLY D 117 12.40 -15.26 35.23
C GLY D 117 12.70 -15.29 36.69
N ASN D 118 12.25 -14.29 37.48
CA ASN D 118 12.51 -14.22 38.91
C ASN D 118 11.62 -13.19 39.64
N LEU D 119 10.33 -13.32 39.45
CA LEU D 119 9.34 -12.54 40.20
C LEU D 119 8.23 -13.51 40.57
N ALA D 120 8.03 -13.60 41.87
CA ALA D 120 7.03 -14.47 42.52
C ALA D 120 5.62 -13.82 42.56
N LEU D 121 4.65 -14.54 43.14
CA LEU D 121 3.31 -14.06 43.19
C LEU D 121 3.21 -12.69 43.90
N GLN D 122 3.85 -12.59 45.07
CA GLN D 122 3.85 -11.36 45.89
C GLN D 122 5.24 -10.79 46.00
N PHE D 123 5.33 -9.49 46.25
CA PHE D 123 6.58 -8.94 46.82
C PHE D 123 6.89 -9.62 48.17
N PRO D 124 8.17 -9.65 48.56
CA PRO D 124 8.44 -10.09 49.93
C PRO D 124 7.80 -9.11 50.96
N ASP D 125 7.45 -9.64 52.14
CA ASP D 125 6.71 -8.89 53.17
C ASP D 125 7.38 -7.58 53.61
N GLU D 126 8.72 -7.54 53.58
CA GLU D 126 9.51 -6.34 53.86
C GLU D 126 9.20 -5.18 52.94
N VAL D 127 8.78 -5.47 51.71
CA VAL D 127 8.54 -4.39 50.73
C VAL D 127 7.14 -3.78 50.92
N GLN D 128 7.07 -2.53 51.35
CA GLN D 128 5.80 -1.82 51.56
C GLN D 128 5.77 -0.46 50.87
N THR D 129 6.76 0.40 51.14
CA THR D 129 6.70 1.80 50.70
C THR D 129 7.24 1.95 49.33
N ASP D 130 7.12 3.14 48.77
CA ASP D 130 7.55 3.35 47.41
C ASP D 130 9.07 3.23 47.26
N GLN D 131 9.79 3.83 48.22
CA GLN D 131 11.24 3.79 48.26
C GLN D 131 11.68 2.30 48.34
N GLN D 132 10.99 1.52 49.15
CA GLN D 132 11.30 0.12 49.30
C GLN D 132 11.04 -0.76 48.05
N VAL D 133 9.97 -0.43 47.33
CA VAL D 133 9.68 -1.05 45.99
C VAL D 133 10.83 -0.74 45.01
N LEU D 134 11.28 0.52 45.00
CA LEU D 134 12.41 0.91 44.16
C LEU D 134 13.68 0.14 44.52
N THR D 135 13.98 0.03 45.81
CA THR D 135 15.13 -0.72 46.28
C THR D 135 15.05 -2.18 45.89
N PHE D 136 13.88 -2.78 46.08
CA PHE D 136 13.65 -4.14 45.58
C PHE D 136 13.98 -4.30 44.10
N PHE D 137 13.53 -3.41 43.23
CA PHE D 137 13.86 -3.58 41.81
C PHE D 137 15.29 -3.18 41.43
N LYS D 138 15.90 -2.29 42.20
CA LYS D 138 17.33 -1.97 42.00
C LYS D 138 18.20 -3.17 42.32
N ASP D 139 17.86 -3.87 43.41
CA ASP D 139 18.59 -5.04 43.91
C ASP D 139 18.25 -6.36 43.22
N TRP D 140 17.29 -6.33 42.30
CA TRP D 140 16.83 -7.54 41.56
C TRP D 140 17.98 -8.02 40.67
N LYS D 141 18.07 -9.34 40.52
CA LYS D 141 18.93 -10.00 39.53
C LYS D 141 18.18 -11.21 38.94
N PRO D 142 18.54 -11.63 37.70
CA PRO D 142 17.84 -12.74 37.04
C PRO D 142 18.12 -14.11 37.64
N LYS D 143 17.20 -15.03 37.41
CA LYS D 143 17.39 -16.44 37.75
C LYS D 143 17.16 -17.20 36.44
N ASN D 144 15.91 -17.43 36.05
CA ASN D 144 15.58 -18.23 34.85
C ASN D 144 15.78 -17.38 33.59
N PRO D 145 15.99 -18.03 32.44
CA PRO D 145 16.33 -17.17 31.29
C PRO D 145 15.14 -16.30 30.98
N ILE D 146 15.42 -15.03 30.72
CA ILE D 146 14.38 -14.02 30.65
C ILE D 146 13.50 -14.33 29.43
N GLY D 147 12.18 -14.43 29.63
CA GLY D 147 11.21 -14.62 28.55
C GLY D 147 10.74 -16.06 28.41
N GLU D 148 11.41 -17.01 29.08
CA GLU D 148 11.20 -18.45 28.85
C GLU D 148 10.24 -19.10 29.82
N TYR D 149 10.11 -18.55 31.03
CA TYR D 149 9.28 -19.14 32.08
C TYR D 149 8.22 -18.15 32.57
N ARG D 150 6.97 -18.60 32.54
CA ARG D 150 5.84 -17.88 33.08
C ARG D 150 5.73 -18.16 34.58
N GLN D 151 5.91 -17.13 35.39
CA GLN D 151 5.42 -17.30 36.76
C GLN D 151 4.48 -16.18 37.14
N TYR D 152 3.25 -16.56 37.49
CA TYR D 152 2.17 -15.57 37.68
C TYR D 152 2.60 -14.61 38.79
N SER D 153 2.52 -13.30 38.55
CA SER D 153 3.18 -12.36 39.48
C SER D 153 2.55 -10.96 39.59
N ASN D 154 2.16 -10.58 40.81
CA ASN D 154 1.72 -9.20 41.06
C ASN D 154 2.81 -8.17 40.91
N PRO D 155 4.04 -8.44 41.42
CA PRO D 155 5.02 -7.38 41.19
C PRO D 155 5.39 -7.26 39.74
N SER D 156 5.30 -8.34 38.97
CA SER D 156 5.62 -8.24 37.56
C SER D 156 4.74 -7.25 36.80
N ILE D 157 3.44 -7.49 36.82
CA ILE D 157 2.51 -6.62 36.13
C ILE D 157 2.31 -5.32 36.92
N GLY D 158 2.50 -5.35 38.25
CA GLY D 158 2.67 -4.08 39.04
C GLY D 158 3.70 -3.12 38.46
N LEU D 159 4.93 -3.63 38.22
CA LEU D 159 5.96 -2.81 37.59
C LEU D 159 5.53 -2.37 36.20
N PHE D 160 4.93 -3.27 35.43
CA PHE D 160 4.40 -2.90 34.11
C PHE D 160 3.45 -1.68 34.26
N GLY D 161 2.48 -1.78 35.16
CA GLY D 161 1.54 -0.70 35.35
C GLY D 161 2.19 0.62 35.80
N LYS D 162 3.19 0.54 36.67
CA LYS D 162 3.91 1.75 37.06
C LYS D 162 4.59 2.41 35.88
N VAL D 163 5.17 1.59 35.01
CA VAL D 163 5.79 2.11 33.79
C VAL D 163 4.72 2.72 32.87
N VAL D 164 3.55 2.10 32.72
CA VAL D 164 2.48 2.67 31.84
C VAL D 164 2.14 4.08 32.40
N ALA D 165 2.01 4.17 33.75
CA ALA D 165 1.79 5.46 34.49
C ALA D 165 2.91 6.50 34.26
N LEU D 166 4.17 6.12 34.45
CA LEU D 166 5.27 7.04 34.06
C LEU D 166 5.21 7.51 32.57
N SER D 167 4.87 6.63 31.62
CA SER D 167 4.73 7.04 30.21
C SER D 167 3.61 8.04 29.94
N MET D 168 2.57 8.02 30.77
CA MET D 168 1.47 8.93 30.61
C MET D 168 1.59 10.12 31.55
N ASN D 169 2.71 10.23 32.28
CA ASN D 169 3.01 11.36 33.15
C ASN D 169 1.89 11.67 34.21
N LYS D 170 1.20 10.63 34.68
CA LYS D 170 0.13 10.71 35.69
C LYS D 170 0.31 9.49 36.62
N PRO D 171 -0.02 9.61 37.94
CA PRO D 171 -0.03 8.40 38.80
C PRO D 171 -0.96 7.32 38.24
N PHE D 172 -0.62 6.05 38.45
CA PHE D 172 -1.48 4.99 37.95
C PHE D 172 -2.97 5.15 38.25
N ASP D 173 -3.30 5.57 39.48
CA ASP D 173 -4.71 5.76 39.87
C ASP D 173 -5.45 6.68 38.90
N GLN D 174 -4.76 7.74 38.52
CA GLN D 174 -5.32 8.71 37.60
C GLN D 174 -5.39 8.20 36.14
N VAL D 175 -4.43 7.39 35.72
CA VAL D 175 -4.54 6.74 34.38
C VAL D 175 -5.88 6.03 34.27
N LEU D 176 -6.24 5.26 35.31
CA LEU D 176 -7.50 4.54 35.23
C LEU D 176 -8.70 5.48 35.43
N GLU D 177 -8.64 6.34 36.45
CA GLU D 177 -9.86 7.09 36.87
C GLU D 177 -10.18 8.26 35.92
N LYS D 178 -9.14 8.83 35.29
CA LYS D 178 -9.24 9.96 34.36
C LYS D 178 -9.22 9.62 32.90
N THR D 179 -8.62 8.50 32.49
CA THR D 179 -8.52 8.24 31.03
C THR D 179 -9.26 6.95 30.68
N ILE D 180 -8.86 5.83 31.28
CA ILE D 180 -9.27 4.51 30.78
C ILE D 180 -10.70 4.18 31.13
N PHE D 181 -11.08 4.40 32.41
CA PHE D 181 -12.49 4.19 32.78
C PHE D 181 -13.46 5.10 31.95
N PRO D 182 -13.18 6.44 31.84
CA PRO D 182 -13.97 7.35 30.96
C PRO D 182 -14.16 6.80 29.54
N ALA D 183 -13.06 6.49 28.86
CA ALA D 183 -13.07 5.90 27.50
C ALA D 183 -13.89 4.63 27.37
N LEU D 184 -13.99 3.85 28.44
CA LEU D 184 -14.81 2.64 28.42
C LEU D 184 -16.28 2.89 28.82
N GLY D 185 -16.65 4.12 29.14
CA GLY D 185 -18.01 4.43 29.64
C GLY D 185 -18.34 3.77 30.98
N LEU D 186 -17.32 3.71 31.85
CA LEU D 186 -17.51 3.15 33.20
C LEU D 186 -17.67 4.37 34.12
N LYS D 187 -18.80 4.36 34.83
CA LYS D 187 -19.24 5.43 35.74
C LYS D 187 -18.85 5.17 37.24
N HIS D 188 -18.73 3.91 37.62
CA HIS D 188 -18.65 3.56 39.02
C HIS D 188 -17.54 2.54 39.24
N SER D 189 -16.37 2.78 38.61
CA SER D 189 -15.17 1.93 38.74
C SER D 189 -14.06 2.78 39.34
N TYR D 190 -13.37 2.22 40.34
CA TYR D 190 -12.37 2.96 41.14
C TYR D 190 -11.09 2.22 41.44
N VAL D 191 -9.96 2.93 41.48
CA VAL D 191 -8.82 2.47 42.22
C VAL D 191 -9.02 2.85 43.70
N ASN D 192 -9.46 4.10 43.91
CA ASN D 192 -9.71 4.60 45.30
C ASN D 192 -11.18 5.01 45.36
N VAL D 193 -11.98 4.34 46.20
CA VAL D 193 -13.42 4.62 46.29
C VAL D 193 -13.61 5.94 47.04
N PRO D 194 -14.19 6.98 46.38
CA PRO D 194 -14.36 8.31 47.05
C PRO D 194 -15.42 8.31 48.12
N LYS D 195 -15.38 9.29 49.01
CA LYS D 195 -16.26 9.32 50.22
C LYS D 195 -17.74 9.17 49.85
N THR D 196 -18.12 9.77 48.74
CA THR D 196 -19.51 9.72 48.28
C THR D 196 -19.98 8.37 47.77
N GLN D 197 -19.04 7.46 47.51
CA GLN D 197 -19.38 6.09 47.11
C GLN D 197 -19.16 5.05 48.14
N MET D 198 -18.66 5.46 49.30
CA MET D 198 -18.37 4.51 50.36
C MET D 198 -19.58 3.71 50.81
N GLN D 199 -20.76 4.33 50.75
CA GLN D 199 -22.00 3.65 51.11
C GLN D 199 -22.35 2.50 50.14
N ASN D 200 -21.76 2.52 48.93
CA ASN D 200 -21.98 1.47 47.92
C ASN D 200 -20.90 0.38 47.93
N TYR D 201 -19.84 0.60 48.68
CA TYR D 201 -18.69 -0.31 48.75
C TYR D 201 -19.00 -1.45 49.68
N ALA D 202 -19.11 -2.67 49.08
CA ALA D 202 -19.44 -3.82 49.83
C ALA D 202 -18.34 -4.09 50.84
N PHE D 203 -18.70 -4.77 51.92
CA PHE D 203 -17.68 -5.43 52.74
C PHE D 203 -17.41 -6.73 52.11
N GLY D 204 -16.14 -7.13 52.09
CA GLY D 204 -15.83 -8.56 51.89
C GLY D 204 -15.95 -9.30 53.17
N TYR D 205 -16.02 -10.63 53.13
CA TYR D 205 -16.16 -11.44 54.39
C TYR D 205 -15.12 -12.57 54.30
N ASN D 206 -14.39 -12.84 55.38
CA ASN D 206 -13.37 -13.92 55.43
C ASN D 206 -14.03 -15.24 55.82
N GLN D 207 -13.24 -16.30 56.13
CA GLN D 207 -13.86 -17.64 56.40
C GLN D 207 -14.64 -17.65 57.68
N GLU D 208 -14.40 -16.69 58.57
CA GLU D 208 -15.14 -16.54 59.84
C GLU D 208 -16.32 -15.56 59.76
N ASN D 209 -16.69 -15.19 58.54
CA ASN D 209 -17.67 -14.12 58.21
C ASN D 209 -17.53 -12.81 59.02
N GLN D 210 -16.30 -12.37 59.11
CA GLN D 210 -15.96 -11.09 59.62
C GLN D 210 -15.73 -10.19 58.40
N PRO D 211 -16.13 -8.94 58.51
CA PRO D 211 -15.86 -8.05 57.40
C PRO D 211 -14.39 -7.76 57.20
N ILE D 212 -14.06 -7.54 55.94
CA ILE D 212 -12.74 -7.31 55.52
C ILE D 212 -12.76 -6.58 54.20
N ARG D 213 -11.70 -5.83 53.95
CA ARG D 213 -11.42 -5.29 52.67
C ARG D 213 -9.92 -5.40 52.45
N VAL D 214 -9.52 -5.10 51.21
CA VAL D 214 -8.19 -5.31 50.75
C VAL D 214 -7.25 -4.36 51.49
N ASN D 215 -6.06 -4.82 51.85
CA ASN D 215 -5.07 -3.93 52.52
C ASN D 215 -4.20 -3.22 51.51
N PRO D 216 -3.92 -1.90 51.72
CA PRO D 216 -2.90 -1.25 50.88
C PRO D 216 -1.61 -2.09 50.83
N GLY D 217 -0.98 -2.07 49.69
CA GLY D 217 0.21 -2.83 49.50
C GLY D 217 1.05 -2.31 48.37
N PRO D 218 2.26 -2.84 48.24
CA PRO D 218 3.18 -2.28 47.25
C PRO D 218 2.66 -2.55 45.84
N LEU D 219 2.65 -1.53 45.00
CA LEU D 219 2.04 -1.57 43.62
C LEU D 219 0.72 -2.36 43.52
N ASP D 220 -0.14 -2.12 44.51
CA ASP D 220 -1.38 -2.89 44.63
C ASP D 220 -2.36 -2.62 43.47
N ALA D 221 -2.50 -1.36 43.09
CA ALA D 221 -3.53 -0.91 42.14
C ALA D 221 -3.51 -1.63 40.76
N PRO D 222 -2.33 -1.64 40.09
CA PRO D 222 -2.23 -2.37 38.81
C PRO D 222 -2.40 -3.88 38.93
N ALA D 223 -2.18 -4.44 40.13
CA ALA D 223 -2.16 -5.93 40.22
C ALA D 223 -3.52 -6.47 40.70
N TYR D 224 -4.18 -5.76 41.62
CA TYR D 224 -5.40 -6.30 42.23
C TYR D 224 -6.24 -5.24 42.90
N GLY D 225 -6.11 -3.99 42.48
CA GLY D 225 -6.62 -2.89 43.31
C GLY D 225 -7.85 -2.17 42.83
N VAL D 226 -8.49 -2.69 41.79
CA VAL D 226 -9.72 -2.06 41.22
C VAL D 226 -10.99 -2.57 41.88
N LYS D 227 -11.95 -1.66 42.05
CA LYS D 227 -13.28 -1.98 42.56
C LYS D 227 -14.32 -1.50 41.52
N SER D 228 -15.40 -2.26 41.35
CA SER D 228 -16.40 -1.99 40.29
C SER D 228 -17.78 -2.56 40.57
N THR D 229 -18.77 -2.13 39.79
CA THR D 229 -20.14 -2.62 39.96
C THR D 229 -20.45 -3.62 38.86
N LEU D 230 -21.54 -4.34 39.03
CA LEU D 230 -21.94 -5.33 38.03
C LEU D 230 -22.28 -4.66 36.72
N PRO D 231 -22.95 -3.47 36.75
CA PRO D 231 -23.19 -2.87 35.42
C PRO D 231 -21.94 -2.37 34.72
N ASP D 232 -21.01 -1.74 35.44
CA ASP D 232 -19.74 -1.33 34.82
C ASP D 232 -18.94 -2.53 34.28
N MET D 233 -19.03 -3.69 34.94
CA MET D 233 -18.32 -4.89 34.49
C MET D 233 -18.98 -5.51 33.25
N LEU D 234 -20.29 -5.48 33.22
CA LEU D 234 -21.05 -5.89 32.00
C LEU D 234 -20.74 -4.95 30.79
N SER D 235 -20.61 -3.64 31.04
CA SER D 235 -20.19 -2.68 30.02
C SER D 235 -18.78 -2.98 29.55
N PHE D 236 -17.90 -3.35 30.48
CA PHE D 236 -16.51 -3.76 30.16
C PHE D 236 -16.51 -4.98 29.26
N ILE D 237 -17.35 -5.97 29.58
CA ILE D 237 -17.41 -7.15 28.73
C ILE D 237 -18.08 -6.88 27.37
N HIS D 238 -19.13 -6.04 27.34
CA HIS D 238 -19.65 -5.50 26.08
C HIS D 238 -18.50 -4.87 25.29
N ALA D 239 -17.62 -4.11 25.95
CA ALA D 239 -16.53 -3.44 25.21
C ALA D 239 -15.51 -4.41 24.59
N ASN D 240 -15.17 -5.45 25.34
CA ASN D 240 -14.31 -6.55 24.85
C ASN D 240 -14.98 -7.34 23.73
N LEU D 241 -16.29 -7.55 23.85
CA LEU D 241 -17.10 -8.23 22.81
C LEU D 241 -17.25 -7.45 21.49
N ASN D 242 -17.39 -6.11 21.55
CA ASN D 242 -17.65 -5.25 20.35
C ASN D 242 -16.69 -4.05 20.39
N PRO D 243 -15.37 -4.29 20.29
CA PRO D 243 -14.40 -3.17 20.35
C PRO D 243 -14.56 -2.09 19.28
N GLN D 244 -14.94 -2.49 18.08
CA GLN D 244 -15.27 -1.56 16.99
C GLN D 244 -16.26 -0.45 17.45
N LYS D 245 -17.24 -0.79 18.29
CA LYS D 245 -18.24 0.20 18.66
C LYS D 245 -17.63 1.32 19.51
N TYR D 246 -16.31 1.34 19.72
CA TYR D 246 -15.68 2.31 20.62
C TYR D 246 -14.80 3.23 19.84
N PRO D 247 -14.54 4.46 20.38
CA PRO D 247 -13.53 5.37 19.80
C PRO D 247 -12.17 4.69 19.58
N THR D 248 -11.38 5.30 18.67
CA THR D 248 -10.13 4.73 18.20
C THR D 248 -9.14 4.23 19.28
N ASP D 249 -8.67 5.15 20.12
CA ASP D 249 -7.58 4.84 21.09
C ASP D 249 -7.94 3.69 22.06
N ILE D 250 -9.21 3.62 22.49
CA ILE D 250 -9.68 2.51 23.35
C ILE D 250 -10.12 1.19 22.61
N GLN D 251 -10.59 1.30 21.35
CA GLN D 251 -10.81 0.11 20.47
C GLN D 251 -9.49 -0.64 20.26
N ARG D 252 -8.46 0.12 19.94
CA ARG D 252 -7.12 -0.42 19.81
C ARG D 252 -6.64 -1.13 21.10
N ALA D 253 -6.73 -0.41 22.20
CA ALA D 253 -6.35 -0.93 23.50
C ALA D 253 -7.00 -2.27 23.75
N ILE D 254 -8.32 -2.34 23.54
CA ILE D 254 -9.07 -3.57 23.80
C ILE D 254 -8.55 -4.74 22.94
N ASN D 255 -8.43 -4.52 21.65
CA ASN D 255 -7.90 -5.55 20.74
C ASN D 255 -6.49 -6.03 21.10
N GLU D 256 -5.64 -5.09 21.48
CA GLU D 256 -4.31 -5.36 22.02
C GLU D 256 -4.26 -6.40 23.18
N THR D 257 -5.24 -6.31 24.09
CA THR D 257 -5.43 -7.31 25.15
C THR D 257 -5.93 -8.72 24.69
N HIS D 258 -6.42 -8.87 23.46
CA HIS D 258 -6.96 -10.17 22.99
C HIS D 258 -5.96 -11.03 22.19
N GLN D 259 -4.86 -10.42 21.75
CA GLN D 259 -3.72 -11.15 21.11
C GLN D 259 -3.00 -12.12 22.05
N GLY D 260 -3.10 -13.42 21.79
CA GLY D 260 -2.15 -14.39 22.37
C GLY D 260 -0.68 -13.95 22.24
N ARG D 261 0.09 -14.08 23.32
CA ARG D 261 1.51 -13.76 23.34
C ARG D 261 2.39 -15.03 23.40
N TYR D 262 1.90 -16.09 24.05
CA TYR D 262 2.63 -17.38 24.12
C TYR D 262 1.68 -18.43 24.60
N GLN D 263 2.15 -19.67 24.68
CA GLN D 263 1.31 -20.77 25.03
C GLN D 263 1.87 -21.49 26.21
N VAL D 264 0.98 -21.96 27.05
CA VAL D 264 1.34 -22.86 28.11
C VAL D 264 0.27 -23.94 28.08
N ASN D 265 0.54 -24.96 27.26
CA ASN D 265 -0.35 -26.08 27.13
C ASN D 265 -1.64 -25.62 26.40
N THR D 266 -2.83 -25.85 26.97
CA THR D 266 -4.11 -25.37 26.37
C THR D 266 -4.46 -23.91 26.70
N MET D 267 -3.58 -23.22 27.42
CA MET D 267 -3.83 -21.83 27.73
C MET D 267 -2.91 -20.96 26.92
N TYR D 268 -3.47 -19.88 26.42
CA TYR D 268 -2.75 -18.85 25.73
C TYR D 268 -2.74 -17.57 26.59
N GLN D 269 -1.57 -17.10 26.99
CA GLN D 269 -1.43 -15.86 27.74
C GLN D 269 -1.62 -14.67 26.79
N ALA D 270 -2.76 -13.97 26.91
CA ALA D 270 -2.88 -12.65 26.33
C ALA D 270 -2.50 -11.61 27.38
N LEU D 271 -2.70 -10.33 27.07
CA LEU D 271 -2.36 -9.22 27.97
C LEU D 271 -3.52 -9.19 28.97
N GLY D 272 -3.22 -9.60 30.21
CA GLY D 272 -4.26 -9.76 31.22
C GLY D 272 -5.08 -11.02 31.10
N TRP D 273 -5.81 -11.12 29.99
CA TRP D 273 -6.77 -12.21 29.72
C TRP D 273 -6.06 -13.52 29.45
N GLU D 274 -6.67 -14.63 29.91
CA GLU D 274 -6.26 -16.00 29.54
C GLU D 274 -7.15 -16.31 28.35
N GLU D 275 -6.63 -17.10 27.42
CA GLU D 275 -7.25 -17.28 26.07
C GLU D 275 -7.20 -18.77 25.74
N PHE D 276 -8.20 -19.24 25.03
CA PHE D 276 -8.40 -20.67 24.83
C PHE D 276 -9.02 -20.83 23.45
N SER D 277 -8.82 -21.99 22.86
CA SER D 277 -9.58 -22.38 21.69
C SER D 277 -11.05 -22.57 22.08
N TYR D 278 -11.95 -21.95 21.32
CA TYR D 278 -13.38 -22.16 21.52
C TYR D 278 -13.82 -23.20 20.46
N PRO D 279 -14.58 -24.23 20.79
CA PRO D 279 -15.12 -24.52 22.11
C PRO D 279 -14.04 -25.07 23.03
N ALA D 280 -14.13 -24.70 24.32
CA ALA D 280 -13.22 -25.20 25.34
C ALA D 280 -13.98 -26.19 26.15
N THR D 281 -13.35 -27.30 26.56
CA THR D 281 -13.98 -28.17 27.57
C THR D 281 -13.97 -27.49 28.93
N LEU D 282 -14.86 -27.95 29.82
CA LEU D 282 -14.84 -27.48 31.21
C LEU D 282 -13.46 -27.79 31.79
N GLN D 283 -13.01 -29.05 31.65
CA GLN D 283 -11.70 -29.43 32.16
C GLN D 283 -10.55 -28.53 31.73
N THR D 284 -10.54 -28.06 30.50
CA THR D 284 -9.48 -27.14 30.06
C THR D 284 -9.57 -25.81 30.80
N LEU D 285 -10.80 -25.34 31.00
CA LEU D 285 -10.98 -24.08 31.68
C LEU D 285 -10.54 -24.22 33.15
N LEU D 286 -10.91 -25.32 33.81
CA LEU D 286 -10.44 -25.57 35.14
C LEU D 286 -8.89 -25.66 35.24
N ASP D 287 -8.25 -26.37 34.30
CA ASP D 287 -6.76 -26.53 34.29
C ASP D 287 -5.97 -25.24 34.15
N SER D 288 -6.57 -24.23 33.53
CA SER D 288 -5.93 -22.92 33.41
C SER D 288 -5.55 -22.30 34.77
N ASN D 289 -6.28 -22.62 35.86
CA ASN D 289 -6.02 -22.05 37.20
C ASN D 289 -5.68 -23.12 38.23
N SER D 290 -4.95 -24.14 37.76
CA SER D 290 -4.45 -25.21 38.62
C SER D 290 -3.28 -24.66 39.42
N GLU D 291 -3.00 -25.31 40.56
CA GLU D 291 -1.85 -24.99 41.40
C GLU D 291 -0.58 -24.88 40.56
N GLN D 292 -0.38 -25.84 39.63
CA GLN D 292 0.82 -25.83 38.74
C GLN D 292 0.96 -24.54 37.94
N ILE D 293 -0.14 -24.03 37.37
CA ILE D 293 -0.08 -22.86 36.48
C ILE D 293 0.04 -21.56 37.29
N VAL D 294 -0.75 -21.48 38.37
CA VAL D 294 -0.86 -20.21 39.15
C VAL D 294 0.38 -19.96 40.07
N MET D 295 0.97 -21.01 40.63
CA MET D 295 2.01 -20.92 41.68
C MET D 295 3.43 -21.24 41.19
N LYS D 296 3.58 -22.04 40.15
CA LYS D 296 4.92 -22.55 39.78
C LYS D 296 5.38 -21.92 38.48
N PRO D 297 6.72 -21.95 38.21
CA PRO D 297 7.21 -21.53 36.91
C PRO D 297 6.85 -22.61 35.85
N ASN D 298 6.58 -22.16 34.64
CA ASN D 298 6.22 -23.05 33.52
C ASN D 298 6.86 -22.53 32.23
N LYS D 299 7.57 -23.40 31.51
CA LYS D 299 8.23 -22.98 30.27
C LYS D 299 7.16 -22.59 29.26
N VAL D 300 7.42 -21.51 28.55
CA VAL D 300 6.47 -21.00 27.53
C VAL D 300 6.90 -21.44 26.12
N THR D 301 5.89 -21.60 25.27
CA THR D 301 6.03 -21.97 23.86
C THR D 301 5.56 -20.77 23.02
N ALA D 302 6.39 -20.26 22.11
CA ALA D 302 5.89 -19.39 21.04
C ALA D 302 4.70 -20.06 20.33
N ILE D 303 3.83 -19.20 19.82
CA ILE D 303 2.56 -19.65 19.27
C ILE D 303 2.76 -20.00 17.77
N SER D 304 2.34 -21.20 17.38
CA SER D 304 2.63 -21.80 16.06
C SER D 304 1.35 -21.96 15.24
N GLU D 306 -2.80 -18.30 16.62
CA GLU D 306 -3.90 -18.39 17.56
C GLU D 306 -4.82 -19.47 17.03
N PRO D 307 -5.79 -19.92 17.85
CA PRO D 307 -6.86 -20.70 17.23
C PRO D 307 -7.77 -19.79 16.39
N SER D 308 -8.52 -20.42 15.49
CA SER D 308 -9.49 -19.71 14.67
C SER D 308 -10.43 -18.93 15.59
N VAL D 309 -11.08 -19.70 16.47
CA VAL D 309 -12.20 -19.28 17.25
C VAL D 309 -11.75 -19.37 18.74
N LYS D 310 -11.92 -18.26 19.48
CA LYS D 310 -11.33 -18.08 20.81
C LYS D 310 -12.34 -17.69 21.91
N MET D 311 -12.00 -18.00 23.18
CA MET D 311 -12.75 -17.50 24.33
C MET D 311 -11.75 -17.06 25.35
N TYR D 312 -12.20 -16.22 26.30
CA TYR D 312 -11.27 -15.60 27.25
C TYR D 312 -11.83 -15.66 28.66
N HIS D 313 -10.98 -15.79 29.69
CA HIS D 313 -11.50 -15.58 31.03
C HIS D 313 -10.45 -14.96 31.94
N LYS D 314 -10.93 -14.56 33.14
CA LYS D 314 -10.02 -14.21 34.24
C LYS D 314 -10.75 -14.38 35.59
N THR D 315 -10.03 -14.91 36.57
CA THR D 315 -10.44 -15.05 37.93
C THR D 315 -9.84 -13.86 38.69
N GLY D 316 -10.46 -13.56 39.80
CA GLY D 316 -9.95 -12.54 40.72
C GLY D 316 -10.33 -12.91 42.14
N SER D 317 -9.39 -12.70 43.07
CA SER D 317 -9.69 -12.88 44.46
C SER D 317 -8.99 -11.82 45.25
C SER D 317 -8.98 -11.82 45.26
N THR D 318 -9.65 -11.37 46.32
CA THR D 318 -8.99 -10.69 47.44
C THR D 318 -9.31 -11.48 48.68
N SER D 319 -8.87 -10.97 49.83
CA SER D 319 -9.15 -11.70 51.09
C SER D 319 -10.65 -11.92 51.26
N GLY D 320 -11.45 -10.96 50.85
CA GLY D 320 -12.91 -11.01 51.05
C GLY D 320 -13.84 -11.13 49.83
N PHE D 321 -13.29 -11.23 48.63
CA PHE D 321 -14.10 -11.18 47.41
C PHE D 321 -13.67 -12.17 46.33
N GLY D 322 -14.63 -12.60 45.52
CA GLY D 322 -14.30 -13.49 44.39
C GLY D 322 -14.89 -12.90 43.17
N THR D 323 -14.21 -13.07 42.05
CA THR D 323 -14.61 -12.54 40.79
C THR D 323 -14.33 -13.59 39.73
N TYR D 324 -15.16 -13.58 38.69
CA TYR D 324 -14.87 -14.31 37.48
C TYR D 324 -15.54 -13.60 36.31
N VAL D 325 -14.77 -13.43 35.24
CA VAL D 325 -15.21 -12.79 34.04
C VAL D 325 -14.92 -13.77 32.87
N VAL D 326 -15.85 -13.86 31.93
CA VAL D 326 -15.71 -14.81 30.79
C VAL D 326 -16.49 -14.25 29.61
N PHE D 327 -15.86 -14.25 28.44
CA PHE D 327 -16.63 -13.95 27.21
C PHE D 327 -16.18 -14.77 25.98
N ILE D 328 -17.10 -14.84 25.00
CA ILE D 328 -16.96 -15.68 23.80
C ILE D 328 -17.47 -14.81 22.63
N PRO D 329 -16.56 -14.18 21.82
CA PRO D 329 -17.00 -13.26 20.74
C PRO D 329 -17.89 -13.91 19.68
N LYS D 330 -17.51 -15.11 19.25
CA LYS D 330 -18.28 -15.91 18.27
C LYS D 330 -19.75 -16.01 18.64
N GLU D 331 -20.04 -16.29 19.89
CA GLU D 331 -21.41 -16.47 20.35
C GLU D 331 -22.00 -15.18 20.93
N ASN D 332 -21.36 -14.04 20.61
CA ASN D 332 -21.53 -12.73 21.24
C ASN D 332 -22.13 -12.71 22.69
N ILE D 333 -21.50 -13.44 23.61
CA ILE D 333 -22.03 -13.64 24.95
C ILE D 333 -20.94 -13.45 26.03
N GLY D 334 -21.36 -13.04 27.24
CA GLY D 334 -20.42 -12.87 28.37
C GLY D 334 -21.10 -13.06 29.71
N LEU D 335 -20.28 -13.34 30.75
CA LEU D 335 -20.78 -13.52 32.13
C LEU D 335 -19.78 -12.90 33.14
N VAL D 336 -20.31 -12.16 34.12
CA VAL D 336 -19.56 -11.68 35.29
C VAL D 336 -20.16 -12.28 36.58
N MET D 337 -19.29 -12.75 37.48
CA MET D 337 -19.71 -13.21 38.81
C MET D 337 -18.87 -12.38 39.76
N LEU D 338 -19.55 -11.73 40.71
CA LEU D 338 -18.93 -10.98 41.83
C LEU D 338 -19.54 -11.50 43.10
N THR D 339 -18.67 -11.88 44.03
CA THR D 339 -19.07 -12.29 45.37
C THR D 339 -18.27 -11.51 46.40
N ASN D 340 -18.90 -11.27 47.57
CA ASN D 340 -18.19 -10.71 48.71
C ASN D 340 -17.79 -11.73 49.73
N LYS D 341 -17.49 -12.96 49.24
CA LYS D 341 -16.75 -13.97 49.96
C LYS D 341 -16.08 -14.81 48.89
N ARG D 342 -14.81 -15.19 49.09
CA ARG D 342 -14.14 -16.01 48.16
C ARG D 342 -14.84 -17.32 48.06
N ILE D 343 -14.92 -17.86 46.85
CA ILE D 343 -15.33 -19.27 46.67
C ILE D 343 -14.31 -19.90 45.72
N PRO D 344 -14.21 -21.23 45.74
CA PRO D 344 -13.23 -21.85 44.86
C PRO D 344 -13.43 -21.49 43.40
N ASN D 345 -12.32 -21.23 42.72
CA ASN D 345 -12.29 -20.99 41.28
C ASN D 345 -13.12 -22.04 40.48
N GLU D 346 -13.04 -23.32 40.87
CA GLU D 346 -13.71 -24.44 40.13
C GLU D 346 -15.22 -24.19 40.10
N GLU D 347 -15.78 -23.78 41.24
CA GLU D 347 -17.24 -23.51 41.35
C GLU D 347 -17.65 -22.34 40.48
N ARG D 348 -16.78 -21.33 40.37
CA ARG D 348 -17.06 -20.16 39.52
C ARG D 348 -17.09 -20.57 38.06
N ILE D 349 -16.04 -21.26 37.63
CA ILE D 349 -15.79 -21.61 36.24
C ILE D 349 -16.89 -22.63 35.81
N LYS D 350 -17.21 -23.61 36.66
CA LYS D 350 -18.21 -24.65 36.37
C LYS D 350 -19.59 -23.99 36.27
N ALA D 351 -19.98 -23.14 37.23
CA ALA D 351 -21.32 -22.52 37.20
C ALA D 351 -21.54 -21.71 35.93
N ALA D 352 -20.51 -20.98 35.52
CA ALA D 352 -20.60 -20.16 34.34
C ALA D 352 -20.70 -21.00 33.07
N TYR D 353 -19.94 -22.09 33.06
CA TYR D 353 -19.92 -23.00 31.94
C TYR D 353 -21.34 -23.50 31.69
N VAL D 354 -21.93 -24.11 32.70
CA VAL D 354 -23.30 -24.63 32.59
C VAL D 354 -24.21 -23.57 32.06
N VAL D 355 -24.14 -22.40 32.67
CA VAL D 355 -25.08 -21.33 32.37
C VAL D 355 -24.91 -20.83 30.93
N LEU D 356 -23.67 -20.62 30.52
CA LEU D 356 -23.38 -20.14 29.17
C LEU D 356 -23.62 -21.22 28.07
N ASN D 357 -23.44 -22.50 28.37
CA ASN D 357 -23.70 -23.56 27.38
C ASN D 357 -25.17 -24.03 27.34
N ALA D 358 -26.02 -23.47 28.20
CA ALA D 358 -27.48 -23.69 28.16
C ALA D 358 -28.27 -22.51 27.56
N ILE D 359 -27.65 -21.32 27.45
CA ILE D 359 -28.28 -20.14 26.84
C ILE D 359 -28.41 -20.22 25.30
N LYS D 360 -28.92 -19.14 24.71
CA LYS D 360 -29.07 -18.87 23.25
C LYS D 360 -30.48 -19.22 22.81
C1 A1J E . -23.33 19.61 -31.61
C2 A1J E . -24.16 18.49 -31.68
C3 A1J E . -23.62 17.21 -31.99
C4 A1J E . -22.26 17.06 -32.25
C5 A1J E . -21.43 18.18 -32.15
C6 A1J E . -21.95 19.46 -31.89
C7 A1J E . -21.03 20.65 -31.79
O8 A1J E . -21.45 21.84 -31.19
O9 A1J E . -19.85 20.50 -32.18
C13 A1J E . -21.72 15.68 -32.55
S14 A1J E . -22.33 14.98 -33.90
O15 A1J E . -21.95 16.00 -34.88
O16 A1J E . -23.76 14.71 -33.77
N19 A1J E . -21.69 13.56 -34.35
C21 A1J E . -21.98 12.44 -33.49
B22 A1J E . -20.69 11.52 -33.54
O23 A1J E . -20.91 10.53 -34.49
O24 A1J E . -19.43 12.27 -33.35
P1 A1J E . -20.12 10.02 -35.79
O2 A1J E . -18.63 10.16 -35.96
O3 A1J E . -21.02 10.13 -36.98
O4 A1J E . -20.41 8.58 -35.36
C1 A1J F . 5.69 -8.76 -11.23
C2 A1J F . 4.77 -9.78 -11.30
C3 A1J F . 5.16 -11.03 -11.80
C4 A1J F . 6.44 -11.25 -12.28
C5 A1J F . 7.37 -10.22 -12.20
C6 A1J F . 6.98 -8.96 -11.68
C7 A1J F . 7.94 -7.84 -11.62
O8 A1J F . 7.74 -6.71 -11.08
O9 A1J F . 9.12 -8.15 -12.10
C13 A1J F . 6.78 -12.67 -12.79
S14 A1J F . 6.10 -13.04 -14.32
O15 A1J F . 6.43 -12.01 -15.28
O16 A1J F . 4.65 -13.21 -14.10
N19 A1J F . 6.66 -14.47 -14.83
C21 A1J F . 6.30 -15.68 -14.13
B22 A1J F . 7.46 -16.73 -14.43
O23 A1J F . 7.25 -17.72 -15.45
O24 A1J F . 8.84 -16.09 -14.23
P1 A1J F . 7.99 -17.60 -16.83
O2 A1J F . 9.41 -18.02 -17.15
O3 A1J F . 7.01 -18.24 -17.73
O4 A1J F . 8.03 -16.07 -16.97
C1 A1J G . 15.97 29.49 -9.49
C2 A1J G . 15.55 30.46 -8.55
C3 A1J G . 14.92 30.08 -7.39
C4 A1J G . 14.63 28.71 -7.13
C5 A1J G . 15.01 27.76 -8.05
C6 A1J G . 15.66 28.14 -9.24
C7 A1J G . 16.06 27.10 -10.21
O8 A1J G . 15.65 25.96 -10.04
O9 A1J G . 16.86 27.44 -11.22
C13 A1J G . 13.92 28.28 -5.86
S14 A1J G . 12.27 28.61 -5.86
O15 A1J G . 11.60 28.09 -7.00
O16 A1J G . 12.18 30.05 -5.75
N19 A1J G . 11.57 27.95 -4.58
C21 A1J G . 12.06 28.27 -3.26
B22 A1J G . 11.38 27.32 -2.24
O23 A1J G . 10.08 27.72 -1.91
O24 A1J G . 11.57 25.88 -2.62
P1 A1J G . 8.79 26.79 -1.52
O2 A1J G . 8.67 25.27 -1.60
O3 A1J G . 7.62 27.51 -2.21
O4 A1J G . 8.85 27.16 -0.05
C1 A1J H . -3.34 -8.61 49.29
C2 A1J H . -2.43 -8.91 48.27
C3 A1J H . -2.87 -9.50 47.07
C4 A1J H . -4.21 -9.80 46.89
C5 A1J H . -5.13 -9.52 47.90
C6 A1J H . -4.71 -8.94 49.12
C7 A1J H . -5.73 -8.67 50.20
O8 A1J H . -5.38 -7.98 51.32
O9 A1J H . -6.89 -9.11 50.04
C13 A1J H . -4.71 -10.44 45.61
S14 A1J H . -4.07 -11.98 45.36
O15 A1J H . -4.47 -12.83 46.46
O16 A1J H . -2.64 -11.91 45.12
N19 A1J H . -4.61 -12.63 43.99
C21 A1J H . -4.28 -12.05 42.70
B22 A1J H . -5.44 -12.57 41.76
O23 A1J H . -5.11 -13.86 41.33
O24 A1J H . -6.85 -12.39 42.16
P1 A1J H . -6.06 -14.96 40.70
O2 A1J H . -5.27 -16.16 41.16
O3 A1J H . -5.66 -14.50 39.32
O4 A1J H . -7.56 -15.11 40.96
#